data_2N0W
#
_entry.id   2N0W
#
loop_
_entity.id
_entity.type
_entity.pdbx_description
1 polymer 'Protein Mdm4'
2 non-polymer 4-({(4S,5R)-4-(5-bromo-2-fluorophenyl)-5-(4-chlorophenyl)-2-[4-methoxy-2-(propan-2-yloxy)phenyl]-4,5-dihydro-1H-imidazol-1-yl}carbonyl)piperazin-2-one
#
_entity_poly.entity_id   1
_entity_poly.type   'polypeptide(L)'
_entity_poly.pdbx_seq_one_letter_code
;QINQVRPKLPLLKILHAAGAQGEMFTVKEVMHYLGQYIMVKQLYDQQEQHMVYCGGDLLGELLGRQSFSVKDPSPLYDML
RKNLVTLAT
;
_entity_poly.pdbx_strand_id   A
#
loop_
_chem_comp.id
_chem_comp.type
_chem_comp.name
_chem_comp.formula
48L non-polymer 4-({(4S,5R)-4-(5-bromo-2-fluorophenyl)-5-(4-chlorophenyl)-2-[4-methoxy-2-(propan-2-yloxy)phenyl]-4,5-dihydro-1H-imidazol-1-yl}carbonyl)piperazin-2-one 'C30 H29 Br Cl F N4 O4'
#
# COMPACT_ATOMS: atom_id res chain seq x y z
N GLN A 1 -0.44 19.71 7.03
CA GLN A 1 -0.53 19.81 5.57
C GLN A 1 0.50 18.90 4.86
N ILE A 2 0.47 18.91 3.53
CA ILE A 2 1.34 18.10 2.65
C ILE A 2 2.82 18.34 2.96
N ASN A 3 3.59 17.24 3.05
CA ASN A 3 5.04 17.22 3.28
C ASN A 3 5.77 16.40 2.20
N GLN A 4 7.10 16.43 2.22
CA GLN A 4 7.94 15.88 1.17
C GLN A 4 7.93 14.35 1.11
N VAL A 5 7.77 13.85 -0.11
CA VAL A 5 7.81 12.44 -0.52
C VAL A 5 7.98 12.31 -2.04
N ARG A 6 8.33 11.11 -2.54
CA ARG A 6 8.30 10.73 -3.96
C ARG A 6 8.05 9.21 -4.04
N PRO A 7 6.97 8.72 -4.68
CA PRO A 7 6.66 7.31 -4.85
C PRO A 7 7.19 6.75 -6.19
N LYS A 8 6.81 5.50 -6.49
CA LYS A 8 7.02 4.83 -7.80
C LYS A 8 5.69 4.83 -8.58
N LEU A 9 5.73 4.86 -9.91
CA LEU A 9 4.54 4.95 -10.77
C LEU A 9 3.48 3.84 -10.52
N PRO A 10 3.83 2.54 -10.49
CA PRO A 10 2.85 1.48 -10.20
C PRO A 10 2.35 1.45 -8.75
N LEU A 11 2.92 2.25 -7.83
CA LEU A 11 2.45 2.43 -6.46
C LEU A 11 1.57 3.70 -6.37
N LEU A 12 2.00 4.81 -6.96
CA LEU A 12 1.20 6.03 -7.19
C LEU A 12 -0.18 5.67 -7.77
N LYS A 13 -0.25 4.77 -8.75
CA LYS A 13 -1.53 4.31 -9.34
C LYS A 13 -2.46 3.63 -8.33
N ILE A 14 -1.93 2.90 -7.34
CA ILE A 14 -2.72 2.39 -6.19
C ILE A 14 -3.26 3.57 -5.39
N LEU A 15 -2.46 4.63 -5.24
CA LEU A 15 -2.80 5.83 -4.48
C LEU A 15 -3.92 6.65 -5.15
N HIS A 16 -3.85 6.89 -6.47
CA HIS A 16 -4.97 7.46 -7.23
C HIS A 16 -6.23 6.59 -7.10
N ALA A 17 -6.10 5.27 -7.31
CA ALA A 17 -7.23 4.33 -7.28
C ALA A 17 -7.90 4.24 -5.89
N ALA A 18 -7.12 4.39 -4.81
CA ALA A 18 -7.60 4.52 -3.44
C ALA A 18 -8.33 5.85 -3.12
N GLY A 19 -8.36 6.79 -4.06
CA GLY A 19 -9.09 8.08 -3.97
C GLY A 19 -8.22 9.33 -4.16
N ALA A 20 -6.90 9.20 -4.35
CA ALA A 20 -5.99 10.33 -4.50
C ALA A 20 -5.87 10.87 -5.94
N GLN A 21 -4.87 11.73 -6.09
CA GLN A 21 -4.47 12.58 -7.20
C GLN A 21 -3.02 13.08 -6.96
N GLY A 22 -2.28 13.41 -8.01
CA GLY A 22 -0.83 13.69 -7.93
C GLY A 22 -0.03 12.47 -7.49
N GLU A 23 1.23 12.68 -7.10
CA GLU A 23 2.09 11.66 -6.49
C GLU A 23 2.62 12.06 -5.12
N MET A 24 2.11 13.14 -4.54
CA MET A 24 2.74 13.74 -3.35
C MET A 24 1.91 13.51 -2.08
N PHE A 25 2.20 12.40 -1.40
CA PHE A 25 1.58 11.94 -0.14
C PHE A 25 2.60 11.15 0.71
N THR A 26 2.78 11.51 1.99
CA THR A 26 3.81 10.94 2.90
C THR A 26 3.44 9.54 3.39
N VAL A 27 4.35 8.79 4.04
CA VAL A 27 4.10 7.37 4.40
C VAL A 27 2.82 7.15 5.21
N LYS A 28 2.48 8.12 6.08
CA LYS A 28 1.22 8.17 6.84
C LYS A 28 -0.01 8.18 5.93
N GLU A 29 0.03 8.99 4.86
CA GLU A 29 -1.00 9.07 3.82
C GLU A 29 -1.00 7.82 2.93
N VAL A 30 0.17 7.36 2.48
CA VAL A 30 0.35 6.13 1.68
C VAL A 30 -0.27 4.92 2.38
N MET A 31 0.03 4.71 3.66
CA MET A 31 -0.54 3.59 4.44
C MET A 31 -2.04 3.74 4.65
N HIS A 32 -2.53 4.96 4.94
CA HIS A 32 -3.97 5.24 5.00
C HIS A 32 -4.68 4.85 3.69
N TYR A 33 -4.19 5.34 2.55
CA TYR A 33 -4.70 4.99 1.22
C TYR A 33 -4.58 3.49 0.91
N LEU A 34 -3.52 2.80 1.34
CA LEU A 34 -3.40 1.35 1.21
C LEU A 34 -4.49 0.62 2.00
N GLY A 35 -4.81 1.07 3.22
CA GLY A 35 -5.93 0.53 3.99
C GLY A 35 -7.27 0.76 3.28
N GLN A 36 -7.52 1.97 2.78
CA GLN A 36 -8.73 2.26 1.99
C GLN A 36 -8.81 1.32 0.77
N TYR A 37 -7.74 1.20 0.00
CA TYR A 37 -7.69 0.36 -1.21
C TYR A 37 -7.98 -1.11 -0.92
N ILE A 38 -7.37 -1.69 0.12
CA ILE A 38 -7.60 -3.08 0.52
C ILE A 38 -9.07 -3.27 0.94
N MET A 39 -9.64 -2.34 1.71
CA MET A 39 -11.08 -2.38 2.08
C MET A 39 -12.02 -2.14 0.88
N VAL A 40 -11.65 -1.28 -0.09
CA VAL A 40 -12.48 -0.90 -1.23
C VAL A 40 -12.50 -1.98 -2.31
N LYS A 41 -11.34 -2.58 -2.59
CA LYS A 41 -11.18 -3.69 -3.52
C LYS A 41 -11.39 -5.07 -2.86
N GLN A 42 -11.46 -5.14 -1.52
CA GLN A 42 -11.77 -6.35 -0.73
C GLN A 42 -10.68 -7.43 -0.80
N LEU A 43 -9.46 -7.00 -0.46
CA LEU A 43 -8.21 -7.79 -0.51
C LEU A 43 -7.88 -8.39 0.87
N TYR A 44 -8.88 -8.81 1.66
CA TYR A 44 -8.69 -9.32 3.02
C TYR A 44 -9.72 -10.42 3.38
N ASP A 45 -9.51 -11.12 4.51
CA ASP A 45 -10.45 -12.13 5.04
C ASP A 45 -11.32 -11.57 6.17
N GLN A 46 -12.62 -11.90 6.19
CA GLN A 46 -13.57 -11.39 7.18
C GLN A 46 -13.39 -11.91 8.62
N GLN A 47 -12.72 -13.04 8.81
CA GLN A 47 -12.39 -13.61 10.13
C GLN A 47 -10.90 -13.42 10.47
N GLU A 48 -10.01 -13.46 9.48
CA GLU A 48 -8.56 -13.22 9.62
C GLU A 48 -8.25 -11.78 9.20
N GLN A 49 -8.89 -10.80 9.87
CA GLN A 49 -8.85 -9.38 9.45
C GLN A 49 -7.44 -8.77 9.56
N HIS A 50 -6.59 -9.32 10.43
CA HIS A 50 -5.15 -9.01 10.55
C HIS A 50 -4.31 -9.54 9.37
N MET A 51 -4.92 -10.25 8.42
CA MET A 51 -4.28 -10.87 7.26
C MET A 51 -4.87 -10.32 5.95
N VAL A 52 -3.99 -9.98 5.01
CA VAL A 52 -4.34 -9.43 3.70
C VAL A 52 -4.20 -10.57 2.68
N TYR A 53 -5.15 -10.63 1.76
CA TYR A 53 -5.34 -11.68 0.75
C TYR A 53 -5.67 -11.01 -0.59
N CYS A 54 -4.64 -10.42 -1.18
CA CYS A 54 -4.73 -9.73 -2.48
C CYS A 54 -4.74 -10.69 -3.69
N GLY A 55 -4.28 -11.93 -3.53
CA GLY A 55 -4.42 -13.08 -4.46
C GLY A 55 -3.90 -12.95 -5.91
N GLY A 56 -3.50 -11.76 -6.35
CA GLY A 56 -3.19 -11.44 -7.75
C GLY A 56 -3.56 -10.01 -8.18
N ASP A 57 -4.10 -9.17 -7.28
CA ASP A 57 -4.28 -7.73 -7.53
C ASP A 57 -2.96 -7.04 -7.88
N LEU A 58 -3.04 -5.95 -8.67
CA LEU A 58 -1.91 -5.10 -9.02
C LEU A 58 -1.08 -4.68 -7.79
N LEU A 59 -1.70 -4.42 -6.64
CA LEU A 59 -1.03 -4.15 -5.36
C LEU A 59 -0.19 -5.36 -4.90
N GLY A 60 -0.78 -6.55 -4.83
CA GLY A 60 -0.08 -7.79 -4.46
C GLY A 60 1.05 -8.19 -5.42
N GLU A 61 0.84 -7.99 -6.73
CA GLU A 61 1.84 -8.25 -7.78
C GLU A 61 3.03 -7.30 -7.66
N LEU A 62 2.75 -6.00 -7.47
CA LEU A 62 3.74 -4.95 -7.28
C LEU A 62 4.55 -5.14 -5.97
N LEU A 63 3.88 -5.48 -4.86
CA LEU A 63 4.56 -5.78 -3.58
C LEU A 63 5.33 -7.10 -3.63
N GLY A 64 4.89 -8.04 -4.48
CA GLY A 64 5.56 -9.31 -4.73
C GLY A 64 5.11 -10.45 -3.81
N ARG A 65 4.18 -10.17 -2.88
CA ARG A 65 3.49 -11.16 -2.05
C ARG A 65 1.98 -10.96 -2.20
N GLN A 66 1.25 -12.02 -2.53
CA GLN A 66 -0.21 -11.98 -2.70
C GLN A 66 -0.98 -12.20 -1.38
N SER A 67 -0.26 -12.36 -0.27
CA SER A 67 -0.78 -12.36 1.10
C SER A 67 0.32 -11.92 2.08
N PHE A 68 -0.05 -11.13 3.10
CA PHE A 68 0.83 -10.64 4.16
C PHE A 68 0.03 -10.27 5.42
N SER A 69 0.70 -10.17 6.57
CA SER A 69 0.08 -9.83 7.86
C SER A 69 0.27 -8.37 8.23
N VAL A 70 -0.71 -7.81 8.93
CA VAL A 70 -0.65 -6.47 9.53
C VAL A 70 0.36 -6.42 10.68
N LYS A 71 0.57 -7.53 11.41
CA LYS A 71 1.60 -7.66 12.47
C LYS A 71 2.94 -8.22 11.99
N ASP A 72 3.05 -8.60 10.71
CA ASP A 72 4.30 -8.94 10.02
C ASP A 72 4.32 -8.41 8.57
N PRO A 73 4.37 -7.08 8.36
CA PRO A 73 4.30 -6.41 7.05
C PRO A 73 5.66 -6.40 6.31
N SER A 74 6.51 -7.41 6.52
CA SER A 74 7.88 -7.47 6.00
C SER A 74 8.00 -7.25 4.48
N PRO A 75 7.25 -7.96 3.60
CA PRO A 75 7.30 -7.71 2.16
C PRO A 75 6.70 -6.35 1.76
N LEU A 76 5.83 -5.77 2.60
CA LEU A 76 5.24 -4.45 2.37
C LEU A 76 6.29 -3.34 2.58
N TYR A 77 7.03 -3.37 3.70
CA TYR A 77 8.13 -2.44 3.96
C TYR A 77 9.25 -2.62 2.94
N ASP A 78 9.54 -3.85 2.53
CA ASP A 78 10.54 -4.16 1.52
C ASP A 78 10.18 -3.55 0.15
N MET A 79 8.91 -3.65 -0.27
CA MET A 79 8.46 -2.94 -1.46
C MET A 79 8.53 -1.41 -1.28
N LEU A 80 8.09 -0.86 -0.14
CA LEU A 80 8.01 0.59 0.05
C LEU A 80 9.40 1.21 -0.04
N ARG A 81 10.39 0.66 0.66
CA ARG A 81 11.81 1.08 0.62
C ARG A 81 12.46 0.97 -0.77
N LYS A 82 11.89 0.16 -1.68
CA LYS A 82 12.32 0.03 -3.09
C LYS A 82 11.42 0.75 -4.11
N ASN A 83 10.31 1.37 -3.67
CA ASN A 83 9.40 2.15 -4.52
C ASN A 83 9.52 3.65 -4.21
N LEU A 84 9.23 3.99 -2.95
CA LEU A 84 9.35 5.33 -2.37
C LEU A 84 10.83 5.69 -2.12
N VAL A 85 11.11 7.00 -1.99
CA VAL A 85 12.43 7.52 -1.54
C VAL A 85 12.66 7.38 -0.02
N THR A 86 12.38 6.19 0.51
CA THR A 86 12.73 5.81 1.90
C THR A 86 12.08 6.72 2.96
N LEU A 87 10.74 6.75 2.94
CA LEU A 87 9.94 7.37 4.01
C LEU A 87 9.60 6.30 5.06
N ALA A 88 9.71 6.67 6.33
CA ALA A 88 9.60 5.75 7.47
C ALA A 88 8.89 6.42 8.67
N THR A 89 8.18 5.64 9.48
CA THR A 89 7.35 6.11 10.61
C THR A 89 7.28 5.10 11.76
N 48L B . -4.04 -0.72 10.76
CG1 48L B . -3.62 -0.65 7.41
CG2 48L B . -2.11 0.49 9.63
CG3 48L B . -5.40 -2.71 10.80
CD1 48L B . -3.23 -1.98 7.48
CD2 48L B . -3.29 0.10 6.28
CD3 48L B . -1.27 -0.61 9.74
CD4 48L B . -1.56 1.75 9.35
CD5 48L B . -5.03 -3.01 12.12
CD6 48L B . -6.07 -3.71 10.06
CE1 48L B . -2.50 -2.56 6.43
CE2 48L B . -2.57 -0.48 5.24
CE3 48L B . -0.18 1.91 9.21
CE4 48L B . 0.11 -0.46 9.57
CE5 48L B . -5.34 -4.23 12.71
CE6 48L B . -6.37 -4.94 10.67
CZ1 48L B . -2.18 -1.80 5.31
CZ2 48L B . 0.66 0.80 9.32
CZ3 48L B . -6.04 -5.19 11.98
CL 48L B . -1.30 -2.51 4.00
CM1 48L B . -6.36 -6.72 13.91
CM2 48L B . -6.11 -4.16 6.39
CM3 48L B . -8.13 -4.86 7.77
C1 48L B . -10.46 -1.19 9.27
N1 48L B . -10.45 -0.85 10.57
O1 48L B . -11.48 -1.67 8.80
C2 48L B . -9.28 -0.28 11.22
N2 48L B . -7.87 -0.88 9.19
C3 48L B . -7.96 -0.87 10.67
N3 48L B . -5.51 -0.83 9.03
O3 48L B . -6.38 -6.43 12.50
C4 48L B . -9.18 -0.99 8.47
C5 48L B . -6.73 -0.72 8.46
O5 48L B . -6.82 -0.40 7.28
C6 48L B . -5.04 -1.36 10.26
O6 48L B . -6.29 -3.54 8.71
C7 48L B . -3.62 0.35 9.82
C8 48L B . -4.43 0.02 8.53
C9 48L B . -6.61 -4.61 7.78
BR 48L B . 1.24 -1.98 9.67
F 48L B . -2.34 2.83 9.21
HD1 48L B . -3.48 -2.59 8.35
HD2 48L B . -3.61 1.14 6.20
HD3 48L B . -1.67 -1.59 9.96
HD5 48L B . -4.49 -2.27 12.72
HE1 48L B . -2.20 -3.60 6.49
HE2 48L B . -2.31 0.12 4.36
HE3 48L B . 0.24 2.89 9.00
HE5 48L B . -5.03 -4.43 13.73
HE6 48L B . -6.88 -5.72 10.12
HZ2 48L B . 1.74 0.90 9.21
HM11 48L B . -7.00 -6.00 14.44
HM12 48L B . -6.75 -7.74 14.06
HM13 48L B . -5.33 -6.67 14.29
HM21 48L B . -6.60 -3.24 6.08
HM22 48L B . -5.03 -4.01 6.41
HM23 48L B . -6.32 -4.94 5.65
HM31 48L B . -8.66 -3.98 7.42
HM32 48L B . -8.37 -5.69 7.09
HM33 48L B . -8.50 -5.12 8.76
HN1 48L B . -11.29 -1.00 11.10
H21 48L B . -9.27 0.80 11.06
H22 48L B . -9.32 -0.47 12.30
H31 48L B . -7.14 -0.28 11.10
H32 48L B . -7.88 -1.90 11.02
H41 48L B . -9.13 -1.83 7.78
H42 48L B . -9.34 -0.07 7.90
H7 48L B . -4.03 1.29 10.22
H8 48L B . -4.85 0.96 8.16
H9 48L B . -6.07 -5.52 8.06
N GLN A 1 1.49 15.28 9.11
CA GLN A 1 1.04 15.75 7.80
C GLN A 1 2.11 15.58 6.69
N ILE A 2 1.75 16.00 5.47
CA ILE A 2 2.63 16.01 4.28
C ILE A 2 3.85 16.90 4.52
N ASN A 3 5.04 16.38 4.18
CA ASN A 3 6.33 17.06 4.30
C ASN A 3 7.15 16.94 3.00
N GLN A 4 7.75 15.78 2.77
CA GLN A 4 8.58 15.45 1.62
C GLN A 4 8.52 13.96 1.26
N VAL A 5 8.38 13.64 -0.03
CA VAL A 5 8.38 12.26 -0.58
C VAL A 5 8.61 12.27 -2.10
N ARG A 6 8.82 11.08 -2.67
CA ARG A 6 8.81 10.84 -4.11
C ARG A 6 8.35 9.38 -4.37
N PRO A 7 7.08 9.14 -4.77
CA PRO A 7 6.55 7.80 -5.02
C PRO A 7 6.90 7.27 -6.42
N LYS A 8 6.83 5.95 -6.58
CA LYS A 8 7.08 5.20 -7.82
C LYS A 8 5.76 4.92 -8.55
N LEU A 9 5.79 4.91 -9.89
CA LEU A 9 4.58 4.90 -10.73
C LEU A 9 3.59 3.73 -10.48
N PRO A 10 4.02 2.47 -10.33
CA PRO A 10 3.09 1.34 -10.14
C PRO A 10 2.37 1.34 -8.78
N LEU A 11 2.81 2.16 -7.83
CA LEU A 11 2.20 2.37 -6.51
C LEU A 11 1.44 3.70 -6.46
N LEU A 12 1.99 4.78 -7.03
CA LEU A 12 1.27 6.05 -7.27
C LEU A 12 -0.10 5.80 -7.91
N LYS A 13 -0.19 4.91 -8.91
CA LYS A 13 -1.47 4.54 -9.54
C LYS A 13 -2.46 3.91 -8.55
N ILE A 14 -1.99 3.07 -7.62
CA ILE A 14 -2.81 2.55 -6.51
C ILE A 14 -3.27 3.71 -5.62
N LEU A 15 -2.36 4.64 -5.33
CA LEU A 15 -2.59 5.78 -4.45
C LEU A 15 -3.64 6.74 -5.00
N HIS A 16 -3.52 7.14 -6.27
CA HIS A 16 -4.55 7.92 -6.97
C HIS A 16 -5.88 7.15 -7.05
N ALA A 17 -5.87 5.86 -7.42
CA ALA A 17 -7.09 5.05 -7.56
C ALA A 17 -7.83 4.84 -6.23
N ALA A 18 -7.10 4.78 -5.11
CA ALA A 18 -7.65 4.79 -3.75
C ALA A 18 -8.31 6.11 -3.33
N GLY A 19 -8.16 7.19 -4.13
CA GLY A 19 -8.75 8.50 -3.92
C GLY A 19 -7.76 9.67 -3.88
N ALA A 20 -6.45 9.41 -4.01
CA ALA A 20 -5.42 10.46 -3.97
C ALA A 20 -5.25 11.20 -5.32
N GLN A 21 -4.21 12.05 -5.33
CA GLN A 21 -3.81 13.03 -6.34
C GLN A 21 -2.47 13.68 -5.89
N GLY A 22 -1.72 14.31 -6.81
CA GLY A 22 -0.56 15.16 -6.47
C GLY A 22 0.80 14.47 -6.24
N GLU A 23 0.83 13.16 -5.99
CA GLU A 23 2.04 12.31 -5.86
C GLU A 23 3.12 12.88 -4.92
N MET A 24 2.68 13.49 -3.82
CA MET A 24 3.51 14.05 -2.75
C MET A 24 3.01 13.57 -1.36
N PHE A 25 2.46 12.36 -1.29
CA PHE A 25 1.90 11.72 -0.08
C PHE A 25 2.97 10.94 0.73
N THR A 26 3.17 11.29 2.00
CA THR A 26 4.16 10.69 2.93
C THR A 26 3.71 9.29 3.41
N VAL A 27 4.54 8.53 4.16
CA VAL A 27 4.20 7.13 4.53
C VAL A 27 2.88 7.02 5.29
N LYS A 28 2.59 8.01 6.14
CA LYS A 28 1.31 8.15 6.86
C LYS A 28 0.08 8.28 5.93
N GLU A 29 0.25 8.93 4.78
CA GLU A 29 -0.77 9.05 3.72
C GLU A 29 -0.80 7.79 2.85
N VAL A 30 0.36 7.29 2.42
CA VAL A 30 0.51 6.07 1.59
C VAL A 30 -0.17 4.88 2.26
N MET A 31 0.08 4.64 3.55
CA MET A 31 -0.53 3.53 4.29
C MET A 31 -2.04 3.74 4.45
N HIS A 32 -2.52 4.95 4.71
CA HIS A 32 -3.95 5.26 4.77
C HIS A 32 -4.66 4.94 3.43
N TYR A 33 -4.09 5.38 2.30
CA TYR A 33 -4.62 5.03 0.98
C TYR A 33 -4.53 3.53 0.67
N LEU A 34 -3.47 2.83 1.10
CA LEU A 34 -3.31 1.38 0.91
C LEU A 34 -4.35 0.58 1.71
N GLY A 35 -4.58 0.93 2.97
CA GLY A 35 -5.57 0.28 3.82
C GLY A 35 -6.99 0.42 3.28
N GLN A 36 -7.36 1.65 2.89
CA GLN A 36 -8.64 1.92 2.22
C GLN A 36 -8.78 1.09 0.94
N TYR A 37 -7.77 1.12 0.08
CA TYR A 37 -7.76 0.38 -1.18
C TYR A 37 -7.96 -1.13 -0.99
N ILE A 38 -7.28 -1.75 -0.03
CA ILE A 38 -7.44 -3.17 0.31
C ILE A 38 -8.87 -3.44 0.80
N MET A 39 -9.42 -2.60 1.68
CA MET A 39 -10.81 -2.72 2.13
C MET A 39 -11.85 -2.46 1.02
N VAL A 40 -11.56 -1.55 0.08
CA VAL A 40 -12.47 -1.15 -1.01
C VAL A 40 -12.53 -2.19 -2.12
N LYS A 41 -11.36 -2.72 -2.51
CA LYS A 41 -11.24 -3.80 -3.49
C LYS A 41 -11.45 -5.20 -2.88
N GLN A 42 -11.43 -5.33 -1.55
CA GLN A 42 -11.68 -6.57 -0.79
C GLN A 42 -10.56 -7.61 -0.95
N LEU A 43 -9.33 -7.15 -0.71
CA LEU A 43 -8.07 -7.89 -0.83
C LEU A 43 -7.66 -8.51 0.52
N TYR A 44 -8.60 -9.05 1.30
CA TYR A 44 -8.36 -9.57 2.65
C TYR A 44 -9.30 -10.74 3.02
N ASP A 45 -9.01 -11.46 4.11
CA ASP A 45 -9.90 -12.50 4.67
C ASP A 45 -10.88 -11.94 5.72
N GLN A 46 -12.15 -12.32 5.66
CA GLN A 46 -13.19 -11.76 6.54
C GLN A 46 -13.06 -12.15 8.03
N GLN A 47 -12.35 -13.23 8.35
CA GLN A 47 -12.06 -13.68 9.72
C GLN A 47 -10.61 -13.40 10.13
N GLU A 48 -9.67 -13.41 9.17
CA GLU A 48 -8.29 -12.96 9.35
C GLU A 48 -8.08 -11.58 8.72
N GLN A 49 -8.74 -10.56 9.28
CA GLN A 49 -8.73 -9.20 8.72
C GLN A 49 -7.33 -8.54 8.79
N HIS A 50 -6.47 -9.03 9.70
CA HIS A 50 -5.04 -8.71 9.80
C HIS A 50 -4.20 -9.30 8.65
N MET A 51 -4.76 -10.21 7.85
CA MET A 51 -4.11 -10.91 6.75
C MET A 51 -4.63 -10.38 5.39
N VAL A 52 -3.71 -9.99 4.52
CA VAL A 52 -4.00 -9.45 3.18
C VAL A 52 -3.86 -10.57 2.17
N TYR A 53 -4.81 -10.62 1.23
CA TYR A 53 -4.95 -11.59 0.15
C TYR A 53 -5.25 -10.84 -1.14
N CYS A 54 -4.21 -10.18 -1.66
CA CYS A 54 -4.24 -9.51 -2.96
C CYS A 54 -4.43 -10.50 -4.12
N GLY A 55 -3.88 -11.72 -4.01
CA GLY A 55 -4.10 -12.89 -4.89
C GLY A 55 -3.59 -12.77 -6.34
N GLY A 56 -4.11 -11.77 -7.07
CA GLY A 56 -3.74 -11.41 -8.44
C GLY A 56 -4.09 -9.96 -8.82
N ASP A 57 -4.52 -9.12 -7.86
CA ASP A 57 -4.83 -7.71 -8.05
C ASP A 57 -3.56 -6.84 -8.14
N LEU A 58 -3.68 -5.70 -8.82
CA LEU A 58 -2.57 -4.82 -9.22
C LEU A 58 -1.63 -4.45 -8.06
N LEU A 59 -2.15 -4.17 -6.86
CA LEU A 59 -1.32 -3.87 -5.70
C LEU A 59 -0.36 -5.02 -5.37
N GLY A 60 -0.86 -6.25 -5.23
CA GLY A 60 -0.03 -7.42 -4.91
C GLY A 60 0.92 -7.80 -6.04
N GLU A 61 0.44 -7.74 -7.28
CA GLU A 61 1.24 -8.01 -8.49
C GLU A 61 2.46 -7.09 -8.58
N LEU A 62 2.22 -5.77 -8.49
CA LEU A 62 3.25 -4.76 -8.64
C LEU A 62 4.12 -4.55 -7.38
N LEU A 63 3.62 -4.84 -6.17
CA LEU A 63 4.47 -4.89 -4.96
C LEU A 63 5.36 -6.14 -4.96
N GLY A 64 4.88 -7.24 -5.57
CA GLY A 64 5.64 -8.48 -5.74
C GLY A 64 5.32 -9.55 -4.70
N ARG A 65 4.42 -9.27 -3.75
CA ARG A 65 3.85 -10.26 -2.82
C ARG A 65 2.32 -10.15 -2.84
N GLN A 66 1.65 -11.26 -3.12
CA GLN A 66 0.19 -11.31 -3.22
C GLN A 66 -0.50 -11.58 -1.86
N SER A 67 0.28 -11.78 -0.79
CA SER A 67 -0.21 -11.91 0.60
C SER A 67 0.87 -11.49 1.61
N PHE A 68 0.42 -10.85 2.69
CA PHE A 68 1.23 -10.36 3.83
C PHE A 68 0.30 -10.05 5.02
N SER A 69 0.85 -9.67 6.18
CA SER A 69 0.05 -9.38 7.39
C SER A 69 0.53 -8.12 8.12
N VAL A 70 -0.36 -7.49 8.89
CA VAL A 70 0.01 -6.41 9.82
C VAL A 70 0.89 -6.89 10.98
N LYS A 71 0.88 -8.20 11.31
CA LYS A 71 1.81 -8.84 12.26
C LYS A 71 3.06 -9.48 11.64
N ASP A 72 3.14 -9.52 10.30
CA ASP A 72 4.33 -9.89 9.52
C ASP A 72 4.50 -8.96 8.29
N PRO A 73 4.81 -7.66 8.49
CA PRO A 73 4.90 -6.65 7.42
C PRO A 73 6.26 -6.69 6.66
N SER A 74 6.93 -7.83 6.64
CA SER A 74 8.29 -7.98 6.08
C SER A 74 8.39 -7.63 4.58
N PRO A 75 7.50 -8.14 3.69
CA PRO A 75 7.49 -7.69 2.28
C PRO A 75 6.86 -6.30 2.10
N LEU A 76 6.07 -5.82 3.07
CA LEU A 76 5.38 -4.52 3.00
C LEU A 76 6.38 -3.36 3.16
N TYR A 77 7.24 -3.40 4.17
CA TYR A 77 8.34 -2.43 4.29
C TYR A 77 9.35 -2.54 3.14
N ASP A 78 9.61 -3.76 2.64
CA ASP A 78 10.53 -3.97 1.53
C ASP A 78 9.99 -3.43 0.19
N MET A 79 8.68 -3.53 -0.04
CA MET A 79 8.03 -2.87 -1.17
C MET A 79 8.06 -1.35 -1.01
N LEU A 80 7.74 -0.80 0.17
CA LEU A 80 7.79 0.65 0.42
C LEU A 80 9.20 1.20 0.11
N ARG A 81 10.26 0.56 0.62
CA ARG A 81 11.67 0.87 0.34
C ARG A 81 12.03 0.88 -1.15
N LYS A 82 11.29 0.15 -2.00
CA LYS A 82 11.45 0.12 -3.47
C LYS A 82 10.46 0.98 -4.25
N ASN A 83 9.40 1.49 -3.62
CA ASN A 83 8.29 2.21 -4.29
C ASN A 83 8.10 3.65 -3.80
N LEU A 84 8.81 3.97 -2.74
CA LEU A 84 9.06 5.29 -2.15
C LEU A 84 10.57 5.52 -2.05
N VAL A 85 11.01 6.77 -1.85
CA VAL A 85 12.41 7.08 -1.50
C VAL A 85 12.71 6.82 -0.01
N THR A 86 12.54 5.55 0.39
CA THR A 86 12.85 5.05 1.74
C THR A 86 12.15 5.85 2.85
N LEU A 87 10.81 5.85 2.82
CA LEU A 87 10.01 6.36 3.95
C LEU A 87 9.69 5.23 4.93
N ALA A 88 9.70 5.56 6.22
CA ALA A 88 9.56 4.61 7.32
C ALA A 88 8.90 5.26 8.54
N THR A 89 8.18 4.48 9.35
CA THR A 89 7.37 4.96 10.48
C THR A 89 7.21 3.92 11.60
N 48L B . -3.49 -1.17 10.48
CG1 48L B . -3.06 -0.64 7.18
CG2 48L B . -1.39 -0.07 9.50
CG3 48L B . -5.18 -2.87 10.22
CD1 48L B . -2.68 -1.99 7.17
CD2 48L B . -2.82 0.13 6.05
CD3 48L B . -0.65 -1.25 9.67
CD4 48L B . -0.71 1.08 9.11
CD5 48L B . -4.95 -3.43 11.48
CD6 48L B . -5.97 -3.60 9.32
CE1 48L B . -2.06 -2.54 6.05
CE2 48L B . -2.21 -0.41 4.93
CE3 48L B . 0.68 1.08 8.91
CE4 48L B . 0.72 -1.27 9.43
CE5 48L B . -5.59 -4.61 11.88
CE6 48L B . -6.63 -4.77 9.72
CZ1 48L B . -1.82 -1.75 4.93
CZ2 48L B . 1.38 -0.11 9.06
CZ3 48L B . -6.45 -5.27 11.01
CL 48L B . -1.04 -2.40 3.54
CM1 48L B . -7.30 -6.85 12.72
CM2 48L B . -4.89 -5.10 6.90
CM3 48L B . -5.95 -3.19 5.62
C1 48L B . -9.91 -0.58 8.91
N1 48L B . -9.88 -0.20 10.19
O1 48L B . -10.99 -0.81 8.41
C2 48L B . -8.64 0.10 10.93
N2 48L B . -7.30 -0.59 8.91
C3 48L B . -7.44 -0.70 10.38
N3 48L B . -4.95 -0.74 8.80
O3 48L B . -7.14 -6.41 11.35
C4 48L B . -8.59 -0.67 8.14
C5 48L B . -6.13 -0.40 8.23
O5 48L B . -6.16 0.10 7.12
C6 48L B . -4.57 -1.54 9.91
O6 48L B . -6.04 -3.21 7.99
C7 48L B . -2.90 -0.03 9.72
C8 48L B . -3.74 -0.01 8.41
C9 48L B . -6.08 -4.10 6.86
BR 48L B . 1.69 -2.89 9.63
F 48L B . -1.38 2.25 8.93
HD1 48L B . -2.88 -2.61 8.04
HD2 48L B . -3.13 1.18 6.04
HD3 48L B . -1.16 -2.17 9.97
HD5 48L B . -4.31 -2.91 12.20
HE1 48L B . -1.76 -3.58 6.05
HE2 48L B . -2.02 0.20 4.06
HE3 48L B . 1.18 1.99 8.62
HE5 48L B . -5.41 -4.99 12.88
HE6 48L B . -7.26 -5.30 9.03
HZ2 48L B . 2.47 -0.12 8.90
HM11 48L B . -7.80 -6.06 13.29
HM12 48L B . -7.92 -7.76 12.73
HM13 48L B . -6.32 -7.07 13.16
HM21 48L B . -4.95 -5.73 7.79
HM22 48L B . -4.92 -5.74 6.03
HM23 48L B . -3.94 -4.57 6.91
HM31 48L B . -6.80 -2.51 5.57
HM32 48L B . -5.04 -2.61 5.65
HM33 48L B . -5.94 -3.79 4.71
HN1 48L B . -10.76 -0.13 10.67
H21 48L B . -8.44 1.17 10.84
H22 48L B . -8.78 -0.14 11.99
H31 48L B . -6.55 -0.30 10.88
H32 48L B . -7.57 -1.75 10.65
H41 48L B . -8.62 -1.63 7.61
H42 48L B . -8.63 0.14 7.41
H7 48L B . -3.15 0.88 10.28
H8 48L B . -3.99 1.03 8.19
H9 48L B . -7.02 -4.64 6.84
N GLN A 1 -0.31 20.47 3.44
CA GLN A 1 0.35 20.20 4.72
C GLN A 1 1.37 19.04 4.64
N ILE A 2 1.84 18.74 3.42
CA ILE A 2 2.70 17.60 3.09
C ILE A 2 4.17 18.00 3.16
N ASN A 3 5.00 17.12 3.73
CA ASN A 3 6.46 17.27 3.82
C ASN A 3 7.15 16.53 2.64
N GLN A 4 8.19 15.71 2.90
CA GLN A 4 8.94 15.04 1.85
C GLN A 4 8.29 13.69 1.49
N VAL A 5 8.21 13.46 0.19
CA VAL A 5 7.67 12.25 -0.45
C VAL A 5 8.07 12.13 -1.92
N ARG A 6 8.20 10.89 -2.41
CA ARG A 6 8.31 10.56 -3.84
C ARG A 6 8.03 9.06 -4.09
N PRO A 7 6.96 8.65 -4.78
CA PRO A 7 6.62 7.25 -5.07
C PRO A 7 7.18 6.76 -6.42
N LYS A 8 6.89 5.49 -6.75
CA LYS A 8 7.12 4.87 -8.07
C LYS A 8 5.78 4.75 -8.82
N LEU A 9 5.79 4.84 -10.14
CA LEU A 9 4.56 4.97 -10.97
C LEU A 9 3.49 3.88 -10.72
N PRO A 10 3.80 2.57 -10.75
CA PRO A 10 2.83 1.52 -10.43
C PRO A 10 2.26 1.55 -9.00
N LEU A 11 2.86 2.30 -8.06
CA LEU A 11 2.37 2.50 -6.69
C LEU A 11 1.61 3.83 -6.55
N LEU A 12 2.08 4.89 -7.20
CA LEU A 12 1.34 6.17 -7.36
C LEU A 12 -0.06 5.88 -7.93
N LYS A 13 -0.17 4.98 -8.93
CA LYS A 13 -1.46 4.57 -9.50
C LYS A 13 -2.40 3.89 -8.49
N ILE A 14 -1.87 3.13 -7.52
CA ILE A 14 -2.67 2.62 -6.38
C ILE A 14 -3.13 3.80 -5.52
N LEU A 15 -2.25 4.78 -5.31
CA LEU A 15 -2.52 5.97 -4.49
C LEU A 15 -3.65 6.83 -5.09
N HIS A 16 -3.60 7.09 -6.41
CA HIS A 16 -4.74 7.71 -7.14
C HIS A 16 -6.02 6.85 -7.03
N ALA A 17 -5.93 5.54 -7.29
CA ALA A 17 -7.10 4.65 -7.34
C ALA A 17 -7.80 4.49 -5.98
N ALA A 18 -7.05 4.58 -4.88
CA ALA A 18 -7.58 4.64 -3.52
C ALA A 18 -8.33 5.94 -3.17
N GLY A 19 -8.21 6.99 -4.00
CA GLY A 19 -8.92 8.26 -3.88
C GLY A 19 -8.06 9.51 -4.10
N ALA A 20 -6.74 9.38 -4.27
CA ALA A 20 -5.82 10.52 -4.38
C ALA A 20 -5.71 11.10 -5.82
N GLN A 21 -4.72 11.99 -5.94
CA GLN A 21 -4.31 12.84 -7.04
C GLN A 21 -2.87 13.35 -6.78
N GLY A 22 -2.10 13.65 -7.83
CA GLY A 22 -0.66 13.93 -7.72
C GLY A 22 0.13 12.70 -7.26
N GLU A 23 1.41 12.88 -6.98
CA GLU A 23 2.29 11.84 -6.41
C GLU A 23 2.82 12.19 -5.01
N MET A 24 2.28 13.23 -4.38
CA MET A 24 2.87 13.78 -3.16
C MET A 24 1.96 13.56 -1.93
N PHE A 25 2.21 12.46 -1.20
CA PHE A 25 1.51 12.05 0.03
C PHE A 25 2.48 11.38 1.03
N THR A 26 2.56 11.84 2.28
CA THR A 26 3.51 11.35 3.31
C THR A 26 3.09 9.98 3.87
N VAL A 27 3.90 9.31 4.71
CA VAL A 27 3.62 7.92 5.20
C VAL A 27 2.21 7.78 5.82
N LYS A 28 1.78 8.82 6.53
CA LYS A 28 0.45 8.95 7.13
C LYS A 28 -0.68 8.88 6.11
N GLU A 29 -0.46 9.45 4.93
CA GLU A 29 -1.36 9.41 3.78
C GLU A 29 -1.26 8.08 3.02
N VAL A 30 -0.02 7.63 2.70
CA VAL A 30 0.24 6.39 1.94
C VAL A 30 -0.39 5.17 2.61
N MET A 31 -0.15 4.97 3.90
CA MET A 31 -0.68 3.78 4.59
C MET A 31 -2.19 3.84 4.75
N HIS A 32 -2.76 5.04 4.95
CA HIS A 32 -4.21 5.25 4.93
C HIS A 32 -4.81 4.90 3.57
N TYR A 33 -4.22 5.35 2.46
CA TYR A 33 -4.64 4.98 1.11
C TYR A 33 -4.52 3.47 0.84
N LEU A 34 -3.47 2.79 1.31
CA LEU A 34 -3.32 1.34 1.13
C LEU A 34 -4.36 0.54 1.92
N GLY A 35 -4.61 0.90 3.19
CA GLY A 35 -5.63 0.25 4.02
C GLY A 35 -7.04 0.40 3.44
N GLN A 36 -7.39 1.64 3.04
CA GLN A 36 -8.65 1.92 2.33
C GLN A 36 -8.76 1.10 1.05
N TYR A 37 -7.73 1.13 0.23
CA TYR A 37 -7.67 0.40 -1.04
C TYR A 37 -7.89 -1.11 -0.86
N ILE A 38 -7.24 -1.73 0.13
CA ILE A 38 -7.41 -3.14 0.49
C ILE A 38 -8.87 -3.41 0.92
N MET A 39 -9.46 -2.55 1.76
CA MET A 39 -10.88 -2.65 2.13
C MET A 39 -11.86 -2.40 0.97
N VAL A 40 -11.53 -1.51 0.02
CA VAL A 40 -12.38 -1.10 -1.10
C VAL A 40 -12.38 -2.14 -2.22
N LYS A 41 -11.21 -2.67 -2.56
CA LYS A 41 -11.02 -3.74 -3.56
C LYS A 41 -11.14 -5.15 -2.96
N GLN A 42 -11.18 -5.28 -1.62
CA GLN A 42 -11.43 -6.53 -0.89
C GLN A 42 -10.31 -7.57 -1.05
N LEU A 43 -9.12 -7.13 -0.68
CA LEU A 43 -7.85 -7.87 -0.73
C LEU A 43 -7.59 -8.63 0.57
N TYR A 44 -8.62 -9.16 1.25
CA TYR A 44 -8.48 -9.81 2.57
C TYR A 44 -9.39 -11.04 2.74
N ASP A 45 -9.15 -11.86 3.77
CA ASP A 45 -10.02 -12.97 4.17
C ASP A 45 -11.07 -12.53 5.22
N GLN A 46 -12.31 -13.00 5.08
CA GLN A 46 -13.41 -12.57 5.95
C GLN A 46 -13.34 -13.05 7.41
N GLN A 47 -12.55 -14.09 7.71
CA GLN A 47 -12.27 -14.58 9.06
C GLN A 47 -10.86 -14.19 9.53
N GLU A 48 -9.89 -14.14 8.61
CA GLU A 48 -8.51 -13.70 8.86
C GLU A 48 -8.30 -12.28 8.34
N GLN A 49 -9.06 -11.32 8.91
CA GLN A 49 -9.12 -9.94 8.41
C GLN A 49 -7.81 -9.15 8.59
N HIS A 50 -6.92 -9.61 9.49
CA HIS A 50 -5.54 -9.14 9.65
C HIS A 50 -4.58 -9.63 8.54
N MET A 51 -5.01 -10.63 7.76
CA MET A 51 -4.25 -11.23 6.66
C MET A 51 -4.74 -10.70 5.31
N VAL A 52 -3.80 -10.30 4.45
CA VAL A 52 -4.05 -9.72 3.14
C VAL A 52 -3.85 -10.82 2.08
N TYR A 53 -4.77 -10.88 1.12
CA TYR A 53 -4.85 -11.85 0.03
C TYR A 53 -5.06 -11.11 -1.29
N CYS A 54 -4.02 -10.36 -1.65
CA CYS A 54 -3.91 -9.49 -2.82
C CYS A 54 -3.50 -10.20 -4.13
N GLY A 55 -3.55 -11.53 -4.21
CA GLY A 55 -3.21 -12.31 -5.42
C GLY A 55 -4.14 -12.12 -6.62
N GLY A 56 -5.31 -11.51 -6.43
CA GLY A 56 -6.22 -11.07 -7.49
C GLY A 56 -6.00 -9.61 -7.93
N ASP A 57 -5.06 -8.88 -7.33
CA ASP A 57 -4.92 -7.43 -7.51
C ASP A 57 -3.56 -6.95 -8.04
N LEU A 58 -3.60 -5.85 -8.80
CA LEU A 58 -2.43 -5.10 -9.24
C LEU A 58 -1.52 -4.69 -8.06
N LEU A 59 -2.07 -4.36 -6.88
CA LEU A 59 -1.26 -4.08 -5.69
C LEU A 59 -0.40 -5.29 -5.30
N GLY A 60 -0.97 -6.50 -5.20
CA GLY A 60 -0.18 -7.69 -4.86
C GLY A 60 0.85 -8.04 -5.94
N GLU A 61 0.45 -7.97 -7.21
CA GLU A 61 1.32 -8.25 -8.36
C GLU A 61 2.53 -7.31 -8.42
N LEU A 62 2.28 -6.00 -8.33
CA LEU A 62 3.30 -4.96 -8.42
C LEU A 62 4.13 -4.80 -7.13
N LEU A 63 3.57 -5.10 -5.95
CA LEU A 63 4.36 -5.18 -4.71
C LEU A 63 5.26 -6.43 -4.71
N GLY A 64 4.83 -7.50 -5.38
CA GLY A 64 5.63 -8.71 -5.57
C GLY A 64 5.39 -9.79 -4.51
N ARG A 65 4.44 -9.56 -3.59
CA ARG A 65 3.94 -10.58 -2.65
C ARG A 65 2.42 -10.55 -2.68
N GLN A 66 1.81 -11.71 -2.93
CA GLN A 66 0.35 -11.84 -3.12
C GLN A 66 -0.40 -12.13 -1.81
N SER A 67 0.32 -12.22 -0.69
CA SER A 67 -0.21 -12.28 0.67
C SER A 67 0.82 -11.78 1.71
N PHE A 68 0.33 -11.10 2.74
CA PHE A 68 1.11 -10.58 3.87
C PHE A 68 0.19 -10.31 5.08
N SER A 69 0.76 -10.08 6.27
CA SER A 69 0.00 -9.79 7.50
C SER A 69 0.29 -8.40 8.06
N VAL A 70 -0.70 -7.81 8.72
CA VAL A 70 -0.53 -6.57 9.51
C VAL A 70 0.37 -6.76 10.73
N LYS A 71 0.50 -8.01 11.22
CA LYS A 71 1.40 -8.43 12.31
C LYS A 71 2.84 -8.67 11.81
N ASP A 72 2.99 -9.06 10.55
CA ASP A 72 4.28 -9.38 9.90
C ASP A 72 4.42 -8.68 8.53
N PRO A 73 4.55 -7.33 8.50
CA PRO A 73 4.65 -6.51 7.29
C PRO A 73 6.04 -6.57 6.60
N SER A 74 6.73 -7.70 6.70
CA SER A 74 8.10 -7.90 6.18
C SER A 74 8.24 -7.65 4.67
N PRO A 75 7.36 -8.20 3.78
CA PRO A 75 7.38 -7.86 2.36
C PRO A 75 6.82 -6.45 2.07
N LEU A 76 6.01 -5.88 2.98
CA LEU A 76 5.37 -4.57 2.79
C LEU A 76 6.39 -3.43 2.93
N TYR A 77 7.20 -3.42 3.99
CA TYR A 77 8.30 -2.45 4.11
C TYR A 77 9.32 -2.62 2.97
N ASP A 78 9.61 -3.85 2.55
CA ASP A 78 10.53 -4.13 1.45
C ASP A 78 10.01 -3.57 0.11
N MET A 79 8.72 -3.75 -0.18
CA MET A 79 8.08 -3.18 -1.37
C MET A 79 8.09 -1.65 -1.34
N LEU A 80 7.77 -1.03 -0.20
CA LEU A 80 7.71 0.42 -0.07
C LEU A 80 9.10 1.01 -0.30
N ARG A 81 10.12 0.52 0.41
CA ARG A 81 11.51 0.98 0.33
C ARG A 81 12.17 0.80 -1.05
N LYS A 82 11.63 -0.05 -1.95
CA LYS A 82 12.10 -0.20 -3.34
C LYS A 82 11.23 0.52 -4.39
N ASN A 83 10.05 1.00 -3.99
CA ASN A 83 9.18 1.83 -4.83
C ASN A 83 9.35 3.30 -4.44
N LEU A 84 8.84 3.63 -3.26
CA LEU A 84 8.87 4.95 -2.63
C LEU A 84 10.25 5.28 -2.04
N VAL A 85 10.58 6.56 -2.00
CA VAL A 85 11.73 7.04 -1.20
C VAL A 85 11.39 6.89 0.28
N THR A 86 12.40 6.81 1.15
CA THR A 86 12.21 6.57 2.59
C THR A 86 11.31 7.64 3.22
N LEU A 87 10.14 7.23 3.72
CA LEU A 87 9.18 8.10 4.43
C LEU A 87 9.26 7.88 5.96
N ALA A 88 8.95 8.91 6.74
CA ALA A 88 8.96 8.89 8.20
C ALA A 88 7.97 9.89 8.82
N THR A 89 7.69 9.73 10.12
CA THR A 89 6.77 10.59 10.89
C THR A 89 7.15 10.68 12.38
N 48L B . -3.75 -1.14 10.42
CG1 48L B . -3.48 -0.90 7.01
CG2 48L B . -1.80 -0.14 9.19
CG3 48L B . -5.20 -3.06 10.56
CD1 48L B . -3.29 -2.27 6.82
CD2 48L B . -2.94 0.00 6.09
CD3 48L B . -1.12 -1.36 9.14
CD4 48L B . -1.09 1.05 8.99
CD5 48L B . -4.82 -3.33 11.89
CD6 48L B . -5.96 -4.04 9.90
CE1 48L B . -2.54 -2.73 5.73
CE2 48L B . -2.19 -0.46 5.01
CE3 48L B . 0.29 1.01 8.75
CE4 48L B . 0.25 -1.38 8.88
CE5 48L B . -5.23 -4.48 12.54
CE6 48L B . -6.38 -5.19 10.56
CZ1 48L B . -1.97 -1.82 4.84
CZ2 48L B . 0.96 -0.21 8.69
CZ3 48L B . -6.03 -5.40 11.89
CL 48L B . -1.01 -2.38 3.52
CM1 48L B . -7.74 -7.12 12.38
CM2 48L B . -6.17 -4.66 6.24
CM3 48L B . -8.21 -4.96 7.74
C1 48L B . -10.14 -1.85 9.16
N1 48L B . -9.90 -2.22 10.43
O1 48L B . -11.26 -2.00 8.72
C2 48L B . -8.63 -2.00 11.14
N2 48L B . -7.63 -1.23 8.99
C3 48L B . -7.73 -0.96 10.43
N3 48L B . -5.28 -1.22 8.75
O3 48L B . -6.43 -6.53 12.58
C4 48L B . -8.99 -1.27 8.34
C5 48L B . -6.52 -1.09 8.22
O5 48L B . -6.64 -0.81 7.03
C6 48L B . -4.78 -1.76 9.97
O6 48L B . -6.17 -3.91 8.53
C7 48L B . -3.30 -0.09 9.47
C8 48L B . -4.22 -0.34 8.23
C9 48L B . -6.67 -4.96 7.67
BR 48L B . 1.14 -3.06 8.77
F 48L B . -1.71 2.24 9.02
HD1 48L B . -3.71 -2.99 7.52
HD2 48L B . -3.12 1.06 6.21
HD3 48L B . -1.66 -2.30 9.28
HD5 48L B . -4.20 -2.62 12.43
HE1 48L B . -2.38 -3.80 5.60
HE2 48L B . -1.75 0.25 4.31
HE3 48L B . 0.83 1.95 8.61
HE5 48L B . -4.93 -4.66 13.57
HE6 48L B . -6.94 -5.95 10.05
HZ2 48L B . 2.03 -0.24 8.50
HM11 48L B . -7.82 -7.53 11.36
HM12 48L B . -7.87 -7.93 13.11
HM13 48L B . -8.51 -6.36 12.54
HM21 48L B . -6.50 -3.66 5.91
HM22 48L B . -5.08 -4.70 6.21
HM23 48L B . -6.55 -5.40 5.54
HM31 48L B . -8.62 -4.03 7.34
HM32 48L B . -8.61 -5.79 7.15
HM33 48L B . -8.56 -5.07 8.76
HN1 48L B . -10.68 -2.61 10.94
H21 48L B . -8.84 -1.67 12.16
H22 48L B . -8.10 -2.95 11.20
H31 48L B . -8.20 0.02 10.55
H32 48L B . -6.77 -0.90 10.94
H41 48L B . -8.95 -1.85 7.42
H42 48L B . -9.28 -0.24 8.11
H7 48L B . -3.58 0.87 9.90
H8 48L B . -4.66 0.62 7.95
H9 48L B . -6.26 -5.92 7.98
N GLN A 1 0.99 22.03 5.66
CA GLN A 1 1.03 21.83 4.21
C GLN A 1 1.63 20.47 3.82
N ILE A 2 1.63 20.16 2.52
CA ILE A 2 2.20 18.94 1.92
C ILE A 2 3.68 18.80 2.31
N ASN A 3 4.04 17.66 2.91
CA ASN A 3 5.41 17.33 3.32
C ASN A 3 6.18 16.55 2.23
N GLN A 4 7.50 16.44 2.40
CA GLN A 4 8.40 15.93 1.39
C GLN A 4 8.26 14.41 1.19
N VAL A 5 8.09 14.05 -0.08
CA VAL A 5 7.97 12.67 -0.59
C VAL A 5 8.16 12.58 -2.11
N ARG A 6 8.39 11.36 -2.63
CA ARG A 6 8.37 11.02 -4.06
C ARG A 6 8.02 9.52 -4.21
N PRO A 7 6.86 9.16 -4.80
CA PRO A 7 6.43 7.78 -5.00
C PRO A 7 6.96 7.19 -6.33
N LYS A 8 6.50 5.97 -6.66
CA LYS A 8 6.81 5.23 -7.90
C LYS A 8 5.54 4.97 -8.70
N LEU A 9 5.59 5.01 -10.02
CA LEU A 9 4.39 5.01 -10.90
C LEU A 9 3.36 3.87 -10.65
N PRO A 10 3.74 2.58 -10.61
CA PRO A 10 2.78 1.50 -10.36
C PRO A 10 2.26 1.45 -8.91
N LEU A 11 2.81 2.26 -7.99
CA LEU A 11 2.35 2.41 -6.60
C LEU A 11 1.49 3.69 -6.47
N LEU A 12 1.92 4.81 -7.04
CA LEU A 12 1.16 6.05 -7.24
C LEU A 12 -0.23 5.76 -7.83
N LYS A 13 -0.33 4.88 -8.82
CA LYS A 13 -1.61 4.48 -9.43
C LYS A 13 -2.55 3.77 -8.42
N ILE A 14 -2.02 3.02 -7.46
CA ILE A 14 -2.79 2.49 -6.33
C ILE A 14 -3.31 3.67 -5.49
N LEU A 15 -2.47 4.68 -5.28
CA LEU A 15 -2.77 5.85 -4.45
C LEU A 15 -3.86 6.73 -5.05
N HIS A 16 -3.79 7.03 -6.34
CA HIS A 16 -4.89 7.70 -7.07
C HIS A 16 -6.17 6.83 -7.07
N ALA A 17 -6.08 5.53 -7.36
CA ALA A 17 -7.23 4.63 -7.42
C ALA A 17 -7.92 4.44 -6.05
N ALA A 18 -7.17 4.53 -4.96
CA ALA A 18 -7.67 4.57 -3.59
C ALA A 18 -8.50 5.83 -3.24
N GLY A 19 -8.45 6.86 -4.09
CA GLY A 19 -9.19 8.11 -3.96
C GLY A 19 -8.34 9.38 -4.05
N ALA A 20 -7.00 9.27 -4.17
CA ALA A 20 -6.11 10.42 -4.28
C ALA A 20 -6.05 11.02 -5.71
N GLN A 21 -5.16 12.00 -5.85
CA GLN A 21 -4.86 12.83 -7.03
C GLN A 21 -3.61 13.69 -6.70
N GLY A 22 -2.64 13.77 -7.62
CA GLY A 22 -1.33 14.38 -7.39
C GLY A 22 -0.41 13.45 -6.57
N GLU A 23 0.77 13.15 -7.10
CA GLU A 23 1.71 12.13 -6.60
C GLU A 23 2.59 12.57 -5.42
N MET A 24 2.00 13.25 -4.44
CA MET A 24 2.71 13.75 -3.26
C MET A 24 1.89 13.48 -1.98
N PHE A 25 2.18 12.36 -1.34
CA PHE A 25 1.57 11.85 -0.09
C PHE A 25 2.64 11.10 0.73
N THR A 26 2.86 11.46 2.00
CA THR A 26 3.91 10.89 2.88
C THR A 26 3.54 9.47 3.34
N VAL A 27 4.45 8.70 3.99
CA VAL A 27 4.20 7.26 4.29
C VAL A 27 2.92 7.03 5.11
N LYS A 28 2.60 7.97 6.00
CA LYS A 28 1.35 8.00 6.79
C LYS A 28 0.10 8.05 5.89
N GLU A 29 0.15 8.87 4.83
CA GLU A 29 -0.89 8.98 3.81
C GLU A 29 -0.90 7.75 2.88
N VAL A 30 0.27 7.29 2.41
CA VAL A 30 0.42 6.08 1.58
C VAL A 30 -0.23 4.87 2.26
N MET A 31 0.07 4.64 3.55
CA MET A 31 -0.51 3.53 4.31
C MET A 31 -2.00 3.69 4.50
N HIS A 32 -2.49 4.89 4.83
CA HIS A 32 -3.94 5.16 4.91
C HIS A 32 -4.67 4.86 3.59
N TYR A 33 -4.12 5.28 2.46
CA TYR A 33 -4.62 4.93 1.13
C TYR A 33 -4.56 3.43 0.84
N LEU A 34 -3.52 2.70 1.27
CA LEU A 34 -3.43 1.25 1.11
C LEU A 34 -4.52 0.53 1.92
N GLY A 35 -4.77 0.93 3.17
CA GLY A 35 -5.83 0.34 3.99
C GLY A 35 -7.22 0.54 3.39
N GLN A 36 -7.51 1.77 2.95
CA GLN A 36 -8.77 2.10 2.25
C GLN A 36 -8.92 1.28 0.97
N TYR A 37 -7.87 1.25 0.16
CA TYR A 37 -7.82 0.48 -1.08
C TYR A 37 -8.08 -1.02 -0.85
N ILE A 38 -7.46 -1.62 0.17
CA ILE A 38 -7.66 -3.03 0.53
C ILE A 38 -9.13 -3.27 0.93
N MET A 39 -9.72 -2.40 1.75
CA MET A 39 -11.16 -2.45 2.08
C MET A 39 -12.08 -2.22 0.86
N VAL A 40 -11.73 -1.31 -0.06
CA VAL A 40 -12.54 -0.94 -1.22
C VAL A 40 -12.53 -2.03 -2.30
N LYS A 41 -11.35 -2.60 -2.57
CA LYS A 41 -11.17 -3.71 -3.51
C LYS A 41 -11.51 -5.08 -2.87
N GLN A 42 -11.60 -5.17 -1.54
CA GLN A 42 -11.92 -6.39 -0.77
C GLN A 42 -10.80 -7.45 -0.83
N LEU A 43 -9.59 -6.97 -0.54
CA LEU A 43 -8.31 -7.69 -0.57
C LEU A 43 -7.99 -8.31 0.79
N TYR A 44 -8.96 -8.86 1.50
CA TYR A 44 -8.77 -9.43 2.84
C TYR A 44 -9.74 -10.58 3.15
N ASP A 45 -9.51 -11.34 4.23
CA ASP A 45 -10.40 -12.39 4.71
C ASP A 45 -11.41 -11.87 5.75
N GLN A 46 -12.69 -12.28 5.66
CA GLN A 46 -13.76 -11.79 6.52
C GLN A 46 -13.67 -12.22 8.01
N GLN A 47 -12.95 -13.31 8.31
CA GLN A 47 -12.67 -13.79 9.67
C GLN A 47 -11.23 -13.48 10.11
N GLU A 48 -10.28 -13.46 9.18
CA GLU A 48 -8.87 -13.08 9.41
C GLU A 48 -8.63 -11.67 8.86
N GLN A 49 -9.32 -10.68 9.43
CA GLN A 49 -9.31 -9.29 8.93
C GLN A 49 -7.95 -8.59 9.09
N HIS A 50 -7.08 -9.12 9.96
CA HIS A 50 -5.67 -8.75 10.10
C HIS A 50 -4.79 -9.22 8.92
N MET A 51 -5.29 -10.16 8.12
CA MET A 51 -4.59 -10.83 7.02
C MET A 51 -5.10 -10.32 5.66
N VAL A 52 -4.16 -9.95 4.79
CA VAL A 52 -4.44 -9.38 3.46
C VAL A 52 -4.31 -10.47 2.41
N TYR A 53 -5.20 -10.45 1.43
CA TYR A 53 -5.37 -11.41 0.35
C TYR A 53 -5.60 -10.69 -0.99
N CYS A 54 -4.50 -10.14 -1.49
CA CYS A 54 -4.34 -9.51 -2.82
C CYS A 54 -4.13 -10.53 -3.97
N GLY A 55 -4.76 -11.72 -3.90
CA GLY A 55 -4.54 -12.89 -4.76
C GLY A 55 -4.55 -12.66 -6.28
N GLY A 56 -5.26 -11.63 -6.75
CA GLY A 56 -5.28 -11.19 -8.16
C GLY A 56 -5.16 -9.67 -8.35
N ASP A 57 -4.65 -8.92 -7.36
CA ASP A 57 -4.61 -7.44 -7.42
C ASP A 57 -3.24 -6.88 -7.83
N LEU A 58 -3.28 -5.76 -8.57
CA LEU A 58 -2.10 -4.99 -8.95
C LEU A 58 -1.26 -4.56 -7.73
N LEU A 59 -1.88 -4.28 -6.57
CA LEU A 59 -1.15 -4.00 -5.32
C LEU A 59 -0.34 -5.22 -4.86
N GLY A 60 -0.91 -6.43 -4.88
CA GLY A 60 -0.19 -7.67 -4.52
C GLY A 60 0.96 -7.98 -5.48
N GLU A 61 0.72 -7.81 -6.78
CA GLU A 61 1.73 -7.99 -7.83
C GLU A 61 2.89 -7.00 -7.68
N LEU A 62 2.55 -5.72 -7.47
CA LEU A 62 3.51 -4.63 -7.21
C LEU A 62 4.32 -4.86 -5.93
N LEU A 63 3.66 -5.19 -4.82
CA LEU A 63 4.35 -5.44 -3.54
C LEU A 63 5.18 -6.73 -3.59
N GLY A 64 4.82 -7.67 -4.45
CA GLY A 64 5.56 -8.91 -4.70
C GLY A 64 5.17 -10.06 -3.78
N ARG A 65 4.17 -9.84 -2.90
CA ARG A 65 3.52 -10.88 -2.08
C ARG A 65 2.01 -10.69 -2.21
N GLN A 66 1.28 -11.73 -2.61
CA GLN A 66 -0.18 -11.64 -2.77
C GLN A 66 -0.93 -11.85 -1.44
N SER A 67 -0.23 -12.18 -0.35
CA SER A 67 -0.76 -12.20 1.02
C SER A 67 0.31 -11.83 2.05
N PHE A 68 -0.09 -11.09 3.08
CA PHE A 68 0.73 -10.64 4.22
C PHE A 68 -0.17 -10.30 5.42
N SER A 69 0.40 -10.28 6.63
CA SER A 69 -0.32 -9.87 7.86
C SER A 69 0.04 -8.45 8.27
N VAL A 70 -0.92 -7.74 8.86
CA VAL A 70 -0.71 -6.38 9.40
C VAL A 70 0.29 -6.35 10.57
N LYS A 71 0.45 -7.49 11.28
CA LYS A 71 1.48 -7.69 12.33
C LYS A 71 2.77 -8.37 11.84
N ASP A 72 2.83 -8.71 10.55
CA ASP A 72 4.05 -9.20 9.87
C ASP A 72 4.22 -8.55 8.47
N PRO A 73 4.31 -7.20 8.36
CA PRO A 73 4.33 -6.44 7.10
C PRO A 73 5.71 -6.45 6.40
N SER A 74 6.54 -7.48 6.62
CA SER A 74 7.93 -7.56 6.14
C SER A 74 8.09 -7.37 4.61
N PRO A 75 7.32 -8.04 3.73
CA PRO A 75 7.40 -7.76 2.29
C PRO A 75 6.89 -6.36 1.92
N LEU A 76 5.97 -5.80 2.72
CA LEU A 76 5.41 -4.46 2.48
C LEU A 76 6.44 -3.35 2.80
N TYR A 77 7.18 -3.47 3.92
CA TYR A 77 8.27 -2.53 4.24
C TYR A 77 9.35 -2.58 3.15
N ASP A 78 9.70 -3.78 2.69
CA ASP A 78 10.68 -3.99 1.61
C ASP A 78 10.22 -3.39 0.28
N MET A 79 8.93 -3.56 -0.07
CA MET A 79 8.35 -2.92 -1.27
C MET A 79 8.40 -1.40 -1.18
N LEU A 80 8.05 -0.80 -0.03
CA LEU A 80 8.00 0.64 0.14
C LEU A 80 9.42 1.20 -0.02
N ARG A 81 10.41 0.62 0.68
CA ARG A 81 11.83 1.02 0.62
C ARG A 81 12.48 0.88 -0.78
N LYS A 82 11.89 0.13 -1.71
CA LYS A 82 12.34 0.06 -3.12
C LYS A 82 11.45 0.81 -4.12
N ASN A 83 10.29 1.31 -3.68
CA ASN A 83 9.39 2.13 -4.51
C ASN A 83 9.57 3.62 -4.19
N LEU A 84 9.19 3.97 -2.96
CA LEU A 84 9.32 5.31 -2.37
C LEU A 84 10.80 5.68 -2.15
N VAL A 85 11.06 6.99 -1.97
CA VAL A 85 12.36 7.52 -1.52
C VAL A 85 12.60 7.33 -0.02
N THR A 86 12.44 6.09 0.47
CA THR A 86 12.80 5.68 1.84
C THR A 86 12.12 6.52 2.92
N LEU A 87 10.78 6.50 2.94
CA LEU A 87 9.99 7.05 4.06
C LEU A 87 9.59 5.92 5.01
N ALA A 88 9.71 6.19 6.31
CA ALA A 88 9.57 5.21 7.38
C ALA A 88 8.93 5.86 8.62
N THR A 89 8.10 5.10 9.35
CA THR A 89 7.29 5.60 10.48
C THR A 89 7.08 4.55 11.58
N 48L B . -3.86 -0.73 10.63
CG1 48L B . -3.50 -0.54 7.30
CG2 48L B . -1.92 0.52 9.52
CG3 48L B . -5.36 -2.64 10.60
CD1 48L B . -3.24 -1.91 7.31
CD2 48L B . -3.09 0.24 6.23
CD3 48L B . -1.09 -0.60 9.55
CD4 48L B . -1.35 1.77 9.26
CD5 48L B . -5.08 -3.01 11.93
CD6 48L B . -6.05 -3.55 9.80
CE1 48L B . -2.56 -2.50 6.23
CE2 48L B . -2.42 -0.35 5.15
CE3 48L B . 0.02 1.91 9.07
CE4 48L B . 0.28 -0.47 9.33
CE5 48L B . -5.57 -4.18 12.47
CE6 48L B . -6.57 -4.72 10.35
CZ1 48L B . -2.16 -1.71 5.16
CZ2 48L B . 0.85 0.78 9.10
CZ3 48L B . -6.35 -5.03 11.68
CL 48L B . -1.34 -2.44 3.82
CM1 48L B . -6.88 -6.58 13.57
CM2 48L B . -5.17 -5.41 7.46
CM3 48L B . -6.32 -3.66 6.06
C1 48L B . -10.09 -1.77 9.32
N1 48L B . -9.88 -1.95 10.63
O1 48L B . -11.18 -2.09 8.87
C2 48L B . -8.66 -1.54 11.34
N2 48L B . -7.69 -0.84 9.14
C3 48L B . -7.86 -0.47 10.56
N3 48L B . -5.37 -0.67 8.95
O3 48L B . -6.88 -6.22 12.15
C4 48L B . -8.98 -1.16 8.46
C5 48L B . -6.60 -0.55 8.39
O5 48L B . -6.72 -0.18 7.24
C6 48L B . -4.89 -1.29 10.13
O6 48L B . -6.13 -3.35 8.43
C7 48L B . -3.43 0.38 9.75
C8 48L B . -4.26 0.15 8.45
C9 48L B . -6.31 -4.38 7.43
BR 48L B . 1.39 -2.01 9.32
F 48L B . -2.13 2.87 9.20
HD1 48L B . -3.56 -2.53 8.13
HD2 48L B . -3.30 1.30 6.21
HD3 48L B . -1.50 -1.58 9.74
HD5 48L B . -4.50 -2.33 12.57
HE1 48L B . -2.35 -3.56 6.24
HE2 48L B . -2.10 0.26 4.31
HE3 48L B . 0.45 2.89 8.89
HE5 48L B . -5.36 -4.42 13.50
HE6 48L B . -7.14 -5.42 9.75
HZ2 48L B . 1.92 0.89 8.94
HM11 48L B . -7.40 -5.81 14.14
HM12 48L B . -7.39 -7.53 13.68
HM13 48L B . -5.85 -6.68 13.91
HM21 48L B . -5.30 -6.15 6.68
HM22 48L B . -4.20 -4.92 7.31
HM23 48L B . -5.14 -5.93 8.42
HM31 48L B . -7.05 -2.85 6.06
HM32 48L B . -5.34 -3.21 5.85
HM33 48L B . -6.56 -4.35 5.26
HN1 48L B . -10.63 -2.36 11.16
H21 48L B . -8.93 -1.14 12.32
H22 48L B . -8.03 -2.43 11.49
H31 48L B . -8.42 0.46 10.60
H32 48L B . -6.91 -0.30 11.07
H41 48L B . -8.78 -1.90 7.69
H42 48L B . -9.39 -0.26 8.01
H7 48L B . -3.79 1.31 10.21
H8 48L B . -4.64 1.11 8.12
H9 48L B . -7.28 -4.87 7.58
N GLN A 1 -0.28 19.80 6.34
CA GLN A 1 -0.07 20.05 4.91
C GLN A 1 1.06 19.17 4.33
N ILE A 2 1.28 19.27 3.01
CA ILE A 2 2.21 18.39 2.27
C ILE A 2 3.66 18.57 2.77
N ASN A 3 4.30 17.44 3.08
CA ASN A 3 5.71 17.32 3.45
C ASN A 3 6.45 16.38 2.47
N GLN A 4 7.75 16.15 2.70
CA GLN A 4 8.61 15.47 1.73
C GLN A 4 8.27 13.99 1.56
N VAL A 5 8.15 13.60 0.29
CA VAL A 5 7.91 12.23 -0.19
C VAL A 5 8.22 12.06 -1.69
N ARG A 6 8.35 10.82 -2.16
CA ARG A 6 8.44 10.49 -3.59
C ARG A 6 8.08 9.01 -3.84
N PRO A 7 7.10 8.67 -4.71
CA PRO A 7 6.70 7.29 -4.98
C PRO A 7 7.27 6.74 -6.31
N LYS A 8 6.83 5.53 -6.68
CA LYS A 8 7.04 4.89 -8.00
C LYS A 8 5.71 4.85 -8.75
N LEU A 9 5.71 4.90 -10.07
CA LEU A 9 4.48 4.96 -10.88
C LEU A 9 3.46 3.84 -10.59
N PRO A 10 3.82 2.54 -10.53
CA PRO A 10 2.87 1.48 -10.21
C PRO A 10 2.34 1.48 -8.75
N LEU A 11 2.89 2.33 -7.87
CA LEU A 11 2.40 2.58 -6.52
C LEU A 11 1.56 3.88 -6.45
N LEU A 12 2.00 4.96 -7.11
CA LEU A 12 1.21 6.18 -7.33
C LEU A 12 -0.18 5.81 -7.86
N LYS A 13 -0.31 4.90 -8.84
CA LYS A 13 -1.62 4.52 -9.37
C LYS A 13 -2.51 3.79 -8.36
N ILE A 14 -1.93 3.06 -7.39
CA ILE A 14 -2.69 2.52 -6.24
C ILE A 14 -3.21 3.70 -5.41
N LEU A 15 -2.36 4.71 -5.21
CA LEU A 15 -2.63 5.90 -4.40
C LEU A 15 -3.77 6.76 -5.00
N HIS A 16 -3.71 7.06 -6.29
CA HIS A 16 -4.83 7.69 -7.03
C HIS A 16 -6.10 6.83 -6.96
N ALA A 17 -6.00 5.51 -7.24
CA ALA A 17 -7.15 4.61 -7.29
C ALA A 17 -7.83 4.41 -5.92
N ALA A 18 -7.07 4.52 -4.83
CA ALA A 18 -7.56 4.56 -3.45
C ALA A 18 -8.26 5.88 -3.06
N GLY A 19 -8.25 6.90 -3.94
CA GLY A 19 -8.93 8.19 -3.76
C GLY A 19 -8.03 9.43 -3.87
N ALA A 20 -6.73 9.28 -4.07
CA ALA A 20 -5.79 10.40 -4.14
C ALA A 20 -5.71 11.12 -5.51
N GLN A 21 -4.71 11.98 -5.62
CA GLN A 21 -4.41 12.95 -6.68
C GLN A 21 -2.95 13.44 -6.50
N GLY A 22 -2.24 13.74 -7.60
CA GLY A 22 -0.79 14.00 -7.59
C GLY A 22 0.03 12.75 -7.25
N GLU A 23 1.33 12.90 -7.07
CA GLU A 23 2.24 11.85 -6.58
C GLU A 23 2.89 12.18 -5.24
N MET A 24 2.33 13.12 -4.46
CA MET A 24 2.91 13.53 -3.17
C MET A 24 1.92 13.37 -2.00
N PHE A 25 2.14 12.31 -1.22
CA PHE A 25 1.41 11.90 -0.02
C PHE A 25 2.38 11.16 0.92
N THR A 26 2.55 11.60 2.18
CA THR A 26 3.57 11.08 3.14
C THR A 26 3.23 9.68 3.68
N VAL A 27 4.07 9.04 4.50
CA VAL A 27 3.84 7.65 4.99
C VAL A 27 2.48 7.49 5.68
N LYS A 28 2.05 8.53 6.40
CA LYS A 28 0.74 8.65 7.06
C LYS A 28 -0.42 8.54 6.06
N GLU A 29 -0.27 9.19 4.89
CA GLU A 29 -1.23 9.17 3.79
C GLU A 29 -1.13 7.88 2.97
N VAL A 30 0.08 7.42 2.64
CA VAL A 30 0.34 6.17 1.89
C VAL A 30 -0.29 4.97 2.59
N MET A 31 -0.06 4.79 3.89
CA MET A 31 -0.62 3.66 4.63
C MET A 31 -2.14 3.78 4.76
N HIS A 32 -2.67 5.00 4.96
CA HIS A 32 -4.13 5.25 4.94
C HIS A 32 -4.74 4.81 3.61
N TYR A 33 -4.21 5.29 2.49
CA TYR A 33 -4.68 4.92 1.15
C TYR A 33 -4.50 3.42 0.84
N LEU A 34 -3.43 2.77 1.33
CA LEU A 34 -3.25 1.32 1.20
C LEU A 34 -4.36 0.56 1.94
N GLY A 35 -4.68 0.98 3.17
CA GLY A 35 -5.77 0.42 3.96
C GLY A 35 -7.13 0.60 3.29
N GLN A 36 -7.42 1.83 2.81
CA GLN A 36 -8.64 2.09 2.01
C GLN A 36 -8.71 1.16 0.81
N TYR A 37 -7.66 1.09 0.00
CA TYR A 37 -7.63 0.28 -1.22
C TYR A 37 -7.89 -1.20 -0.96
N ILE A 38 -7.26 -1.76 0.07
CA ILE A 38 -7.47 -3.17 0.47
C ILE A 38 -8.93 -3.39 0.89
N MET A 39 -9.50 -2.49 1.71
CA MET A 39 -10.92 -2.56 2.10
C MET A 39 -11.89 -2.34 0.91
N VAL A 40 -11.56 -1.45 -0.03
CA VAL A 40 -12.43 -1.03 -1.14
C VAL A 40 -12.44 -2.05 -2.28
N LYS A 41 -11.28 -2.62 -2.63
CA LYS A 41 -11.17 -3.75 -3.57
C LYS A 41 -11.42 -5.11 -2.91
N GLN A 42 -11.45 -5.20 -1.57
CA GLN A 42 -11.79 -6.41 -0.79
C GLN A 42 -10.70 -7.50 -0.85
N LEU A 43 -9.48 -7.06 -0.54
CA LEU A 43 -8.23 -7.82 -0.55
C LEU A 43 -7.93 -8.41 0.84
N TYR A 44 -8.92 -8.91 1.56
CA TYR A 44 -8.77 -9.39 2.95
C TYR A 44 -9.77 -10.52 3.30
N ASP A 45 -9.56 -11.21 4.42
CA ASP A 45 -10.52 -12.19 4.97
C ASP A 45 -11.52 -11.52 5.93
N GLN A 46 -12.82 -11.81 5.78
CA GLN A 46 -13.87 -11.15 6.55
C GLN A 46 -13.90 -11.47 8.05
N GLN A 47 -13.20 -12.50 8.51
CA GLN A 47 -13.01 -12.83 9.94
C GLN A 47 -11.55 -12.65 10.39
N GLU A 48 -10.57 -12.87 9.50
CA GLU A 48 -9.16 -12.55 9.70
C GLU A 48 -8.84 -11.18 9.05
N GLN A 49 -9.49 -10.12 9.53
CA GLN A 49 -9.45 -8.79 8.88
C GLN A 49 -8.07 -8.13 8.92
N HIS A 50 -7.22 -8.54 9.87
CA HIS A 50 -5.80 -8.17 9.96
C HIS A 50 -4.90 -8.89 8.94
N MET A 51 -5.42 -9.92 8.26
CA MET A 51 -4.75 -10.70 7.23
C MET A 51 -5.19 -10.25 5.83
N VAL A 52 -4.22 -9.94 4.97
CA VAL A 52 -4.43 -9.43 3.61
C VAL A 52 -4.32 -10.59 2.62
N TYR A 53 -5.21 -10.60 1.64
CA TYR A 53 -5.39 -11.61 0.61
C TYR A 53 -5.60 -10.95 -0.76
N CYS A 54 -4.49 -10.42 -1.28
CA CYS A 54 -4.31 -9.91 -2.64
C CYS A 54 -4.06 -11.03 -3.68
N GLY A 55 -4.72 -12.18 -3.52
CA GLY A 55 -4.50 -13.47 -4.22
C GLY A 55 -4.22 -13.44 -5.74
N GLY A 56 -4.77 -12.46 -6.46
CA GLY A 56 -4.44 -12.16 -7.86
C GLY A 56 -4.55 -10.67 -8.20
N ASP A 57 -4.38 -9.80 -7.19
CA ASP A 57 -4.67 -8.37 -7.26
C ASP A 57 -3.41 -7.52 -7.48
N LEU A 58 -3.56 -6.39 -8.18
CA LEU A 58 -2.43 -5.57 -8.67
C LEU A 58 -1.47 -5.14 -7.56
N LEU A 59 -1.98 -4.77 -6.38
CA LEU A 59 -1.15 -4.41 -5.22
C LEU A 59 -0.27 -5.60 -4.77
N GLY A 60 -0.82 -6.81 -4.71
CA GLY A 60 -0.09 -8.03 -4.34
C GLY A 60 0.92 -8.48 -5.38
N GLU A 61 0.57 -8.35 -6.66
CA GLU A 61 1.46 -8.66 -7.80
C GLU A 61 2.69 -7.73 -7.80
N LEU A 62 2.45 -6.43 -7.67
CA LEU A 62 3.52 -5.41 -7.65
C LEU A 62 4.34 -5.42 -6.35
N LEU A 63 3.74 -5.76 -5.19
CA LEU A 63 4.50 -5.93 -3.93
C LEU A 63 5.31 -7.23 -3.91
N GLY A 64 4.84 -8.26 -4.63
CA GLY A 64 5.53 -9.55 -4.80
C GLY A 64 5.13 -10.60 -3.76
N ARG A 65 4.19 -10.26 -2.86
CA ARG A 65 3.52 -11.19 -1.93
C ARG A 65 2.02 -10.98 -2.03
N GLN A 66 1.27 -12.04 -2.33
CA GLN A 66 -0.19 -11.96 -2.46
C GLN A 66 -0.92 -12.11 -1.11
N SER A 67 -0.20 -12.33 -0.01
CA SER A 67 -0.71 -12.29 1.36
C SER A 67 0.36 -11.84 2.38
N PHE A 68 -0.08 -11.09 3.39
CA PHE A 68 0.72 -10.58 4.52
C PHE A 68 -0.23 -10.19 5.67
N SER A 69 0.31 -9.81 6.83
CA SER A 69 -0.46 -9.43 8.03
C SER A 69 0.03 -8.12 8.63
N VAL A 70 -0.79 -7.44 9.43
CA VAL A 70 -0.35 -6.29 10.27
C VAL A 70 0.67 -6.72 11.34
N LYS A 71 0.74 -8.01 11.65
CA LYS A 71 1.79 -8.66 12.49
C LYS A 71 2.97 -9.22 11.69
N ASP A 72 2.89 -9.13 10.36
CA ASP A 72 3.93 -9.57 9.41
C ASP A 72 4.03 -8.65 8.15
N PRO A 73 4.26 -7.33 8.31
CA PRO A 73 4.31 -6.36 7.21
C PRO A 73 5.67 -6.33 6.48
N SER A 74 6.54 -7.32 6.70
CA SER A 74 7.92 -7.36 6.17
C SER A 74 8.03 -7.22 4.65
N PRO A 75 7.24 -7.94 3.80
CA PRO A 75 7.28 -7.74 2.35
C PRO A 75 6.71 -6.37 1.93
N LEU A 76 5.83 -5.76 2.75
CA LEU A 76 5.23 -4.45 2.47
C LEU A 76 6.28 -3.34 2.64
N TYR A 77 6.95 -3.27 3.79
CA TYR A 77 8.01 -2.27 4.01
C TYR A 77 9.17 -2.44 3.02
N ASP A 78 9.56 -3.68 2.71
CA ASP A 78 10.60 -3.98 1.73
C ASP A 78 10.24 -3.50 0.33
N MET A 79 9.01 -3.76 -0.13
CA MET A 79 8.55 -3.23 -1.42
C MET A 79 8.47 -1.70 -1.43
N LEU A 80 8.04 -1.08 -0.34
CA LEU A 80 7.84 0.36 -0.27
C LEU A 80 9.19 1.06 -0.37
N ARG A 81 10.21 0.67 0.41
CA ARG A 81 11.58 1.22 0.31
C ARG A 81 12.28 0.90 -1.02
N LYS A 82 11.76 -0.03 -1.84
CA LYS A 82 12.23 -0.32 -3.21
C LYS A 82 11.45 0.41 -4.32
N ASN A 83 10.32 1.03 -3.98
CA ASN A 83 9.48 1.82 -4.89
C ASN A 83 9.57 3.31 -4.53
N LEU A 84 9.07 3.63 -3.35
CA LEU A 84 9.12 4.96 -2.72
C LEU A 84 10.52 5.24 -2.15
N VAL A 85 10.82 6.53 -1.95
CA VAL A 85 12.00 6.93 -1.15
C VAL A 85 11.71 6.58 0.33
N THR A 86 12.73 6.47 1.17
CA THR A 86 12.53 6.11 2.60
C THR A 86 11.70 7.19 3.31
N LEU A 87 10.59 6.77 3.96
CA LEU A 87 9.71 7.62 4.77
C LEU A 87 9.63 7.13 6.22
N ALA A 88 9.31 8.03 7.15
CA ALA A 88 9.17 7.73 8.57
C ALA A 88 8.26 8.74 9.30
N THR A 89 7.81 8.38 10.51
CA THR A 89 6.88 9.16 11.35
C THR A 89 7.09 8.94 12.85
N 48L B . -3.85 -1.07 10.77
CG1 48L B . -3.28 -0.58 7.53
CG2 48L B . -1.68 0.02 9.94
CG3 48L B . -5.65 -2.68 10.46
CD1 48L B . -2.84 -1.90 7.59
CD2 48L B . -3.10 0.13 6.34
CD3 48L B . -0.97 -1.17 10.14
CD4 48L B . -0.98 1.19 9.61
CD5 48L B . -5.51 -3.24 11.73
CD6 48L B . -6.45 -3.34 9.52
CE1 48L B . -2.21 -2.49 6.50
CE2 48L B . -2.48 -0.46 5.25
CE3 48L B . 0.40 1.18 9.49
CE4 48L B . 0.43 -1.17 9.99
CE5 48L B . -6.26 -4.35 12.11
CE6 48L B . -7.22 -4.45 9.91
CZ1 48L B . -2.03 -1.77 5.33
CZ2 48L B . 1.11 0.00 9.68
CZ3 48L B . -7.15 -4.94 11.20
CL 48L B . -1.27 -2.48 3.95
CM1 48L B . -8.31 -6.31 12.91
CM2 48L B . -5.21 -4.88 7.25
CM3 48L B . -6.17 -3.01 5.83
C1 48L B . -10.10 -0.76 9.06
N1 48L B . -10.02 -1.16 10.34
O1 48L B . -11.19 -0.79 8.53
C2 48L B . -8.79 -1.10 11.15
N2 48L B . -7.56 -0.32 9.11
C3 48L B . -7.75 -0.12 10.57
N3 48L B . -5.23 -0.57 9.05
O3 48L B . -7.96 -6.00 11.54
C4 48L B . -8.84 -0.29 8.35
C5 48L B . -6.37 -0.17 8.46
O5 48L B . -6.37 0.34 7.36
C6 48L B . -4.93 -1.39 10.16
O6 48L B . -6.45 -2.97 8.20
C7 48L B . -3.20 0.06 10.06
C8 48L B . -3.97 0.10 8.72
C9 48L B . -6.39 -3.88 7.07
BR 48L B . 1.38 -2.80 10.21
F 48L B . -1.64 2.34 9.40
HD1 48L B . -2.99 -2.48 8.50
HD2 48L B . -3.48 1.15 6.24
HD3 48L B . -1.48 -2.09 10.39
HD5 48L B . -4.85 -2.78 12.46
HE1 48L B . -1.87 -3.53 6.56
HE2 48L B . -2.35 0.11 4.34
HE3 48L B . 0.93 2.10 9.24
HE5 48L B . -6.15 -4.75 13.11
HE6 48L B . -7.88 -4.93 9.20
HZ2 48L B . 2.19 -0.02 9.58
HM11 48L B . -9.01 -7.14 12.92
HM12 48L B . -7.42 -6.59 13.47
HM13 48L B . -8.78 -5.44 13.37
HM21 48L B . -5.12 -5.50 6.37
HM22 48L B . -4.28 -4.34 7.39
HM23 48L B . -5.38 -5.53 8.11
HM31 48L B . -6.12 -3.63 4.93
HM32 48L B . -6.98 -2.30 5.72
HM33 48L B . -5.23 -2.44 5.92
HN1 48L B . -10.86 -1.49 10.78
H21 48L B . -9.05 -0.79 12.17
H22 48L B . -8.36 -2.11 11.19
H31 48L B . -8.11 0.89 10.71
H32 48L B . -6.82 -0.21 11.13
H41 48L B . -8.75 -0.92 7.47
H42 48L B . -9.04 0.74 8.03
H7 48L B . -3.48 0.97 10.62
H8 48L B . -4.17 1.16 8.47
H9 48L B . -7.33 -4.42 7.00
N GLN A 1 0.66 22.50 4.65
CA GLN A 1 0.24 21.27 5.31
C GLN A 1 0.79 19.99 4.64
N ILE A 2 1.71 20.18 3.70
CA ILE A 2 2.27 19.14 2.82
C ILE A 2 3.74 18.91 3.16
N ASN A 3 4.15 17.64 3.17
CA ASN A 3 5.49 17.20 3.55
C ASN A 3 6.18 16.42 2.42
N GLN A 4 7.50 16.23 2.55
CA GLN A 4 8.34 15.71 1.50
C GLN A 4 8.24 14.19 1.35
N VAL A 5 8.13 13.76 0.10
CA VAL A 5 8.13 12.36 -0.36
C VAL A 5 8.40 12.27 -1.88
N ARG A 6 8.60 11.05 -2.38
CA ARG A 6 8.62 10.73 -3.81
C ARG A 6 8.27 9.23 -4.00
N PRO A 7 7.10 8.88 -4.56
CA PRO A 7 6.65 7.50 -4.81
C PRO A 7 7.17 6.97 -6.17
N LYS A 8 6.79 5.72 -6.51
CA LYS A 8 7.04 5.10 -7.83
C LYS A 8 5.71 4.86 -8.56
N LEU A 9 5.69 4.95 -9.90
CA LEU A 9 4.46 4.98 -10.71
C LEU A 9 3.46 3.83 -10.47
N PRO A 10 3.86 2.53 -10.47
CA PRO A 10 2.91 1.43 -10.23
C PRO A 10 2.35 1.36 -8.80
N LEU A 11 2.87 2.16 -7.86
CA LEU A 11 2.36 2.33 -6.50
C LEU A 11 1.57 3.64 -6.38
N LEU A 12 2.06 4.75 -6.92
CA LEU A 12 1.34 6.03 -7.08
C LEU A 12 -0.06 5.83 -7.68
N LYS A 13 -0.21 4.99 -8.71
CA LYS A 13 -1.54 4.73 -9.30
C LYS A 13 -2.49 3.99 -8.35
N ILE A 14 -1.98 3.16 -7.42
CA ILE A 14 -2.79 2.61 -6.30
C ILE A 14 -3.28 3.78 -5.44
N LEU A 15 -2.40 4.75 -5.18
CA LEU A 15 -2.68 5.90 -4.33
C LEU A 15 -3.74 6.84 -4.92
N HIS A 16 -3.63 7.21 -6.19
CA HIS A 16 -4.68 7.93 -6.92
C HIS A 16 -6.00 7.13 -6.93
N ALA A 17 -5.96 5.84 -7.30
CA ALA A 17 -7.16 4.99 -7.43
C ALA A 17 -7.88 4.75 -6.09
N ALA A 18 -7.13 4.72 -4.98
CA ALA A 18 -7.69 4.70 -3.62
C ALA A 18 -8.44 5.99 -3.20
N GLY A 19 -8.31 7.07 -3.98
CA GLY A 19 -9.00 8.34 -3.78
C GLY A 19 -8.10 9.59 -3.84
N ALA A 20 -6.78 9.43 -3.98
CA ALA A 20 -5.85 10.55 -4.04
C ALA A 20 -5.76 11.22 -5.44
N GLN A 21 -4.85 12.17 -5.52
CA GLN A 21 -4.48 13.05 -6.64
C GLN A 21 -3.26 13.88 -6.19
N GLY A 22 -2.24 14.02 -7.03
CA GLY A 22 -0.97 14.68 -6.68
C GLY A 22 -0.05 13.78 -5.83
N GLU A 23 1.02 13.27 -6.47
CA GLU A 23 1.94 12.24 -5.97
C GLU A 23 2.92 12.66 -4.84
N MET A 24 2.46 13.47 -3.89
CA MET A 24 3.29 14.01 -2.79
C MET A 24 2.75 13.60 -1.39
N PHE A 25 2.16 12.41 -1.29
CA PHE A 25 1.61 11.82 -0.06
C PHE A 25 2.67 11.05 0.77
N THR A 26 2.88 11.43 2.04
CA THR A 26 3.88 10.84 2.97
C THR A 26 3.44 9.46 3.50
N VAL A 27 4.28 8.72 4.23
CA VAL A 27 3.97 7.30 4.61
C VAL A 27 2.66 7.14 5.38
N LYS A 28 2.31 8.12 6.23
CA LYS A 28 1.02 8.18 6.93
C LYS A 28 -0.17 8.23 5.95
N GLU A 29 -0.04 9.02 4.89
CA GLU A 29 -1.03 9.12 3.81
C GLU A 29 -1.04 7.86 2.93
N VAL A 30 0.15 7.36 2.52
CA VAL A 30 0.31 6.12 1.74
C VAL A 30 -0.39 4.94 2.42
N MET A 31 -0.14 4.75 3.72
CA MET A 31 -0.76 3.66 4.49
C MET A 31 -2.27 3.83 4.60
N HIS A 32 -2.76 5.04 4.87
CA HIS A 32 -4.21 5.34 4.87
C HIS A 32 -4.87 4.99 3.53
N TYR A 33 -4.25 5.35 2.41
CA TYR A 33 -4.72 4.97 1.07
C TYR A 33 -4.64 3.46 0.81
N LEU A 34 -3.61 2.76 1.28
CA LEU A 34 -3.51 1.29 1.15
C LEU A 34 -4.61 0.57 1.92
N GLY A 35 -4.89 0.99 3.16
CA GLY A 35 -5.96 0.39 3.98
C GLY A 35 -7.34 0.53 3.31
N GLN A 36 -7.64 1.74 2.81
CA GLN A 36 -8.88 2.00 2.06
C GLN A 36 -8.95 1.14 0.80
N TYR A 37 -7.87 1.12 0.02
CA TYR A 37 -7.79 0.35 -1.22
C TYR A 37 -8.02 -1.16 -1.00
N ILE A 38 -7.42 -1.72 0.04
CA ILE A 38 -7.59 -3.13 0.47
C ILE A 38 -9.06 -3.38 0.86
N MET A 39 -9.68 -2.50 1.65
CA MET A 39 -11.11 -2.59 1.97
C MET A 39 -12.02 -2.38 0.75
N VAL A 40 -11.64 -1.53 -0.22
CA VAL A 40 -12.43 -1.20 -1.42
C VAL A 40 -12.48 -2.35 -2.42
N LYS A 41 -11.33 -2.98 -2.70
CA LYS A 41 -11.25 -4.21 -3.51
C LYS A 41 -11.57 -5.48 -2.72
N GLN A 42 -11.61 -5.42 -1.38
CA GLN A 42 -11.92 -6.54 -0.47
C GLN A 42 -10.82 -7.62 -0.45
N LEU A 43 -9.57 -7.15 -0.37
CA LEU A 43 -8.35 -7.97 -0.31
C LEU A 43 -8.07 -8.44 1.12
N TYR A 44 -9.06 -8.91 1.85
CA TYR A 44 -8.92 -9.37 3.24
C TYR A 44 -9.93 -10.47 3.61
N ASP A 45 -9.74 -11.15 4.74
CA ASP A 45 -10.69 -12.13 5.29
C ASP A 45 -11.63 -11.49 6.33
N GLN A 46 -12.92 -11.83 6.31
CA GLN A 46 -13.92 -11.21 7.18
C GLN A 46 -13.82 -11.57 8.67
N GLN A 47 -13.12 -12.66 9.02
CA GLN A 47 -12.84 -13.08 10.40
C GLN A 47 -11.35 -12.86 10.76
N GLU A 48 -10.45 -12.98 9.78
CA GLU A 48 -9.02 -12.65 9.92
C GLU A 48 -8.72 -11.28 9.31
N GLN A 49 -9.38 -10.24 9.84
CA GLN A 49 -9.32 -8.87 9.28
C GLN A 49 -7.92 -8.23 9.38
N HIS A 50 -7.08 -8.73 10.31
CA HIS A 50 -5.66 -8.42 10.42
C HIS A 50 -4.81 -8.95 9.25
N MET A 51 -5.35 -9.89 8.47
CA MET A 51 -4.69 -10.60 7.39
C MET A 51 -5.19 -10.12 6.02
N VAL A 52 -4.25 -9.80 5.13
CA VAL A 52 -4.51 -9.32 3.77
C VAL A 52 -4.41 -10.50 2.80
N TYR A 53 -5.34 -10.55 1.86
CA TYR A 53 -5.52 -11.58 0.84
C TYR A 53 -5.75 -10.94 -0.53
N CYS A 54 -4.68 -10.30 -1.02
CA CYS A 54 -4.55 -9.69 -2.35
C CYS A 54 -4.16 -10.71 -3.45
N GLY A 55 -4.74 -11.92 -3.38
CA GLY A 55 -4.42 -13.15 -4.14
C GLY A 55 -4.13 -13.01 -5.64
N GLY A 56 -4.78 -12.07 -6.33
CA GLY A 56 -4.54 -11.74 -7.74
C GLY A 56 -4.58 -10.24 -8.03
N ASP A 57 -4.41 -9.37 -7.04
CA ASP A 57 -4.52 -7.92 -7.22
C ASP A 57 -3.20 -7.26 -7.64
N LEU A 58 -3.27 -6.20 -8.45
CA LEU A 58 -2.10 -5.42 -8.89
C LEU A 58 -1.30 -4.85 -7.69
N LEU A 59 -1.95 -4.53 -6.57
CA LEU A 59 -1.30 -4.17 -5.30
C LEU A 59 -0.43 -5.32 -4.76
N GLY A 60 -0.99 -6.53 -4.66
CA GLY A 60 -0.24 -7.74 -4.24
C GLY A 60 0.90 -8.14 -5.20
N GLU A 61 0.66 -8.04 -6.50
CA GLU A 61 1.67 -8.28 -7.55
C GLU A 61 2.85 -7.30 -7.45
N LEU A 62 2.52 -6.01 -7.34
CA LEU A 62 3.49 -4.93 -7.15
C LEU A 62 4.30 -5.11 -5.86
N LEU A 63 3.64 -5.40 -4.73
CA LEU A 63 4.33 -5.59 -3.45
C LEU A 63 5.17 -6.88 -3.45
N GLY A 64 4.78 -7.87 -4.26
CA GLY A 64 5.51 -9.13 -4.46
C GLY A 64 5.12 -10.24 -3.48
N ARG A 65 4.11 -10.00 -2.63
CA ARG A 65 3.47 -11.00 -1.77
C ARG A 65 1.96 -10.82 -1.87
N GLN A 66 1.22 -11.88 -2.18
CA GLN A 66 -0.25 -11.82 -2.36
C GLN A 66 -1.03 -12.08 -1.05
N SER A 67 -0.32 -12.22 0.07
CA SER A 67 -0.87 -12.23 1.43
C SER A 67 0.20 -11.82 2.46
N PHE A 68 -0.21 -11.04 3.46
CA PHE A 68 0.62 -10.56 4.58
C PHE A 68 -0.26 -10.16 5.77
N SER A 69 0.30 -10.09 6.98
CA SER A 69 -0.41 -9.64 8.19
C SER A 69 -0.03 -8.21 8.56
N VAL A 70 -0.96 -7.46 9.16
CA VAL A 70 -0.68 -6.15 9.76
C VAL A 70 0.33 -6.24 10.93
N LYS A 71 0.45 -7.41 11.55
CA LYS A 71 1.44 -7.75 12.59
C LYS A 71 2.80 -8.16 12.01
N ASP A 72 2.87 -8.46 10.70
CA ASP A 72 4.09 -8.85 9.99
C ASP A 72 4.18 -8.16 8.60
N PRO A 73 4.43 -6.84 8.55
CA PRO A 73 4.57 -6.05 7.32
C PRO A 73 5.93 -6.23 6.63
N SER A 74 6.61 -7.36 6.83
CA SER A 74 7.97 -7.63 6.30
C SER A 74 8.12 -7.45 4.78
N PRO A 75 7.22 -7.99 3.91
CA PRO A 75 7.26 -7.72 2.48
C PRO A 75 6.84 -6.28 2.13
N LEU A 76 6.05 -5.62 2.99
CA LEU A 76 5.54 -4.27 2.77
C LEU A 76 6.63 -3.20 2.95
N TYR A 77 7.49 -3.33 3.97
CA TYR A 77 8.68 -2.47 4.09
C TYR A 77 9.66 -2.68 2.93
N ASP A 78 9.86 -3.93 2.51
CA ASP A 78 10.73 -4.22 1.37
C ASP A 78 10.20 -3.61 0.07
N MET A 79 8.87 -3.67 -0.14
CA MET A 79 8.23 -3.03 -1.29
C MET A 79 8.31 -1.50 -1.23
N LEU A 80 8.12 -0.87 -0.07
CA LEU A 80 8.10 0.59 0.01
C LEU A 80 9.52 1.11 -0.21
N ARG A 81 10.54 0.47 0.37
CA ARG A 81 11.96 0.82 0.19
C ARG A 81 12.48 0.62 -1.25
N LYS A 82 11.77 -0.13 -2.10
CA LYS A 82 12.06 -0.24 -3.55
C LYS A 82 11.13 0.57 -4.46
N ASN A 83 10.13 1.25 -3.88
CA ASN A 83 9.23 2.16 -4.60
C ASN A 83 9.49 3.62 -4.17
N LEU A 84 9.06 3.93 -2.96
CA LEU A 84 9.27 5.21 -2.28
C LEU A 84 10.76 5.47 -1.98
N VAL A 85 11.11 6.74 -1.78
CA VAL A 85 12.44 7.18 -1.27
C VAL A 85 12.60 6.99 0.24
N THR A 86 12.20 5.81 0.75
CA THR A 86 12.46 5.38 2.13
C THR A 86 11.88 6.33 3.19
N LEU A 87 10.55 6.46 3.19
CA LEU A 87 9.80 7.13 4.26
C LEU A 87 9.42 6.10 5.33
N ALA A 88 9.58 6.48 6.60
CA ALA A 88 9.40 5.60 7.75
C ALA A 88 8.75 6.35 8.94
N THR A 89 8.04 5.61 9.80
CA THR A 89 7.24 6.16 10.92
C THR A 89 7.18 5.23 12.14
N 48L B . -3.96 -0.48 10.83
CG1 48L B . -3.52 -0.35 7.51
CG2 48L B . -1.98 0.75 9.76
CG3 48L B . -5.45 -2.39 10.78
CD1 48L B . -3.11 -1.68 7.61
CD2 48L B . -3.26 0.35 6.32
CD3 48L B . -1.14 -0.35 9.95
CD4 48L B . -1.41 1.98 9.40
CD5 48L B . -5.20 -2.75 12.11
CD6 48L B . -6.11 -3.32 9.95
CE1 48L B . -2.44 -2.30 6.55
CE2 48L B . -2.60 -0.27 5.26
CE3 48L B . -0.04 2.12 9.26
CE4 48L B . 0.24 -0.22 9.78
CE5 48L B . -5.72 -3.92 12.64
CE6 48L B . -6.63 -4.49 10.50
CZ1 48L B . -2.20 -1.59 5.38
CZ2 48L B . 0.79 1.01 9.45
CZ3 48L B . -6.46 -4.79 11.84
CL 48L B . -1.37 -2.35 4.08
CM1 48L B . -7.10 -6.27 13.72
CM2 48L B . -5.05 -5.14 7.68
CM3 48L B . -6.20 -3.45 6.21
C1 48L B . -10.16 -1.56 9.22
N1 48L B . -10.01 -1.78 10.54
O1 48L B . -11.23 -1.88 8.71
C2 48L B . -8.83 -1.38 11.31
N2 48L B . -7.76 -0.63 9.17
C3 48L B . -7.99 -0.30 10.59
N3 48L B . -5.42 -0.44 9.09
O3 48L B . -7.02 -5.96 12.31
C4 48L B . -9.01 -0.94 8.43
C5 48L B . -6.62 -0.34 8.48
O5 48L B . -6.70 0.04 7.33
C6 48L B . -4.97 -1.05 10.30
O6 48L B . -6.13 -3.13 8.58
C7 48L B . -3.49 0.62 9.93
C8 48L B . -4.29 0.36 8.63
C9 48L B . -6.24 -4.16 7.57
BR 48L B . 1.36 -1.73 9.99
F 48L B . -2.20 3.05 9.19
HD1 48L B . -3.33 -2.24 8.51
HD2 48L B . -3.60 1.38 6.23
HD3 48L B . -1.55 -1.31 10.23
HD5 48L B . -4.66 -2.07 12.77
HE1 48L B . -2.13 -3.33 6.64
HE2 48L B . -2.39 0.29 4.36
HE3 48L B . 0.38 3.09 9.00
HE5 48L B . -5.54 -4.14 13.69
HE6 48L B . -7.17 -5.18 9.87
HZ2 48L B . 1.88 1.11 9.33
HM11 48L B . -7.66 -5.48 14.23
HM12 48L B . -7.63 -7.22 13.83
HM13 48L B . -6.10 -6.36 14.14
HM21 48L B . -5.11 -5.88 6.88
HM22 48L B . -4.10 -4.62 7.60
HM23 48L B . -5.08 -5.68 8.62
HM31 48L B . -6.34 -4.16 5.40
HM32 48L B . -6.99 -2.70 6.15
HM33 48L B . -5.25 -2.94 6.05
HN1 48L B . -10.78 -2.20 11.02
H21 48L B . -9.15 -1.00 12.29
H22 48L B . -8.20 -2.26 11.48
H31 48L B . -8.55 0.64 10.62
H32 48L B . -7.07 -0.12 11.15
H41 48L B . -8.79 -1.64 7.64
H42 48L B . -9.40 -0.02 8.00
H7 48L B . -3.87 1.55 10.37
H8 48L B . -4.66 1.33 8.27
H9 48L B . -7.19 -4.68 7.69
N GLN A 1 0.77 19.54 7.14
CA GLN A 1 0.86 19.48 5.67
C GLN A 1 1.89 18.44 5.19
N ILE A 2 1.95 18.22 3.88
CA ILE A 2 2.88 17.29 3.22
C ILE A 2 4.34 17.72 3.51
N ASN A 3 5.13 16.79 4.04
CA ASN A 3 6.58 16.98 4.28
C ASN A 3 7.38 16.34 3.12
N GLN A 4 8.15 15.28 3.36
CA GLN A 4 8.91 14.57 2.34
C GLN A 4 8.07 13.44 1.73
N VAL A 5 8.10 13.34 0.42
CA VAL A 5 7.54 12.22 -0.36
C VAL A 5 8.07 12.18 -1.78
N ARG A 6 8.20 10.96 -2.32
CA ARG A 6 8.40 10.67 -3.74
C ARG A 6 8.12 9.17 -4.01
N PRO A 7 7.09 8.80 -4.80
CA PRO A 7 6.68 7.41 -5.01
C PRO A 7 7.22 6.81 -6.31
N LYS A 8 6.88 5.53 -6.55
CA LYS A 8 7.08 4.83 -7.83
C LYS A 8 5.78 4.88 -8.62
N LEU A 9 5.83 4.90 -9.95
CA LEU A 9 4.62 5.05 -10.78
C LEU A 9 3.56 3.94 -10.57
N PRO A 10 3.94 2.65 -10.41
CA PRO A 10 2.97 1.60 -10.09
C PRO A 10 2.26 1.78 -8.73
N LEU A 11 2.90 2.45 -7.77
CA LEU A 11 2.31 2.68 -6.43
C LEU A 11 1.53 4.00 -6.40
N LEU A 12 2.00 5.03 -7.10
CA LEU A 12 1.24 6.27 -7.37
C LEU A 12 -0.14 5.92 -7.97
N LYS A 13 -0.22 4.99 -8.93
CA LYS A 13 -1.49 4.54 -9.53
C LYS A 13 -2.43 3.88 -8.51
N ILE A 14 -1.93 3.05 -7.59
CA ILE A 14 -2.71 2.56 -6.44
C ILE A 14 -3.17 3.73 -5.57
N LEU A 15 -2.31 4.75 -5.38
CA LEU A 15 -2.60 5.92 -4.55
C LEU A 15 -3.73 6.78 -5.13
N HIS A 16 -3.69 7.08 -6.43
CA HIS A 16 -4.80 7.72 -7.15
C HIS A 16 -6.09 6.88 -7.05
N ALA A 17 -6.00 5.58 -7.35
CA ALA A 17 -7.16 4.69 -7.41
C ALA A 17 -7.85 4.49 -6.04
N ALA A 18 -7.08 4.55 -4.95
CA ALA A 18 -7.58 4.58 -3.58
C ALA A 18 -8.24 5.91 -3.14
N GLY A 19 -8.20 6.94 -3.98
CA GLY A 19 -8.86 8.24 -3.77
C GLY A 19 -7.97 9.47 -3.92
N ALA A 20 -6.65 9.32 -4.14
CA ALA A 20 -5.71 10.43 -4.24
C ALA A 20 -5.70 11.14 -5.62
N GLN A 21 -4.72 12.02 -5.74
CA GLN A 21 -4.41 12.97 -6.84
C GLN A 21 -2.98 13.48 -6.62
N GLY A 22 -2.25 13.76 -7.70
CA GLY A 22 -0.80 14.03 -7.65
C GLY A 22 -0.01 12.79 -7.22
N GLU A 23 1.29 12.95 -6.99
CA GLU A 23 2.16 11.90 -6.45
C GLU A 23 2.75 12.24 -5.08
N MET A 24 2.29 13.33 -4.46
CA MET A 24 2.95 13.87 -3.27
C MET A 24 2.07 13.69 -2.01
N PHE A 25 2.25 12.58 -1.29
CA PHE A 25 1.54 12.18 -0.06
C PHE A 25 2.47 11.46 0.95
N THR A 26 2.48 11.88 2.21
CA THR A 26 3.44 11.41 3.24
C THR A 26 3.09 10.01 3.80
N VAL A 27 3.90 9.45 4.72
CA VAL A 27 3.74 8.07 5.27
C VAL A 27 2.30 7.79 5.71
N LYS A 28 1.73 8.77 6.42
CA LYS A 28 0.38 8.76 7.00
C LYS A 28 -0.70 8.64 5.92
N GLU A 29 -0.55 9.43 4.85
CA GLU A 29 -1.44 9.44 3.69
C GLU A 29 -1.32 8.12 2.90
N VAL A 30 -0.09 7.68 2.61
CA VAL A 30 0.19 6.47 1.83
C VAL A 30 -0.38 5.22 2.50
N MET A 31 -0.13 5.03 3.80
CA MET A 31 -0.67 3.88 4.53
C MET A 31 -2.19 3.96 4.67
N HIS A 32 -2.76 5.16 4.88
CA HIS A 32 -4.22 5.36 4.88
C HIS A 32 -4.83 4.91 3.55
N TYR A 33 -4.32 5.42 2.42
CA TYR A 33 -4.77 5.02 1.08
C TYR A 33 -4.59 3.52 0.80
N LEU A 34 -3.49 2.90 1.25
CA LEU A 34 -3.29 1.45 1.12
C LEU A 34 -4.37 0.66 1.90
N GLY A 35 -4.68 1.10 3.12
CA GLY A 35 -5.74 0.53 3.94
C GLY A 35 -7.11 0.66 3.29
N GLN A 36 -7.45 1.85 2.78
CA GLN A 36 -8.69 2.06 2.00
C GLN A 36 -8.75 1.10 0.82
N TYR A 37 -7.69 1.04 0.00
CA TYR A 37 -7.66 0.21 -1.21
C TYR A 37 -7.88 -1.28 -0.93
N ILE A 38 -7.22 -1.82 0.10
CA ILE A 38 -7.41 -3.20 0.56
C ILE A 38 -8.86 -3.42 1.01
N MET A 39 -9.43 -2.52 1.82
CA MET A 39 -10.84 -2.62 2.24
C MET A 39 -11.85 -2.39 1.11
N VAL A 40 -11.52 -1.58 0.10
CA VAL A 40 -12.41 -1.21 -1.01
C VAL A 40 -12.51 -2.31 -2.07
N LYS A 41 -11.38 -2.93 -2.43
CA LYS A 41 -11.34 -4.13 -3.27
C LYS A 41 -11.51 -5.44 -2.49
N GLN A 42 -11.51 -5.40 -1.14
CA GLN A 42 -11.83 -6.52 -0.24
C GLN A 42 -10.76 -7.62 -0.28
N LEU A 43 -9.49 -7.19 -0.25
CA LEU A 43 -8.31 -8.05 -0.28
C LEU A 43 -7.96 -8.55 1.12
N TYR A 44 -8.93 -9.08 1.86
CA TYR A 44 -8.72 -9.64 3.20
C TYR A 44 -9.67 -10.82 3.51
N ASP A 45 -9.42 -11.56 4.59
CA ASP A 45 -10.30 -12.64 5.08
C ASP A 45 -11.30 -12.13 6.14
N GLN A 46 -12.56 -12.56 6.06
CA GLN A 46 -13.63 -12.09 6.94
C GLN A 46 -13.51 -12.51 8.42
N GLN A 47 -12.73 -13.55 8.73
CA GLN A 47 -12.42 -14.00 10.10
C GLN A 47 -10.98 -13.63 10.49
N GLU A 48 -10.05 -13.61 9.54
CA GLU A 48 -8.65 -13.17 9.73
C GLU A 48 -8.45 -11.77 9.13
N GLN A 49 -9.16 -10.77 9.68
CA GLN A 49 -9.24 -9.43 9.10
C GLN A 49 -7.91 -8.65 9.16
N HIS A 50 -6.99 -9.07 10.04
CA HIS A 50 -5.59 -8.62 10.11
C HIS A 50 -4.69 -9.22 9.02
N MET A 51 -5.17 -10.23 8.28
CA MET A 51 -4.47 -10.93 7.21
C MET A 51 -4.97 -10.43 5.84
N VAL A 52 -4.04 -10.08 4.95
CA VAL A 52 -4.31 -9.53 3.61
C VAL A 52 -4.23 -10.66 2.58
N TYR A 53 -5.16 -10.65 1.65
CA TYR A 53 -5.38 -11.64 0.59
C TYR A 53 -5.62 -10.94 -0.75
N CYS A 54 -4.55 -10.32 -1.24
CA CYS A 54 -4.38 -9.76 -2.59
C CYS A 54 -4.13 -10.86 -3.66
N GLY A 55 -4.74 -12.05 -3.51
CA GLY A 55 -4.48 -13.30 -4.26
C GLY A 55 -4.32 -13.20 -5.79
N GLY A 56 -5.08 -12.32 -6.43
CA GLY A 56 -4.98 -11.98 -7.85
C GLY A 56 -5.03 -10.46 -8.11
N ASP A 57 -4.68 -9.65 -7.12
CA ASP A 57 -4.89 -8.19 -7.15
C ASP A 57 -3.67 -7.42 -7.69
N LEU A 58 -3.95 -6.30 -8.37
CA LEU A 58 -2.95 -5.38 -8.90
C LEU A 58 -1.95 -4.91 -7.83
N LEU A 59 -2.39 -4.56 -6.61
CA LEU A 59 -1.48 -4.21 -5.51
C LEU A 59 -0.64 -5.41 -5.09
N GLY A 60 -1.21 -6.61 -4.98
CA GLY A 60 -0.46 -7.83 -4.61
C GLY A 60 0.66 -8.17 -5.62
N GLU A 61 0.35 -8.05 -6.91
CA GLU A 61 1.31 -8.25 -8.02
C GLU A 61 2.45 -7.23 -7.99
N LEU A 62 2.08 -5.94 -7.88
CA LEU A 62 3.03 -4.82 -7.86
C LEU A 62 3.89 -4.77 -6.58
N LEU A 63 3.32 -5.14 -5.42
CA LEU A 63 4.06 -5.29 -4.16
C LEU A 63 4.96 -6.55 -4.19
N GLY A 64 4.54 -7.59 -4.91
CA GLY A 64 5.31 -8.82 -5.12
C GLY A 64 5.02 -9.93 -4.10
N ARG A 65 4.05 -9.71 -3.21
CA ARG A 65 3.50 -10.74 -2.31
C ARG A 65 1.97 -10.62 -2.30
N GLN A 66 1.26 -11.70 -2.62
CA GLN A 66 -0.21 -11.69 -2.72
C GLN A 66 -0.90 -11.92 -1.36
N SER A 67 -0.14 -12.16 -0.29
CA SER A 67 -0.63 -12.20 1.10
C SER A 67 0.46 -11.77 2.09
N PHE A 68 0.03 -11.03 3.11
CA PHE A 68 0.86 -10.52 4.21
C PHE A 68 -0.03 -10.17 5.42
N SER A 69 0.53 -9.80 6.57
CA SER A 69 -0.22 -9.54 7.81
C SER A 69 0.10 -8.21 8.44
N VAL A 70 -0.86 -7.63 9.16
CA VAL A 70 -0.66 -6.47 10.04
C VAL A 70 0.38 -6.78 11.12
N LYS A 71 0.51 -8.05 11.51
CA LYS A 71 1.54 -8.57 12.46
C LYS A 71 2.84 -9.02 11.78
N ASP A 72 2.88 -9.05 10.44
CA ASP A 72 4.08 -9.38 9.64
C ASP A 72 4.11 -8.60 8.30
N PRO A 73 4.37 -7.27 8.34
CA PRO A 73 4.46 -6.39 7.16
C PRO A 73 5.82 -6.45 6.45
N SER A 74 6.61 -7.51 6.64
CA SER A 74 7.96 -7.66 6.07
C SER A 74 8.04 -7.46 4.54
N PRO A 75 7.22 -8.13 3.69
CA PRO A 75 7.20 -7.87 2.25
C PRO A 75 6.71 -6.46 1.90
N LEU A 76 5.89 -5.84 2.77
CA LEU A 76 5.38 -4.49 2.56
C LEU A 76 6.48 -3.44 2.79
N TYR A 77 7.24 -3.50 3.88
CA TYR A 77 8.40 -2.60 4.05
C TYR A 77 9.44 -2.81 2.95
N ASP A 78 9.69 -4.06 2.54
CA ASP A 78 10.63 -4.38 1.47
C ASP A 78 10.23 -3.77 0.12
N MET A 79 8.94 -3.87 -0.25
CA MET A 79 8.45 -3.22 -1.47
C MET A 79 8.47 -1.69 -1.34
N LEU A 80 8.04 -1.12 -0.20
CA LEU A 80 7.98 0.33 0.01
C LEU A 80 9.37 0.95 -0.13
N ARG A 81 10.39 0.39 0.54
CA ARG A 81 11.80 0.82 0.46
C ARG A 81 12.41 0.70 -0.95
N LYS A 82 11.83 -0.14 -1.83
CA LYS A 82 12.23 -0.27 -3.25
C LYS A 82 11.31 0.47 -4.24
N ASN A 83 10.25 1.12 -3.76
CA ASN A 83 9.33 1.92 -4.57
C ASN A 83 9.46 3.42 -4.23
N LEU A 84 9.16 3.73 -2.98
CA LEU A 84 9.10 5.08 -2.40
C LEU A 84 10.44 5.49 -1.76
N VAL A 85 10.57 6.77 -1.41
CA VAL A 85 11.71 7.32 -0.61
C VAL A 85 11.61 6.98 0.88
N THR A 86 11.52 5.69 1.21
CA THR A 86 11.63 5.16 2.58
C THR A 86 10.61 5.81 3.55
N LEU A 87 9.32 5.68 3.24
CA LEU A 87 8.24 6.18 4.10
C LEU A 87 8.00 5.20 5.28
N ALA A 88 8.41 5.62 6.48
CA ALA A 88 8.21 4.91 7.74
C ALA A 88 8.04 5.90 8.93
N THR A 89 7.30 5.50 9.95
CA THR A 89 6.97 6.34 11.12
C THR A 89 6.76 5.55 12.41
N 48L B . -3.75 -1.03 10.65
CG1 48L B . -3.17 -0.52 7.40
CG2 48L B . -1.63 0.12 9.81
CG3 48L B . -5.45 -2.74 10.39
CD1 48L B . -2.63 -1.80 7.46
CD2 48L B . -3.05 0.21 6.21
CD3 48L B . -0.87 -1.03 10.06
CD4 48L B . -0.97 1.30 9.45
CD5 48L B . -5.21 -3.26 11.68
CD6 48L B . -6.28 -3.47 9.53
CE1 48L B . -1.97 -2.36 6.37
CE2 48L B . -2.38 -0.35 5.12
CE3 48L B . 0.43 1.33 9.34
CE4 48L B . 0.51 -1.01 9.92
CE5 48L B . -5.86 -4.41 12.12
CE6 48L B . -6.95 -4.61 9.99
CZ1 48L B . -1.85 -1.63 5.20
CZ2 48L B . 1.17 0.17 9.57
CZ3 48L B . -6.75 -5.07 11.29
CL 48L B . -1.05 -2.29 3.81
CM1 48L B . -8.84 -6.12 11.91
CM2 48L B . -5.59 -2.94 5.93
CM3 48L B . -5.90 -5.24 6.96
C1 48L B . -10.00 -1.05 9.04
N1 48L B . -9.87 -1.41 10.33
O1 48L B . -11.10 -1.13 8.53
C2 48L B . -8.64 -1.27 11.10
N2 48L B . -7.48 -0.52 9.02
C3 48L B . -7.65 -0.27 10.47
N3 48L B . -5.13 -0.66 8.91
O3 48L B . -7.41 -6.17 11.75
C4 48L B . -8.77 -0.56 8.28
C5 48L B . -6.32 -0.31 8.34
O5 48L B . -6.35 0.20 7.24
C6 48L B . -4.79 -1.44 10.04
O6 48L B . -6.41 -3.18 8.20
C7 48L B . -3.15 0.12 9.92
C8 48L B . -3.93 0.10 8.57
C9 48L B . -5.51 -3.77 7.22
BR 48L B . 1.49 -2.61 10.19
F 48L B . -1.65 2.43 9.20
HD1 48L B . -2.73 -2.38 8.38
HD2 48L B . -3.48 1.20 6.12
HD3 48L B . -1.37 -1.96 10.35
HD5 48L B . -4.55 -2.73 12.36
HE1 48L B . -1.56 -3.36 6.43
HE2 48L B . -2.29 0.23 4.21
HE3 48L B . 0.93 2.25 9.06
HE5 48L B . -5.69 -4.77 13.13
HE6 48L B . -7.61 -5.16 9.32
HZ2 48L B . 2.25 0.18 9.46
HM11 48L B . -9.11 -5.30 12.56
HM12 48L B . -9.31 -5.97 10.92
HM13 48L B . -9.19 -7.06 12.34
HM21 48L B . -5.00 -3.41 5.13
HM22 48L B . -6.62 -2.85 5.58
HM23 48L B . -5.20 -1.95 6.09
HM31 48L B . -5.31 -5.65 6.14
HM32 48L B . -5.70 -5.85 7.84
HM33 48L B . -6.96 -5.32 6.71
HN1 48L B . -10.71 -1.73 10.79
H21 48L B . -8.89 -0.94 12.11
H22 48L B . -8.17 -2.25 11.17
H31 48L B . -8.06 0.73 10.59
H32 48L B . -6.71 -0.30 11.02
H41 48L B . -8.66 -1.24 7.43
H42 48L B . -9.01 0.43 7.91
H7 48L B . -3.47 1.02 10.47
H8 48L B . -4.19 1.14 8.33
H9 48L B . -4.49 -3.72 7.62
N GLN A 1 1.13 17.17 8.33
CA GLN A 1 0.79 17.15 6.90
C GLN A 1 1.99 16.74 6.02
N ILE A 2 1.74 16.62 4.71
CA ILE A 2 2.75 16.27 3.68
C ILE A 2 3.84 17.36 3.63
N ASN A 3 5.09 16.96 3.87
CA ASN A 3 6.26 17.86 3.84
C ASN A 3 7.12 17.66 2.60
N GLN A 4 7.66 16.46 2.45
CA GLN A 4 8.45 16.01 1.30
C GLN A 4 8.22 14.52 1.00
N VAL A 5 8.01 14.17 -0.27
CA VAL A 5 7.90 12.78 -0.76
C VAL A 5 8.05 12.67 -2.28
N ARG A 6 8.47 11.49 -2.77
CA ARG A 6 8.45 11.10 -4.19
C ARG A 6 8.13 9.60 -4.29
N PRO A 7 7.05 9.19 -4.97
CA PRO A 7 6.67 7.78 -5.12
C PRO A 7 7.22 7.17 -6.43
N LYS A 8 6.88 5.89 -6.68
CA LYS A 8 7.14 5.17 -7.94
C LYS A 8 5.82 4.91 -8.67
N LEU A 9 5.83 4.93 -10.00
CA LEU A 9 4.62 4.94 -10.85
C LEU A 9 3.60 3.81 -10.58
N PRO A 10 3.96 2.52 -10.61
CA PRO A 10 3.01 1.43 -10.31
C PRO A 10 2.52 1.37 -8.85
N LEU A 11 3.08 2.19 -7.94
CA LEU A 11 2.61 2.34 -6.55
C LEU A 11 1.74 3.60 -6.42
N LEU A 12 2.16 4.74 -7.00
CA LEU A 12 1.37 5.96 -7.20
C LEU A 12 -0.01 5.61 -7.78
N LYS A 13 -0.08 4.71 -8.78
CA LYS A 13 -1.35 4.26 -9.38
C LYS A 13 -2.27 3.54 -8.37
N ILE A 14 -1.71 2.80 -7.40
CA ILE A 14 -2.49 2.27 -6.26
C ILE A 14 -3.04 3.44 -5.44
N LEU A 15 -2.22 4.49 -5.25
CA LEU A 15 -2.56 5.66 -4.44
C LEU A 15 -3.69 6.50 -5.06
N HIS A 16 -3.63 6.79 -6.36
CA HIS A 16 -4.73 7.41 -7.10
C HIS A 16 -5.99 6.50 -7.08
N ALA A 17 -5.84 5.19 -7.34
CA ALA A 17 -6.97 4.25 -7.36
C ALA A 17 -7.64 4.06 -5.99
N ALA A 18 -6.88 4.23 -4.90
CA ALA A 18 -7.37 4.30 -3.53
C ALA A 18 -8.21 5.56 -3.20
N GLY A 19 -8.28 6.53 -4.13
CA GLY A 19 -9.06 7.76 -4.01
C GLY A 19 -8.23 9.05 -4.09
N ALA A 20 -6.89 8.96 -4.21
CA ALA A 20 -6.03 10.13 -4.35
C ALA A 20 -5.99 10.70 -5.78
N GLN A 21 -5.13 11.71 -5.93
CA GLN A 21 -4.82 12.52 -7.12
C GLN A 21 -3.62 13.42 -6.78
N GLY A 22 -2.67 13.56 -7.70
CA GLY A 22 -1.37 14.22 -7.45
C GLY A 22 -0.43 13.30 -6.67
N GLU A 23 0.75 13.00 -7.22
CA GLU A 23 1.71 12.00 -6.76
C GLU A 23 2.61 12.47 -5.60
N MET A 24 2.01 13.07 -4.58
CA MET A 24 2.71 13.55 -3.39
C MET A 24 1.87 13.25 -2.13
N PHE A 25 2.24 12.17 -1.43
CA PHE A 25 1.61 11.67 -0.19
C PHE A 25 2.67 10.95 0.65
N THR A 26 2.89 11.37 1.91
CA THR A 26 3.93 10.84 2.82
C THR A 26 3.53 9.48 3.40
N VAL A 27 4.40 8.76 4.13
CA VAL A 27 4.08 7.39 4.65
C VAL A 27 2.77 7.32 5.45
N LYS A 28 2.47 8.39 6.20
CA LYS A 28 1.22 8.59 6.94
C LYS A 28 -0.02 8.53 6.04
N GLU A 29 0.08 9.12 4.85
CA GLU A 29 -0.95 9.12 3.80
C GLU A 29 -0.93 7.81 3.00
N VAL A 30 0.25 7.32 2.61
CA VAL A 30 0.43 6.07 1.83
C VAL A 30 -0.19 4.88 2.55
N MET A 31 0.06 4.71 3.85
CA MET A 31 -0.50 3.58 4.60
C MET A 31 -2.02 3.70 4.76
N HIS A 32 -2.55 4.91 4.98
CA HIS A 32 -4.00 5.18 4.95
C HIS A 32 -4.64 4.76 3.62
N TYR A 33 -4.12 5.28 2.50
CA TYR A 33 -4.54 4.90 1.16
C TYR A 33 -4.41 3.39 0.90
N LEU A 34 -3.35 2.71 1.38
CA LEU A 34 -3.17 1.26 1.23
C LEU A 34 -4.25 0.48 2.00
N GLY A 35 -4.49 0.83 3.26
CA GLY A 35 -5.52 0.19 4.08
C GLY A 35 -6.91 0.38 3.50
N GLN A 36 -7.25 1.63 3.14
CA GLN A 36 -8.56 1.91 2.55
C GLN A 36 -8.71 1.30 1.15
N TYR A 37 -7.65 1.17 0.36
CA TYR A 37 -7.66 0.41 -0.91
C TYR A 37 -7.96 -1.07 -0.68
N ILE A 38 -7.31 -1.72 0.31
CA ILE A 38 -7.55 -3.13 0.66
C ILE A 38 -9.03 -3.31 1.07
N MET A 39 -9.59 -2.42 1.90
CA MET A 39 -11.01 -2.44 2.26
C MET A 39 -11.95 -2.16 1.06
N VAL A 40 -11.60 -1.25 0.14
CA VAL A 40 -12.44 -0.85 -0.99
C VAL A 40 -12.47 -1.93 -2.09
N LYS A 41 -11.30 -2.51 -2.39
CA LYS A 41 -11.16 -3.61 -3.35
C LYS A 41 -11.48 -4.98 -2.74
N GLN A 42 -11.55 -5.09 -1.40
CA GLN A 42 -11.91 -6.32 -0.66
C GLN A 42 -10.84 -7.41 -0.75
N LEU A 43 -9.61 -6.99 -0.47
CA LEU A 43 -8.37 -7.77 -0.50
C LEU A 43 -8.08 -8.42 0.86
N TYR A 44 -9.09 -8.93 1.57
CA TYR A 44 -8.92 -9.50 2.91
C TYR A 44 -9.94 -10.64 3.18
N ASP A 45 -9.71 -11.45 4.23
CA ASP A 45 -10.66 -12.49 4.67
C ASP A 45 -11.72 -11.93 5.63
N GLN A 46 -12.99 -12.32 5.46
CA GLN A 46 -14.10 -11.78 6.26
C GLN A 46 -14.11 -12.16 7.74
N GLN A 47 -13.39 -13.22 8.14
CA GLN A 47 -13.20 -13.65 9.53
C GLN A 47 -11.78 -13.38 10.03
N GLU A 48 -10.77 -13.43 9.15
CA GLU A 48 -9.38 -13.08 9.44
C GLU A 48 -9.06 -11.68 8.86
N GLN A 49 -9.76 -10.66 9.38
CA GLN A 49 -9.73 -9.30 8.81
C GLN A 49 -8.37 -8.59 8.97
N HIS A 50 -7.51 -9.09 9.88
CA HIS A 50 -6.10 -8.70 10.04
C HIS A 50 -5.17 -9.30 8.96
N MET A 51 -5.66 -10.25 8.19
CA MET A 51 -4.94 -10.98 7.14
C MET A 51 -5.37 -10.50 5.76
N VAL A 52 -4.39 -10.19 4.90
CA VAL A 52 -4.59 -9.61 3.57
C VAL A 52 -4.46 -10.71 2.53
N TYR A 53 -5.34 -10.68 1.54
CA TYR A 53 -5.51 -11.64 0.44
C TYR A 53 -5.70 -10.91 -0.88
N CYS A 54 -4.59 -10.33 -1.34
CA CYS A 54 -4.38 -9.73 -2.67
C CYS A 54 -4.18 -10.79 -3.79
N GLY A 55 -4.90 -11.93 -3.72
CA GLY A 55 -4.72 -13.15 -4.52
C GLY A 55 -4.53 -12.98 -6.05
N GLY A 56 -5.16 -11.95 -6.63
CA GLY A 56 -4.99 -11.55 -8.03
C GLY A 56 -4.87 -10.04 -8.24
N ASP A 57 -4.48 -9.27 -7.21
CA ASP A 57 -4.46 -7.80 -7.28
C ASP A 57 -3.10 -7.23 -7.69
N LEU A 58 -3.13 -6.10 -8.43
CA LEU A 58 -1.94 -5.33 -8.81
C LEU A 58 -1.07 -4.96 -7.61
N LEU A 59 -1.67 -4.64 -6.45
CA LEU A 59 -0.93 -4.39 -5.20
C LEU A 59 -0.14 -5.63 -4.76
N GLY A 60 -0.76 -6.82 -4.74
CA GLY A 60 -0.09 -8.06 -4.37
C GLY A 60 1.04 -8.46 -5.33
N GLU A 61 0.83 -8.26 -6.63
CA GLU A 61 1.82 -8.52 -7.69
C GLU A 61 3.06 -7.62 -7.52
N LEU A 62 2.83 -6.31 -7.34
CA LEU A 62 3.90 -5.31 -7.19
C LEU A 62 4.62 -5.40 -5.82
N LEU A 63 3.92 -5.76 -4.74
CA LEU A 63 4.56 -6.02 -3.44
C LEU A 63 5.32 -7.36 -3.43
N GLY A 64 4.88 -8.31 -4.27
CA GLY A 64 5.55 -9.60 -4.48
C GLY A 64 5.03 -10.71 -3.58
N ARG A 65 4.10 -10.38 -2.66
CA ARG A 65 3.33 -11.33 -1.86
C ARG A 65 1.85 -11.05 -2.07
N GLN A 66 1.08 -12.06 -2.48
CA GLN A 66 -0.37 -11.93 -2.62
C GLN A 66 -1.09 -12.16 -1.27
N SER A 67 -0.35 -12.42 -0.18
CA SER A 67 -0.87 -12.43 1.19
C SER A 67 0.18 -12.05 2.24
N PHE A 68 -0.24 -11.28 3.24
CA PHE A 68 0.55 -10.80 4.38
C PHE A 68 -0.39 -10.45 5.54
N SER A 69 0.14 -10.21 6.74
CA SER A 69 -0.64 -9.86 7.94
C SER A 69 -0.30 -8.47 8.47
N VAL A 70 -1.24 -7.84 9.17
CA VAL A 70 -0.99 -6.61 9.93
C VAL A 70 0.10 -6.85 11.01
N LYS A 71 0.23 -8.10 11.49
CA LYS A 71 1.29 -8.55 12.42
C LYS A 71 2.58 -9.03 11.73
N ASP A 72 2.59 -9.13 10.39
CA ASP A 72 3.73 -9.52 9.57
C ASP A 72 3.73 -8.81 8.18
N PRO A 73 3.86 -7.46 8.15
CA PRO A 73 3.73 -6.64 6.93
C PRO A 73 5.04 -6.51 6.12
N SER A 74 6.08 -7.28 6.45
CA SER A 74 7.45 -7.14 5.95
C SER A 74 7.61 -6.97 4.43
N PRO A 75 6.97 -7.76 3.54
CA PRO A 75 7.16 -7.60 2.10
C PRO A 75 6.53 -6.29 1.54
N LEU A 76 5.53 -5.73 2.23
CA LEU A 76 4.94 -4.45 1.86
C LEU A 76 5.89 -3.28 2.20
N TYR A 77 6.51 -3.28 3.39
CA TYR A 77 7.57 -2.31 3.70
C TYR A 77 8.78 -2.45 2.78
N ASP A 78 9.16 -3.67 2.43
CA ASP A 78 10.27 -3.93 1.50
C ASP A 78 10.01 -3.37 0.10
N MET A 79 8.79 -3.53 -0.44
CA MET A 79 8.43 -2.83 -1.67
C MET A 79 8.42 -1.31 -1.50
N LEU A 80 7.88 -0.76 -0.40
CA LEU A 80 7.78 0.69 -0.21
C LEU A 80 9.16 1.33 -0.17
N ARG A 81 10.12 0.75 0.55
CA ARG A 81 11.55 1.15 0.58
C ARG A 81 12.23 1.10 -0.79
N LYS A 82 11.70 0.32 -1.75
CA LYS A 82 12.16 0.25 -3.15
C LYS A 82 11.29 1.01 -4.16
N ASN A 83 10.19 1.63 -3.72
CA ASN A 83 9.29 2.45 -4.55
C ASN A 83 9.41 3.93 -4.17
N LEU A 84 8.98 4.24 -2.94
CA LEU A 84 9.17 5.54 -2.30
C LEU A 84 10.68 5.82 -2.06
N VAL A 85 11.04 7.10 -1.98
CA VAL A 85 12.41 7.56 -1.63
C VAL A 85 12.72 7.45 -0.12
N THR A 86 12.63 6.23 0.43
CA THR A 86 12.98 5.92 1.83
C THR A 86 12.15 6.76 2.82
N LEU A 87 10.83 6.59 2.76
CA LEU A 87 9.87 7.25 3.65
C LEU A 87 9.69 6.43 4.95
N ALA A 88 9.84 7.10 6.10
CA ALA A 88 9.83 6.49 7.43
C ALA A 88 9.28 7.44 8.51
N THR A 89 8.84 6.89 9.64
CA THR A 89 8.24 7.63 10.76
C THR A 89 8.45 6.95 12.12
N 48L B . -4.06 -0.94 10.80
CG1 48L B . -3.35 -0.58 7.61
CG2 48L B . -1.98 0.32 10.00
CG3 48L B . -5.68 -2.72 10.52
CD1 48L B . -2.84 -1.87 7.78
CD2 48L B . -3.07 0.09 6.42
CD3 48L B . -1.16 -0.75 10.32
CD4 48L B . -1.39 1.52 9.58
CD5 48L B . -5.47 -3.22 11.81
CD6 48L B . -6.49 -3.49 9.65
CE1 48L B . -2.10 -2.48 6.77
CE2 48L B . -2.33 -0.51 5.41
CE3 48L B . -0.01 1.65 9.49
CE4 48L B . 0.23 -0.64 10.20
CE5 48L B . -6.09 -4.38 12.26
CE6 48L B . -7.14 -4.63 10.11
CZ1 48L B . -1.85 -1.80 5.58
CZ2 48L B . 0.81 0.56 9.80
CZ3 48L B . -6.95 -5.07 11.41
CL 48L B . -0.95 -2.55 4.31
CM1 48L B . -9.01 -6.33 11.78
CM2 48L B . -5.68 -3.06 6.05
CM3 48L B . -6.04 -5.31 7.12
C1 48L B . -10.34 -0.41 9.02
N1 48L B . -10.33 0.11 10.24
O1 48L B . -11.44 -0.64 8.51
C2 48L B . -9.10 0.40 11.00
N2 48L B . -7.75 -0.49 9.07
C3 48L B . -7.91 -0.48 10.54
N3 48L B . -5.40 -0.66 9.00
O3 48L B . -7.58 -6.20 11.88
C4 48L B . -9.02 -0.68 8.31
C5 48L B . -6.57 -0.34 8.40
O5 48L B . -6.57 0.15 7.29
C6 48L B . -5.07 -1.40 10.17
O6 48L B . -6.59 -3.22 8.30
C7 48L B . -3.51 0.22 10.07
C8 48L B . -4.20 0.10 8.69
C9 48L B . -5.66 -3.84 7.37
BR 48L B . 1.33 -2.15 10.57
F 48L B . -2.16 2.58 9.25
HD1 48L B . -3.02 -2.42 8.70
HD2 48L B . -3.47 1.10 6.26
HD3 48L B . -1.59 -1.70 10.64
HD5 48L B . -4.83 -2.67 12.51
HE1 48L B . -1.70 -3.49 6.91
HE2 48L B . -2.13 0.02 4.49
HE3 48L B . 0.44 2.59 9.17
HE5 48L B . -5.93 -4.74 13.27
HE6 48L B . -7.76 -5.20 9.43
HZ2 48L B . 1.89 0.65 9.71
HM11 48L B . -9.32 -7.27 12.23
HM12 48L B . -9.49 -5.50 12.31
HM13 48L B . -9.31 -6.31 10.72
HM21 48L B . -6.67 -3.09 5.58
HM22 48L B . -5.42 -2.02 6.23
HM23 48L B . -4.95 -3.47 5.35
HM31 48L B . -7.09 -5.40 6.82
HM32 48L B . -5.42 -5.74 6.33
HM33 48L B . -5.88 -5.91 8.02
HN1 48L B . -11.22 0.27 10.69
H21 48L B . -8.84 1.44 10.84
H22 48L B . -9.27 0.24 12.06
H31 48L B . -7.02 -0.08 11.03
H32 48L B . -8.08 -1.50 10.89
H41 48L B . -9.07 -1.71 7.96
H42 48L B . -9.03 -0.02 7.43
H7 48L B . -3.90 1.12 10.56
H8 48L B . -4.47 1.11 8.35
H9 48L B . -4.65 -3.79 7.79
N GLN A 1 -1.88 18.53 5.46
CA GLN A 1 -1.29 17.61 6.44
C GLN A 1 -0.07 16.84 5.90
N ILE A 2 0.38 17.23 4.71
CA ILE A 2 1.38 16.53 3.89
C ILE A 2 2.73 17.26 3.93
N ASN A 3 3.80 16.49 4.06
CA ASN A 3 5.18 16.96 4.03
C ASN A 3 5.92 16.36 2.80
N GLN A 4 7.24 16.44 2.77
CA GLN A 4 8.05 16.03 1.63
C GLN A 4 8.00 14.51 1.40
N VAL A 5 7.82 14.15 0.14
CA VAL A 5 7.69 12.77 -0.37
C VAL A 5 7.89 12.69 -1.89
N ARG A 6 8.17 11.47 -2.40
CA ARG A 6 8.16 11.14 -3.83
C ARG A 6 7.88 9.63 -4.02
N PRO A 7 6.67 9.23 -4.48
CA PRO A 7 6.34 7.82 -4.73
C PRO A 7 6.62 7.40 -6.19
N LYS A 8 6.80 6.10 -6.40
CA LYS A 8 7.11 5.45 -7.69
C LYS A 8 5.83 5.07 -8.44
N LEU A 9 5.82 5.12 -9.77
CA LEU A 9 4.61 5.00 -10.62
C LEU A 9 3.71 3.77 -10.32
N PRO A 10 4.21 2.52 -10.22
CA PRO A 10 3.34 1.35 -9.96
C PRO A 10 2.71 1.32 -8.55
N LEU A 11 3.11 2.22 -7.64
CA LEU A 11 2.49 2.45 -6.33
C LEU A 11 1.66 3.74 -6.32
N LEU A 12 2.12 4.83 -6.95
CA LEU A 12 1.33 6.03 -7.20
C LEU A 12 -0.05 5.71 -7.81
N LYS A 13 -0.12 4.83 -8.81
CA LYS A 13 -1.42 4.46 -9.41
C LYS A 13 -2.35 3.72 -8.44
N ILE A 14 -1.82 3.04 -7.42
CA ILE A 14 -2.62 2.49 -6.32
C ILE A 14 -3.17 3.65 -5.47
N LEU A 15 -2.37 4.69 -5.24
CA LEU A 15 -2.76 5.88 -4.46
C LEU A 15 -3.85 6.71 -5.18
N HIS A 16 -3.73 6.94 -6.49
CA HIS A 16 -4.80 7.52 -7.30
C HIS A 16 -6.07 6.64 -7.26
N ALA A 17 -5.94 5.33 -7.49
CA ALA A 17 -7.07 4.39 -7.50
C ALA A 17 -7.77 4.27 -6.12
N ALA A 18 -7.02 4.44 -5.02
CA ALA A 18 -7.53 4.54 -3.65
C ALA A 18 -8.33 5.83 -3.37
N GLY A 19 -8.37 6.78 -4.32
CA GLY A 19 -9.17 8.02 -4.27
C GLY A 19 -8.38 9.31 -4.49
N ALA A 20 -7.04 9.24 -4.62
CA ALA A 20 -6.17 10.41 -4.74
C ALA A 20 -5.97 10.91 -6.19
N GLN A 21 -5.03 11.86 -6.32
CA GLN A 21 -4.61 12.60 -7.53
C GLN A 21 -3.37 13.46 -7.18
N GLY A 22 -2.37 13.50 -8.08
CA GLY A 22 -1.07 14.17 -7.87
C GLY A 22 -0.14 13.39 -6.92
N GLU A 23 1.09 13.09 -7.33
CA GLU A 23 2.01 12.18 -6.63
C GLU A 23 2.74 12.79 -5.41
N MET A 24 1.98 13.39 -4.48
CA MET A 24 2.52 13.91 -3.23
C MET A 24 1.55 13.68 -2.04
N PHE A 25 1.89 12.68 -1.21
CA PHE A 25 1.24 12.31 0.07
C PHE A 25 2.25 11.52 0.92
N THR A 26 2.42 11.85 2.20
CA THR A 26 3.51 11.32 3.06
C THR A 26 3.19 9.90 3.56
N VAL A 27 4.13 9.18 4.21
CA VAL A 27 3.93 7.73 4.54
C VAL A 27 2.64 7.45 5.32
N LYS A 28 2.26 8.38 6.20
CA LYS A 28 0.98 8.37 6.95
C LYS A 28 -0.25 8.32 6.02
N GLU A 29 -0.21 9.10 4.94
CA GLU A 29 -1.23 9.14 3.88
C GLU A 29 -1.12 7.92 2.96
N VAL A 30 0.08 7.54 2.52
CA VAL A 30 0.33 6.34 1.70
C VAL A 30 -0.27 5.09 2.36
N MET A 31 -0.03 4.90 3.66
CA MET A 31 -0.57 3.75 4.41
C MET A 31 -2.08 3.84 4.59
N HIS A 32 -2.64 5.02 4.88
CA HIS A 32 -4.10 5.24 4.89
C HIS A 32 -4.75 4.84 3.56
N TYR A 33 -4.26 5.38 2.44
CA TYR A 33 -4.67 5.00 1.09
C TYR A 33 -4.49 3.50 0.80
N LEU A 34 -3.42 2.85 1.26
CA LEU A 34 -3.21 1.40 1.11
C LEU A 34 -4.26 0.60 1.87
N GLY A 35 -4.51 0.92 3.14
CA GLY A 35 -5.53 0.25 3.96
C GLY A 35 -6.93 0.44 3.38
N GLN A 36 -7.30 1.67 3.02
CA GLN A 36 -8.61 1.94 2.45
C GLN A 36 -8.77 1.35 1.04
N TYR A 37 -7.71 1.26 0.23
CA TYR A 37 -7.71 0.51 -1.05
C TYR A 37 -7.97 -0.99 -0.83
N ILE A 38 -7.31 -1.60 0.16
CA ILE A 38 -7.50 -3.02 0.51
C ILE A 38 -8.97 -3.27 0.92
N MET A 39 -9.55 -2.40 1.75
CA MET A 39 -10.98 -2.44 2.10
C MET A 39 -11.91 -2.20 0.90
N VAL A 40 -11.59 -1.28 -0.02
CA VAL A 40 -12.43 -0.92 -1.16
C VAL A 40 -12.43 -2.00 -2.24
N LYS A 41 -11.26 -2.57 -2.54
CA LYS A 41 -11.09 -3.67 -3.48
C LYS A 41 -11.40 -5.05 -2.86
N GLN A 42 -11.47 -5.14 -1.52
CA GLN A 42 -11.79 -6.37 -0.76
C GLN A 42 -10.67 -7.42 -0.83
N LEU A 43 -9.45 -6.96 -0.57
CA LEU A 43 -8.18 -7.68 -0.61
C LEU A 43 -7.85 -8.30 0.76
N TYR A 44 -8.83 -8.82 1.49
CA TYR A 44 -8.64 -9.35 2.84
C TYR A 44 -9.66 -10.45 3.18
N ASP A 45 -9.46 -11.17 4.29
CA ASP A 45 -10.43 -12.15 4.81
C ASP A 45 -11.34 -11.54 5.90
N GLN A 46 -12.65 -11.85 5.85
CA GLN A 46 -13.63 -11.25 6.76
C GLN A 46 -13.54 -11.70 8.23
N GLN A 47 -12.86 -12.81 8.53
CA GLN A 47 -12.56 -13.27 9.89
C GLN A 47 -11.08 -13.04 10.25
N GLU A 48 -10.16 -13.18 9.29
CA GLU A 48 -8.72 -12.92 9.47
C GLU A 48 -8.41 -11.50 8.97
N GLN A 49 -9.05 -10.48 9.55
CA GLN A 49 -9.01 -9.10 9.05
C GLN A 49 -7.61 -8.45 9.16
N HIS A 50 -6.76 -8.98 10.06
CA HIS A 50 -5.34 -8.67 10.19
C HIS A 50 -4.48 -9.20 9.02
N MET A 51 -5.03 -10.06 8.17
CA MET A 51 -4.39 -10.73 7.04
C MET A 51 -4.91 -10.20 5.70
N VAL A 52 -4.00 -9.97 4.75
CA VAL A 52 -4.28 -9.38 3.43
C VAL A 52 -4.13 -10.47 2.37
N TYR A 53 -5.03 -10.45 1.39
CA TYR A 53 -5.22 -11.43 0.31
C TYR A 53 -5.45 -10.71 -1.02
N CYS A 54 -4.37 -10.11 -1.51
CA CYS A 54 -4.22 -9.49 -2.84
C CYS A 54 -4.01 -10.51 -3.99
N GLY A 55 -4.58 -11.71 -3.88
CA GLY A 55 -4.34 -12.89 -4.75
C GLY A 55 -4.37 -12.66 -6.27
N GLY A 56 -5.15 -11.68 -6.75
CA GLY A 56 -5.21 -11.26 -8.14
C GLY A 56 -5.15 -9.73 -8.37
N ASP A 57 -4.69 -8.95 -7.37
CA ASP A 57 -4.70 -7.48 -7.47
C ASP A 57 -3.36 -6.90 -7.95
N LEU A 58 -3.42 -5.79 -8.70
CA LEU A 58 -2.25 -5.02 -9.13
C LEU A 58 -1.35 -4.62 -7.93
N LEU A 59 -1.91 -4.31 -6.76
CA LEU A 59 -1.12 -4.05 -5.55
C LEU A 59 -0.27 -5.28 -5.18
N GLY A 60 -0.84 -6.48 -5.10
CA GLY A 60 -0.08 -7.69 -4.75
C GLY A 60 0.97 -8.06 -5.80
N GLU A 61 0.62 -7.94 -7.08
CA GLU A 61 1.50 -8.19 -8.23
C GLU A 61 2.72 -7.27 -8.22
N LEU A 62 2.48 -5.95 -8.15
CA LEU A 62 3.54 -4.94 -8.21
C LEU A 62 4.34 -4.81 -6.90
N LEU A 63 3.76 -5.14 -5.74
CA LEU A 63 4.52 -5.26 -4.48
C LEU A 63 5.37 -6.53 -4.46
N GLY A 64 4.90 -7.60 -5.13
CA GLY A 64 5.63 -8.85 -5.31
C GLY A 64 5.29 -9.92 -4.26
N ARG A 65 4.32 -9.64 -3.37
CA ARG A 65 3.72 -10.62 -2.45
C ARG A 65 2.20 -10.44 -2.47
N GLN A 66 1.46 -11.50 -2.80
CA GLN A 66 0.00 -11.44 -2.91
C GLN A 66 -0.73 -11.69 -1.57
N SER A 67 0.02 -11.96 -0.49
CA SER A 67 -0.50 -12.05 0.87
C SER A 67 0.56 -11.67 1.91
N PHE A 68 0.13 -10.98 2.96
CA PHE A 68 0.94 -10.48 4.09
C PHE A 68 0.00 -10.13 5.26
N SER A 69 0.53 -9.92 6.47
CA SER A 69 -0.27 -9.48 7.64
C SER A 69 0.15 -8.10 8.16
N VAL A 70 -0.72 -7.47 8.94
CA VAL A 70 -0.44 -6.22 9.65
C VAL A 70 0.57 -6.41 10.81
N LYS A 71 0.73 -7.64 11.30
CA LYS A 71 1.69 -8.01 12.36
C LYS A 71 3.09 -8.35 11.82
N ASP A 72 3.16 -8.80 10.56
CA ASP A 72 4.39 -9.15 9.85
C ASP A 72 4.41 -8.48 8.45
N PRO A 73 4.51 -7.13 8.38
CA PRO A 73 4.53 -6.35 7.13
C PRO A 73 5.88 -6.43 6.38
N SER A 74 6.66 -7.49 6.57
CA SER A 74 8.02 -7.65 6.03
C SER A 74 8.13 -7.47 4.50
N PRO A 75 7.28 -8.09 3.66
CA PRO A 75 7.29 -7.82 2.21
C PRO A 75 6.79 -6.41 1.88
N LEU A 76 5.95 -5.80 2.72
CA LEU A 76 5.45 -4.43 2.54
C LEU A 76 6.55 -3.40 2.81
N TYR A 77 7.35 -3.59 3.86
CA TYR A 77 8.52 -2.74 4.16
C TYR A 77 9.52 -2.74 3.00
N ASP A 78 9.75 -3.92 2.41
CA ASP A 78 10.61 -4.13 1.25
C ASP A 78 10.05 -3.50 -0.02
N MET A 79 8.74 -3.63 -0.25
CA MET A 79 8.07 -2.92 -1.36
C MET A 79 8.17 -1.41 -1.19
N LEU A 80 7.90 -0.87 0.01
CA LEU A 80 7.93 0.56 0.27
C LEU A 80 9.34 1.11 0.02
N ARG A 81 10.39 0.44 0.52
CA ARG A 81 11.80 0.79 0.24
C ARG A 81 12.18 0.77 -1.26
N LYS A 82 11.41 0.09 -2.12
CA LYS A 82 11.56 0.06 -3.59
C LYS A 82 10.53 0.88 -4.37
N ASN A 83 9.54 1.51 -3.71
CA ASN A 83 8.44 2.26 -4.36
C ASN A 83 8.24 3.68 -3.79
N LEU A 84 8.93 3.96 -2.71
CA LEU A 84 9.04 5.28 -2.05
C LEU A 84 10.52 5.66 -1.88
N VAL A 85 10.80 6.96 -1.71
CA VAL A 85 12.13 7.47 -1.32
C VAL A 85 12.40 7.38 0.19
N THR A 86 12.10 6.22 0.78
CA THR A 86 12.44 5.89 2.18
C THR A 86 11.81 6.87 3.19
N LEU A 87 10.48 6.97 3.18
CA LEU A 87 9.71 7.68 4.21
C LEU A 87 9.42 6.73 5.38
N ALA A 88 9.55 7.24 6.59
CA ALA A 88 9.44 6.47 7.84
C ALA A 88 8.85 7.32 8.97
N THR A 89 8.15 6.69 9.92
CA THR A 89 7.42 7.36 11.02
C THR A 89 7.31 6.50 12.28
N 48L B . -3.73 -0.62 10.76
CG1 48L B . -3.24 -0.47 7.44
CG2 48L B . -1.75 0.62 9.71
CG3 48L B . -5.18 -2.56 10.69
CD1 48L B . -2.87 -1.83 7.52
CD2 48L B . -2.93 0.25 6.29
CD3 48L B . -0.89 -0.46 9.95
CD4 48L B . -1.20 1.84 9.30
CD5 48L B . -4.92 -2.91 12.02
CD6 48L B . -5.82 -3.49 9.86
CE1 48L B . -2.20 -2.43 6.45
CE2 48L B . -2.27 -0.35 5.23
CE3 48L B . 0.19 1.99 9.17
CE4 48L B . 0.48 -0.31 9.78
CE5 48L B . -5.42 -4.10 12.55
CE6 48L B . -6.32 -4.68 10.40
CZ1 48L B . -1.90 -1.69 5.30
CZ2 48L B . 1.03 0.90 9.41
CZ3 48L B . -6.13 -4.98 11.74
CL 48L B . -1.12 -2.44 3.96
CM1 48L B . -6.70 -6.52 13.62
CM2 48L B . -4.79 -5.31 7.56
CM3 48L B . -5.97 -3.61 6.12
C1 48L B . -10.09 -1.09 9.06
N1 48L B . -10.15 -0.52 10.27
O1 48L B . -11.12 -1.55 8.60
C2 48L B . -8.98 0.04 10.96
N2 48L B . -7.51 -0.75 9.08
C3 48L B . -7.68 -0.65 10.54
N3 48L B . -5.17 -0.61 9.01
O3 48L B . -6.65 -6.17 12.21
C4 48L B . -8.76 -1.12 8.33
C5 48L B . -6.36 -0.50 8.39
O5 48L B . -6.43 -0.15 7.23
C6 48L B . -4.73 -1.21 10.22
O6 48L B . -5.86 -3.29 8.49
C7 48L B . -3.26 0.48 9.87
C8 48L B . -4.04 0.21 8.55
C9 48L B . -5.98 -4.33 7.48
BR 48L B . 1.61 -1.81 10.07
F 48L B . -1.99 2.89 9.04
HD1 48L B . -3.12 -2.41 8.39
HD2 48L B . -3.22 1.29 6.20
HD3 48L B . -1.30 -1.41 10.27
HD5 48L B . -4.40 -2.22 12.68
HE1 48L B . -1.92 -3.48 6.52
HE2 48L B . -2.03 0.21 4.34
HE3 48L B . 0.60 2.95 8.87
HE5 48L B . -5.23 -4.33 13.59
HE6 48L B . -6.85 -5.39 9.79
HZ2 48L B . 2.10 1.01 9.30
HM11 48L B . -5.68 -6.59 14.02
HM12 48L B . -7.27 -5.75 14.16
HM13 48L B . -7.20 -7.48 13.73
HM21 48L B . -4.86 -6.05 6.76
HM22 48L B . -3.84 -4.78 7.45
HM23 48L B . -4.78 -5.84 8.50
HM31 48L B . -6.14 -4.32 5.31
HM32 48L B . -6.77 -2.85 6.09
HM33 48L B . -5.03 -3.10 5.95
HN1 48L B . -11.04 -0.50 10.73
H21 48L B . -8.91 1.11 10.71
H22 48L B . -9.11 -0.05 12.04
H31 48L B . -6.85 -0.08 10.98
H32 48L B . -7.67 -1.66 10.97
H41 48L B . -8.64 -2.15 7.95
H42 48L B . -8.88 -0.45 7.48
H7 48L B . -3.66 1.41 10.30
H8 48L B . -4.43 1.17 8.19
H9 48L B . -6.93 -4.86 7.61
N GLN A 1 0.95 21.91 5.43
CA GLN A 1 1.31 21.95 4.01
C GLN A 1 1.99 20.65 3.51
N ILE A 2 2.27 20.59 2.21
CA ILE A 2 2.95 19.47 1.55
C ILE A 2 4.33 19.22 2.18
N ASN A 3 4.60 17.98 2.56
CA ASN A 3 5.89 17.51 3.09
C ASN A 3 6.62 16.60 2.09
N GLN A 4 7.91 16.34 2.33
CA GLN A 4 8.76 15.67 1.37
C GLN A 4 8.45 14.18 1.22
N VAL A 5 8.37 13.77 -0.04
CA VAL A 5 8.29 12.39 -0.55
C VAL A 5 8.61 12.34 -2.05
N ARG A 6 8.75 11.13 -2.61
CA ARG A 6 8.80 10.88 -4.06
C ARG A 6 8.38 9.42 -4.35
N PRO A 7 7.14 9.15 -4.82
CA PRO A 7 6.64 7.80 -5.09
C PRO A 7 7.01 7.28 -6.50
N LYS A 8 6.94 5.95 -6.64
CA LYS A 8 7.13 5.19 -7.90
C LYS A 8 5.78 4.99 -8.60
N LEU A 9 5.77 4.97 -9.92
CA LEU A 9 4.55 5.02 -10.75
C LEU A 9 3.50 3.92 -10.47
N PRO A 10 3.80 2.61 -10.54
CA PRO A 10 2.82 1.56 -10.23
C PRO A 10 2.33 1.53 -8.77
N LEU A 11 2.94 2.30 -7.85
CA LEU A 11 2.45 2.49 -6.49
C LEU A 11 1.59 3.77 -6.40
N LEU A 12 2.03 4.88 -7.03
CA LEU A 12 1.22 6.09 -7.23
C LEU A 12 -0.15 5.75 -7.83
N LYS A 13 -0.22 4.86 -8.84
CA LYS A 13 -1.49 4.45 -9.46
C LYS A 13 -2.43 3.77 -8.47
N ILE A 14 -1.92 2.94 -7.55
CA ILE A 14 -2.70 2.41 -6.41
C ILE A 14 -3.17 3.56 -5.51
N LEU A 15 -2.31 4.56 -5.26
CA LEU A 15 -2.63 5.70 -4.39
C LEU A 15 -3.74 6.58 -4.97
N HIS A 16 -3.66 6.95 -6.24
CA HIS A 16 -4.71 7.70 -6.93
C HIS A 16 -6.01 6.87 -7.04
N ALA A 17 -5.92 5.58 -7.38
CA ALA A 17 -7.08 4.67 -7.47
C ALA A 17 -7.76 4.45 -6.10
N ALA A 18 -7.00 4.53 -5.00
CA ALA A 18 -7.52 4.53 -3.63
C ALA A 18 -8.33 5.80 -3.25
N GLY A 19 -8.33 6.82 -4.12
CA GLY A 19 -9.03 8.10 -3.93
C GLY A 19 -8.10 9.32 -3.88
N ALA A 20 -6.78 9.15 -3.98
CA ALA A 20 -5.83 10.27 -4.02
C ALA A 20 -5.77 10.97 -5.40
N GLN A 21 -4.86 11.94 -5.46
CA GLN A 21 -4.49 12.83 -6.56
C GLN A 21 -3.30 13.69 -6.09
N GLY A 22 -2.35 13.99 -6.98
CA GLY A 22 -1.09 14.66 -6.63
C GLY A 22 -0.11 13.72 -5.91
N GLU A 23 0.90 13.25 -6.62
CA GLU A 23 1.89 12.23 -6.23
C GLU A 23 2.95 12.70 -5.20
N MET A 24 2.49 13.34 -4.12
CA MET A 24 3.32 14.01 -3.12
C MET A 24 2.83 13.71 -1.68
N PHE A 25 2.30 12.50 -1.47
CA PHE A 25 1.75 11.96 -0.21
C PHE A 25 2.81 11.24 0.64
N THR A 26 2.96 11.60 1.92
CA THR A 26 3.97 11.04 2.87
C THR A 26 3.58 9.64 3.39
N VAL A 27 4.46 8.91 4.10
CA VAL A 27 4.20 7.50 4.50
C VAL A 27 2.88 7.32 5.28
N LYS A 28 2.54 8.30 6.10
CA LYS A 28 1.27 8.39 6.86
C LYS A 28 0.05 8.39 5.93
N GLU A 29 0.13 9.11 4.81
CA GLU A 29 -0.88 9.17 3.76
C GLU A 29 -0.87 7.89 2.90
N VAL A 30 0.32 7.45 2.46
CA VAL A 30 0.52 6.23 1.66
C VAL A 30 -0.10 5.00 2.32
N MET A 31 0.17 4.77 3.61
CA MET A 31 -0.37 3.63 4.35
C MET A 31 -1.88 3.74 4.56
N HIS A 32 -2.39 4.95 4.84
CA HIS A 32 -3.84 5.19 4.90
C HIS A 32 -4.54 4.81 3.58
N TYR A 33 -4.05 5.32 2.45
CA TYR A 33 -4.56 4.97 1.13
C TYR A 33 -4.43 3.47 0.81
N LEU A 34 -3.35 2.81 1.24
CA LEU A 34 -3.17 1.36 1.08
C LEU A 34 -4.24 0.57 1.88
N GLY A 35 -4.52 0.97 3.12
CA GLY A 35 -5.59 0.36 3.93
C GLY A 35 -6.97 0.53 3.30
N GLN A 36 -7.31 1.75 2.84
CA GLN A 36 -8.56 2.02 2.13
C GLN A 36 -8.66 1.18 0.86
N TYR A 37 -7.60 1.15 0.07
CA TYR A 37 -7.54 0.35 -1.17
C TYR A 37 -7.79 -1.14 -0.92
N ILE A 38 -7.16 -1.73 0.10
CA ILE A 38 -7.37 -3.14 0.48
C ILE A 38 -8.84 -3.37 0.89
N MET A 39 -9.43 -2.49 1.70
CA MET A 39 -10.86 -2.54 2.05
C MET A 39 -11.81 -2.32 0.85
N VAL A 40 -11.46 -1.43 -0.10
CA VAL A 40 -12.30 -1.07 -1.25
C VAL A 40 -12.29 -2.16 -2.32
N LYS A 41 -11.11 -2.71 -2.62
CA LYS A 41 -10.95 -3.83 -3.54
C LYS A 41 -11.27 -5.19 -2.89
N GLN A 42 -11.34 -5.27 -1.55
CA GLN A 42 -11.67 -6.47 -0.76
C GLN A 42 -10.56 -7.54 -0.81
N LEU A 43 -9.34 -7.09 -0.54
CA LEU A 43 -8.09 -7.87 -0.56
C LEU A 43 -7.77 -8.46 0.83
N TYR A 44 -8.77 -8.92 1.59
CA TYR A 44 -8.60 -9.42 2.96
C TYR A 44 -9.62 -10.52 3.32
N ASP A 45 -9.43 -11.22 4.45
CA ASP A 45 -10.39 -12.19 4.99
C ASP A 45 -11.27 -11.59 6.10
N GLN A 46 -12.57 -11.88 6.10
CA GLN A 46 -13.54 -11.32 7.02
C GLN A 46 -13.42 -11.78 8.49
N GLN A 47 -12.72 -12.87 8.79
CA GLN A 47 -12.39 -13.32 10.15
C GLN A 47 -10.89 -13.27 10.46
N GLU A 48 -10.04 -13.39 9.45
CA GLU A 48 -8.60 -13.13 9.54
C GLU A 48 -8.30 -11.70 9.07
N GLN A 49 -9.00 -10.71 9.64
CA GLN A 49 -8.93 -9.30 9.21
C GLN A 49 -7.52 -8.68 9.34
N HIS A 50 -6.66 -9.24 10.21
CA HIS A 50 -5.24 -8.91 10.33
C HIS A 50 -4.40 -9.36 9.12
N MET A 51 -4.93 -10.26 8.30
CA MET A 51 -4.28 -10.89 7.15
C MET A 51 -4.83 -10.29 5.84
N VAL A 52 -3.92 -9.99 4.90
CA VAL A 52 -4.24 -9.46 3.58
C VAL A 52 -4.11 -10.62 2.58
N TYR A 53 -5.08 -10.70 1.69
CA TYR A 53 -5.24 -11.72 0.65
C TYR A 53 -5.51 -11.01 -0.68
N CYS A 54 -4.45 -10.42 -1.22
CA CYS A 54 -4.46 -9.73 -2.51
C CYS A 54 -4.71 -10.67 -3.71
N GLY A 55 -4.23 -11.91 -3.62
CA GLY A 55 -4.52 -13.04 -4.53
C GLY A 55 -4.20 -12.90 -6.03
N GLY A 56 -3.67 -11.75 -6.47
CA GLY A 56 -3.49 -11.41 -7.90
C GLY A 56 -3.86 -9.96 -8.27
N ASP A 57 -4.35 -9.14 -7.33
CA ASP A 57 -4.53 -7.69 -7.53
C ASP A 57 -3.22 -7.01 -7.95
N LEU A 58 -3.32 -5.91 -8.71
CA LEU A 58 -2.19 -5.07 -9.11
C LEU A 58 -1.30 -4.70 -7.91
N LEU A 59 -1.87 -4.38 -6.74
CA LEU A 59 -1.11 -4.14 -5.51
C LEU A 59 -0.30 -5.36 -5.05
N GLY A 60 -0.89 -6.55 -5.03
CA GLY A 60 -0.18 -7.78 -4.63
C GLY A 60 0.94 -8.17 -5.60
N GLU A 61 0.70 -8.01 -6.90
CA GLU A 61 1.69 -8.25 -7.96
C GLU A 61 2.86 -7.26 -7.89
N LEU A 62 2.53 -5.97 -7.69
CA LEU A 62 3.49 -4.88 -7.48
C LEU A 62 4.34 -5.10 -6.22
N LEU A 63 3.71 -5.40 -5.09
CA LEU A 63 4.42 -5.65 -3.83
C LEU A 63 5.21 -6.97 -3.85
N GLY A 64 4.78 -7.91 -4.71
CA GLY A 64 5.48 -9.18 -4.97
C GLY A 64 5.07 -10.31 -4.02
N ARG A 65 4.17 -10.02 -3.06
CA ARG A 65 3.51 -11.02 -2.20
C ARG A 65 2.00 -10.86 -2.33
N GLN A 66 1.30 -11.94 -2.69
CA GLN A 66 -0.17 -11.92 -2.82
C GLN A 66 -0.89 -12.12 -1.48
N SER A 67 -0.16 -12.37 -0.39
CA SER A 67 -0.66 -12.36 1.00
C SER A 67 0.44 -11.98 1.99
N PHE A 68 0.06 -11.22 3.02
CA PHE A 68 0.93 -10.74 4.12
C PHE A 68 0.08 -10.37 5.34
N SER A 69 0.69 -10.24 6.52
CA SER A 69 0.00 -9.88 7.77
C SER A 69 0.33 -8.45 8.22
N VAL A 70 -0.59 -7.79 8.92
CA VAL A 70 -0.35 -6.51 9.60
C VAL A 70 0.61 -6.67 10.79
N LYS A 71 0.71 -7.88 11.36
CA LYS A 71 1.66 -8.25 12.42
C LYS A 71 3.05 -8.59 11.87
N ASP A 72 3.14 -9.03 10.61
CA ASP A 72 4.37 -9.29 9.87
C ASP A 72 4.38 -8.57 8.48
N PRO A 73 4.49 -7.23 8.47
CA PRO A 73 4.49 -6.41 7.25
C PRO A 73 5.83 -6.43 6.51
N SER A 74 6.63 -7.50 6.65
CA SER A 74 8.00 -7.58 6.13
C SER A 74 8.11 -7.37 4.60
N PRO A 75 7.33 -8.06 3.73
CA PRO A 75 7.32 -7.77 2.29
C PRO A 75 6.69 -6.40 1.97
N LEU A 76 5.84 -5.86 2.86
CA LEU A 76 5.18 -4.57 2.68
C LEU A 76 6.20 -3.42 2.86
N TYR A 77 6.97 -3.40 3.94
CA TYR A 77 8.08 -2.42 4.08
C TYR A 77 9.15 -2.58 3.01
N ASP A 78 9.44 -3.80 2.58
CA ASP A 78 10.38 -4.05 1.49
C ASP A 78 9.89 -3.46 0.16
N MET A 79 8.59 -3.56 -0.11
CA MET A 79 7.98 -2.85 -1.25
C MET A 79 8.03 -1.34 -1.10
N LEU A 80 7.70 -0.77 0.08
CA LEU A 80 7.77 0.69 0.32
C LEU A 80 9.19 1.20 0.03
N ARG A 81 10.23 0.55 0.59
CA ARG A 81 11.65 0.87 0.35
C ARG A 81 12.10 0.79 -1.11
N LYS A 82 11.33 0.09 -1.98
CA LYS A 82 11.56 0.02 -3.44
C LYS A 82 10.56 0.84 -4.29
N ASN A 83 9.53 1.44 -3.68
CA ASN A 83 8.46 2.18 -4.39
C ASN A 83 8.28 3.63 -3.90
N LEU A 84 8.94 3.94 -2.81
CA LEU A 84 9.14 5.26 -2.21
C LEU A 84 10.65 5.51 -2.01
N VAL A 85 11.00 6.74 -1.67
CA VAL A 85 12.36 7.14 -1.23
C VAL A 85 12.55 6.98 0.29
N THR A 86 12.25 5.78 0.79
CA THR A 86 12.56 5.36 2.18
C THR A 86 12.00 6.33 3.24
N LEU A 87 10.67 6.49 3.26
CA LEU A 87 9.99 7.19 4.35
C LEU A 87 9.59 6.19 5.45
N ALA A 88 9.72 6.61 6.70
CA ALA A 88 9.54 5.78 7.88
C ALA A 88 8.96 6.62 9.05
N THR A 89 8.12 6.01 9.90
CA THR A 89 7.39 6.70 10.97
C THR A 89 7.17 5.80 12.21
N 48L B . -3.57 -0.81 10.67
CG1 48L B . -3.14 -0.65 7.34
CG2 48L B . -1.58 0.37 9.58
CG3 48L B . -5.05 -2.71 10.64
CD1 48L B . -2.74 -1.99 7.41
CD2 48L B . -2.86 0.08 6.19
CD3 48L B . -0.76 -0.74 9.78
CD4 48L B . -1.00 1.58 9.18
CD5 48L B . -4.79 -3.06 11.98
CD6 48L B . -5.72 -3.65 9.84
CE1 48L B . -2.04 -2.58 6.35
CE2 48L B . -2.16 -0.52 5.13
CE3 48L B . 0.39 1.68 9.01
CE4 48L B . 0.61 -0.64 9.59
CE5 48L B . -5.27 -4.25 12.52
CE6 48L B . -6.23 -4.83 10.40
CZ1 48L B . -1.75 -1.83 5.21
CZ2 48L B . 1.20 0.57 9.21
CZ3 48L B . -6.02 -5.12 11.73
CL 48L B . -0.88 -2.55 3.90
CM1 48L B . -6.47 -6.71 13.60
CM2 48L B . -4.72 -5.50 7.57
CM3 48L B . -5.89 -3.81 6.11
C1 48L B . -9.97 -1.19 9.03
N1 48L B . -10.01 -0.61 10.24
O1 48L B . -11.01 -1.64 8.58
C2 48L B . -8.82 -0.06 10.91
N2 48L B . -7.38 -0.91 9.02
C3 48L B . -7.54 -0.79 10.50
N3 48L B . -5.04 -0.78 8.94
O3 48L B . -6.54 -6.31 12.21
C4 48L B . -8.64 -1.25 8.29
C5 48L B . -6.23 -0.68 8.32
O5 48L B . -6.30 -0.33 7.16
C6 48L B . -4.59 -1.38 10.16
O6 48L B . -5.78 -3.47 8.48
C7 48L B . -3.10 0.29 9.77
C8 48L B . -3.91 0.02 8.47
C9 48L B . -5.90 -4.51 7.47
BR 48L B . 1.71 -2.19 9.82
F 48L B . -1.76 2.67 8.95
HD1 48L B . -2.97 -2.58 8.29
HD2 48L B . -3.19 1.11 6.10
HD3 48L B . -1.20 -1.69 10.10
HD5 48L B . -4.23 -2.37 12.62
HE1 48L B . -1.72 -3.62 6.43
HE2 48L B . -1.95 0.07 4.23
HE3 48L B . 0.83 2.63 8.72
HE5 48L B . -5.07 -4.48 13.56
HE6 48L B . -6.78 -5.53 9.79
HZ2 48L B . 2.27 0.63 9.07
HM11 48L B . -5.42 -6.81 13.91
HM12 48L B . -6.97 -5.96 14.22
HM13 48L B . -6.98 -7.67 13.72
HM21 48L B . -3.76 -4.98 7.45
HM22 48L B . -4.71 -6.02 8.53
HM23 48L B . -4.80 -6.26 6.79
HM31 48L B . -6.07 -4.53 5.31
HM32 48L B . -6.67 -3.05 6.06
HM33 48L B . -4.93 -3.32 5.92
HN1 48L B . -10.90 -0.58 10.70
H21 48L B . -8.74 0.99 10.66
H22 48L B . -8.95 -0.15 11.99
H31 48L B . -6.70 -0.23 10.92
H32 48L B . -7.55 -1.79 10.92
H41 48L B . -8.55 -2.27 7.91
H42 48L B . -8.76 -0.58 7.43
H7 48L B . -3.46 1.22 10.20
H8 48L B . -4.29 0.99 8.12
H9 48L B . -6.85 -5.03 7.61
N GLN A 1 1.41 20.76 6.38
CA GLN A 1 1.42 20.29 4.99
C GLN A 1 2.28 19.03 4.78
N ILE A 2 2.34 18.56 3.53
CA ILE A 2 3.17 17.42 3.10
C ILE A 2 4.66 17.80 3.21
N ASN A 3 5.46 16.97 3.89
CA ASN A 3 6.85 17.30 4.26
C ASN A 3 7.90 16.76 3.28
N GLN A 4 8.06 15.44 3.25
CA GLN A 4 8.86 14.72 2.28
C GLN A 4 8.08 13.54 1.68
N VAL A 5 8.14 13.37 0.36
CA VAL A 5 7.61 12.19 -0.35
C VAL A 5 8.10 12.13 -1.80
N ARG A 6 8.39 10.91 -2.29
CA ARG A 6 8.64 10.64 -3.72
C ARG A 6 8.27 9.16 -4.05
N PRO A 7 7.20 8.89 -4.83
CA PRO A 7 6.72 7.52 -5.11
C PRO A 7 7.21 6.95 -6.46
N LYS A 8 6.84 5.68 -6.71
CA LYS A 8 7.01 4.96 -7.99
C LYS A 8 5.69 4.99 -8.77
N LEU A 9 5.73 5.03 -10.09
CA LEU A 9 4.53 5.19 -10.95
C LEU A 9 3.42 4.13 -10.74
N PRO A 10 3.71 2.82 -10.71
CA PRO A 10 2.69 1.81 -10.37
C PRO A 10 2.12 1.95 -8.94
N LEU A 11 2.85 2.55 -8.01
CA LEU A 11 2.42 2.69 -6.60
C LEU A 11 1.58 3.98 -6.47
N LEU A 12 2.01 5.07 -7.11
CA LEU A 12 1.23 6.31 -7.31
C LEU A 12 -0.16 5.95 -7.87
N LYS A 13 -0.24 5.05 -8.85
CA LYS A 13 -1.53 4.58 -9.42
C LYS A 13 -2.40 3.83 -8.40
N ILE A 14 -1.83 3.05 -7.47
CA ILE A 14 -2.59 2.52 -6.32
C ILE A 14 -3.12 3.69 -5.49
N LEU A 15 -2.29 4.71 -5.28
CA LEU A 15 -2.60 5.88 -4.47
C LEU A 15 -3.77 6.70 -5.06
N HIS A 16 -3.72 7.03 -6.35
CA HIS A 16 -4.85 7.66 -7.06
C HIS A 16 -6.12 6.80 -6.99
N ALA A 17 -6.02 5.50 -7.30
CA ALA A 17 -7.17 4.58 -7.36
C ALA A 17 -7.83 4.38 -5.98
N ALA A 18 -7.03 4.43 -4.90
CA ALA A 18 -7.49 4.45 -3.52
C ALA A 18 -8.17 5.76 -3.07
N GLY A 19 -8.20 6.79 -3.93
CA GLY A 19 -8.88 8.07 -3.70
C GLY A 19 -7.97 9.32 -3.76
N ALA A 20 -6.66 9.15 -3.99
CA ALA A 20 -5.71 10.27 -4.04
C ALA A 20 -5.67 11.00 -5.41
N GLN A 21 -4.66 11.86 -5.53
CA GLN A 21 -4.35 12.81 -6.61
C GLN A 21 -2.92 13.34 -6.40
N GLY A 22 -2.20 13.66 -7.48
CA GLY A 22 -0.78 13.98 -7.47
C GLY A 22 0.10 12.76 -7.16
N GLU A 23 1.39 12.98 -7.03
CA GLU A 23 2.40 11.99 -6.61
C GLU A 23 3.19 12.47 -5.38
N MET A 24 2.51 13.17 -4.47
CA MET A 24 3.11 13.61 -3.21
C MET A 24 2.09 13.46 -2.05
N PHE A 25 2.32 12.45 -1.20
CA PHE A 25 1.55 12.09 0.01
C PHE A 25 2.49 11.46 1.06
N THR A 26 2.49 11.94 2.31
CA THR A 26 3.43 11.49 3.37
C THR A 26 3.06 10.13 3.96
N VAL A 27 3.85 9.59 4.92
CA VAL A 27 3.67 8.23 5.52
C VAL A 27 2.21 7.97 5.92
N LYS A 28 1.63 8.97 6.58
CA LYS A 28 0.27 8.98 7.13
C LYS A 28 -0.79 8.84 6.04
N GLU A 29 -0.55 9.48 4.89
CA GLU A 29 -1.41 9.44 3.71
C GLU A 29 -1.24 8.12 2.95
N VAL A 30 0.01 7.69 2.69
CA VAL A 30 0.31 6.46 1.94
C VAL A 30 -0.27 5.22 2.63
N MET A 31 -0.05 5.05 3.93
CA MET A 31 -0.59 3.90 4.67
C MET A 31 -2.13 3.96 4.78
N HIS A 32 -2.70 5.16 4.95
CA HIS A 32 -4.16 5.34 4.92
C HIS A 32 -4.75 4.88 3.58
N TYR A 33 -4.22 5.37 2.46
CA TYR A 33 -4.67 4.97 1.12
C TYR A 33 -4.45 3.47 0.84
N LEU A 34 -3.37 2.86 1.35
CA LEU A 34 -3.16 1.41 1.24
C LEU A 34 -4.26 0.64 1.99
N GLY A 35 -4.60 1.07 3.22
CA GLY A 35 -5.71 0.52 4.00
C GLY A 35 -7.06 0.66 3.29
N GLN A 36 -7.37 1.86 2.77
CA GLN A 36 -8.59 2.07 1.96
C GLN A 36 -8.63 1.10 0.79
N TYR A 37 -7.55 0.99 0.02
CA TYR A 37 -7.51 0.15 -1.19
C TYR A 37 -7.73 -1.33 -0.88
N ILE A 38 -7.07 -1.86 0.16
CA ILE A 38 -7.29 -3.24 0.63
C ILE A 38 -8.76 -3.45 1.03
N MET A 39 -9.36 -2.53 1.79
CA MET A 39 -10.77 -2.61 2.19
C MET A 39 -11.76 -2.38 1.02
N VAL A 40 -11.43 -1.56 0.02
CA VAL A 40 -12.29 -1.20 -1.11
C VAL A 40 -12.34 -2.31 -2.15
N LYS A 41 -11.17 -2.91 -2.46
CA LYS A 41 -11.06 -4.10 -3.32
C LYS A 41 -11.21 -5.42 -2.56
N GLN A 42 -11.30 -5.39 -1.22
CA GLN A 42 -11.65 -6.53 -0.35
C GLN A 42 -10.60 -7.64 -0.35
N LEU A 43 -9.33 -7.24 -0.25
CA LEU A 43 -8.16 -8.12 -0.21
C LEU A 43 -7.87 -8.59 1.21
N TYR A 44 -8.87 -9.07 1.93
CA TYR A 44 -8.68 -9.62 3.29
C TYR A 44 -9.67 -10.76 3.61
N ASP A 45 -9.40 -11.54 4.67
CA ASP A 45 -10.30 -12.60 5.16
C ASP A 45 -11.31 -12.06 6.18
N GLN A 46 -12.58 -12.53 6.13
CA GLN A 46 -13.64 -12.02 6.99
C GLN A 46 -13.53 -12.41 8.47
N GLN A 47 -12.79 -13.47 8.80
CA GLN A 47 -12.50 -13.91 10.18
C GLN A 47 -11.06 -13.54 10.59
N GLU A 48 -10.12 -13.57 9.65
CA GLU A 48 -8.73 -13.16 9.84
C GLU A 48 -8.50 -11.76 9.24
N GLN A 49 -9.19 -10.75 9.79
CA GLN A 49 -9.21 -9.39 9.22
C GLN A 49 -7.85 -8.69 9.29
N HIS A 50 -6.96 -9.15 10.19
CA HIS A 50 -5.54 -8.77 10.27
C HIS A 50 -4.67 -9.35 9.15
N MET A 51 -5.19 -10.28 8.36
CA MET A 51 -4.52 -10.99 7.28
C MET A 51 -4.99 -10.48 5.91
N VAL A 52 -4.04 -10.15 5.03
CA VAL A 52 -4.27 -9.61 3.70
C VAL A 52 -4.17 -10.73 2.68
N TYR A 53 -5.09 -10.72 1.71
CA TYR A 53 -5.29 -11.72 0.66
C TYR A 53 -5.50 -11.05 -0.70
N CYS A 54 -4.43 -10.41 -1.16
CA CYS A 54 -4.22 -9.86 -2.50
C CYS A 54 -3.98 -10.96 -3.57
N GLY A 55 -4.67 -12.10 -3.48
CA GLY A 55 -4.46 -13.36 -4.23
C GLY A 55 -4.19 -13.25 -5.74
N GLY A 56 -4.84 -12.29 -6.41
CA GLY A 56 -4.57 -11.93 -7.82
C GLY A 56 -4.63 -10.42 -8.05
N ASP A 57 -4.34 -9.62 -7.03
CA ASP A 57 -4.55 -8.17 -7.05
C ASP A 57 -3.33 -7.38 -7.53
N LEU A 58 -3.55 -6.22 -8.17
CA LEU A 58 -2.48 -5.31 -8.59
C LEU A 58 -1.53 -4.93 -7.45
N LEU A 59 -2.03 -4.66 -6.24
CA LEU A 59 -1.17 -4.35 -5.09
C LEU A 59 -0.31 -5.57 -4.71
N GLY A 60 -0.87 -6.78 -4.68
CA GLY A 60 -0.13 -8.00 -4.34
C GLY A 60 0.97 -8.34 -5.37
N GLU A 61 0.62 -8.29 -6.65
CA GLU A 61 1.54 -8.50 -7.78
C GLU A 61 2.68 -7.47 -7.78
N LEU A 62 2.31 -6.19 -7.62
CA LEU A 62 3.26 -5.07 -7.54
C LEU A 62 4.19 -5.16 -6.31
N LEU A 63 3.66 -5.55 -5.15
CA LEU A 63 4.45 -5.70 -3.92
C LEU A 63 5.32 -6.97 -3.93
N GLY A 64 4.91 -7.98 -4.71
CA GLY A 64 5.61 -9.25 -4.87
C GLY A 64 5.21 -10.33 -3.87
N ARG A 65 4.20 -10.05 -3.01
CA ARG A 65 3.59 -11.03 -2.09
C ARG A 65 2.07 -10.87 -2.13
N GLN A 66 1.35 -11.97 -2.42
CA GLN A 66 -0.11 -11.97 -2.54
C GLN A 66 -0.81 -12.12 -1.18
N SER A 67 -0.06 -12.35 -0.09
CA SER A 67 -0.56 -12.33 1.29
C SER A 67 0.52 -11.90 2.29
N PHE A 68 0.11 -11.17 3.31
CA PHE A 68 0.91 -10.69 4.46
C PHE A 68 -0.06 -10.32 5.60
N SER A 69 0.42 -9.90 6.77
CA SER A 69 -0.43 -9.51 7.90
C SER A 69 -0.01 -8.19 8.56
N VAL A 70 -0.91 -7.66 9.38
CA VAL A 70 -0.65 -6.50 10.24
C VAL A 70 0.40 -6.82 11.33
N LYS A 71 0.55 -8.10 11.70
CA LYS A 71 1.57 -8.62 12.62
C LYS A 71 2.94 -8.82 11.96
N ASP A 72 2.98 -9.15 10.67
CA ASP A 72 4.18 -9.36 9.87
C ASP A 72 4.07 -8.68 8.48
N PRO A 73 4.14 -7.33 8.44
CA PRO A 73 4.05 -6.54 7.20
C PRO A 73 5.39 -6.46 6.43
N SER A 74 6.39 -7.27 6.80
CA SER A 74 7.78 -7.21 6.30
C SER A 74 7.91 -7.14 4.77
N PRO A 75 7.25 -7.99 3.94
CA PRO A 75 7.36 -7.88 2.49
C PRO A 75 6.78 -6.57 1.93
N LEU A 76 5.79 -5.95 2.60
CA LEU A 76 5.24 -4.66 2.18
C LEU A 76 6.21 -3.51 2.51
N TYR A 77 6.86 -3.50 3.66
CA TYR A 77 7.92 -2.52 3.93
C TYR A 77 9.10 -2.67 2.95
N ASP A 78 9.46 -3.90 2.60
CA ASP A 78 10.50 -4.15 1.60
C ASP A 78 10.08 -3.65 0.21
N MET A 79 8.81 -3.86 -0.17
CA MET A 79 8.20 -3.26 -1.38
C MET A 79 8.27 -1.73 -1.34
N LEU A 80 7.96 -1.11 -0.20
CA LEU A 80 7.94 0.34 -0.05
C LEU A 80 9.34 0.88 -0.31
N ARG A 81 10.36 0.41 0.43
CA ARG A 81 11.73 0.93 0.33
C ARG A 81 12.43 0.66 -1.02
N LYS A 82 11.86 -0.18 -1.91
CA LYS A 82 12.32 -0.35 -3.30
C LYS A 82 11.47 0.37 -4.36
N ASN A 83 10.28 0.87 -3.99
CA ASN A 83 9.44 1.72 -4.84
C ASN A 83 9.68 3.20 -4.51
N LEU A 84 9.33 3.59 -3.29
CA LEU A 84 9.34 4.98 -2.81
C LEU A 84 10.49 5.28 -1.84
N VAL A 85 10.71 6.57 -1.55
CA VAL A 85 11.63 6.99 -0.47
C VAL A 85 11.17 6.45 0.89
N THR A 86 12.09 6.33 1.85
CA THR A 86 11.79 5.75 3.17
C THR A 86 10.73 6.58 3.92
N LEU A 87 9.54 5.99 4.10
CA LEU A 87 8.41 6.56 4.84
C LEU A 87 8.08 5.66 6.03
N ALA A 88 8.32 6.14 7.26
CA ALA A 88 8.06 5.44 8.52
C ALA A 88 7.65 6.41 9.64
N THR A 89 6.80 5.95 10.57
CA THR A 89 6.21 6.78 11.65
C THR A 89 5.91 5.97 12.92
N 48L B . -3.97 -0.98 10.78
CG1 48L B . -3.25 -0.50 7.55
CG2 48L B . -1.87 0.28 9.99
CG3 48L B . -5.57 -2.78 10.47
CD1 48L B . -2.65 -1.75 7.69
CD2 48L B . -3.07 0.21 6.36
CD3 48L B . -1.07 -0.81 10.35
CD4 48L B . -1.26 1.45 9.54
CD5 48L B . -5.39 -3.26 11.77
CD6 48L B . -6.32 -3.57 9.58
CE1 48L B . -1.88 -2.29 6.65
CE2 48L B . -2.30 -0.32 5.34
CE3 48L B . 0.12 1.54 9.44
CE4 48L B . 0.32 -0.72 10.22
CE5 48L B . -6.02 -4.43 12.20
CE6 48L B . -6.98 -4.70 10.02
CZ1 48L B . -1.71 -1.57 5.48
CZ2 48L B . 0.92 0.45 9.77
CZ3 48L B . -6.84 -5.14 11.34
CL 48L B . -0.78 -2.22 4.18
CM1 48L B . -7.69 -6.69 13.09
CM2 48L B . -5.35 -3.16 6.01
CM3 48L B . -5.61 -5.41 7.15
C1 48L B . -10.23 -0.63 8.86
N1 48L B . -10.25 -0.09 10.09
O1 48L B . -11.30 -0.90 8.34
C2 48L B . -9.05 0.25 10.85
N2 48L B . -7.64 -0.63 8.97
C3 48L B . -7.83 -0.59 10.43
N3 48L B . -5.28 -0.71 8.96
O3 48L B . -7.51 -6.29 11.70
C4 48L B . -8.88 -0.85 8.18
C5 48L B . -6.45 -0.43 8.33
O5 48L B . -6.44 0.04 7.21
C6 48L B . -4.96 -1.45 10.13
O6 48L B . -6.36 -3.32 8.22
C7 48L B . -3.40 0.20 10.06
C8 48L B . -4.10 0.10 8.67
C9 48L B . -5.35 -3.90 7.36
BR 48L B . 1.39 -2.23 10.65
F 48L B . -2.01 2.52 9.19
HD1 48L B . -2.77 -2.33 8.61
HD2 48L B . -3.54 1.19 6.23
HD3 48L B . -1.51 -1.73 10.70
HD5 48L B . -4.78 -2.70 12.49
HE1 48L B . -1.41 -3.27 6.77
HE2 48L B . -2.18 0.24 4.42
HE3 48L B . 0.58 2.47 9.08
HE5 48L B . -5.87 -4.76 13.23
HE6 48L B . -7.58 -5.28 9.33
HZ2 48L B . 2.00 0.52 9.68
HM11 48L B . -8.28 -7.59 13.13
HM12 48L B . -6.71 -6.87 13.55
HM13 48L B . -8.20 -5.89 13.64
HM21 48L B . -4.54 -3.54 5.38
HM22 48L B . -6.28 -3.31 5.49
HM23 48L B . -5.19 -2.10 6.16
HM31 48L B . -5.49 -5.95 8.09
HM32 48L B . -6.62 -5.57 6.77
HM33 48L B . -4.90 -5.82 6.44
HN1 48L B . -11.16 0.06 10.51
H21 48L B . -8.82 1.31 10.67
H22 48L B . -9.25 0.11 11.92
H31 48L B . -6.96 -0.16 10.94
H32 48L B . -7.99 -1.62 10.80
H41 48L B . -8.89 -1.89 7.84
H42 48L B . -8.89 -0.20 7.30
H7 48L B . -3.79 1.10 10.56
H8 48L B . -4.41 1.11 8.39
H9 48L B . -4.37 -3.78 7.83
N GLN A 1 1.12 16.71 8.82
CA GLN A 1 0.81 16.81 7.39
C GLN A 1 2.03 16.49 6.50
N ILE A 2 1.82 16.51 5.18
CA ILE A 2 2.80 16.12 4.15
C ILE A 2 4.00 17.09 4.16
N ASN A 3 5.21 16.55 4.34
CA ASN A 3 6.46 17.32 4.43
C ASN A 3 7.38 17.08 3.22
N GLN A 4 7.88 15.86 3.08
CA GLN A 4 8.71 15.39 1.96
C GLN A 4 8.34 13.97 1.53
N VAL A 5 8.24 13.75 0.23
CA VAL A 5 7.81 12.48 -0.39
C VAL A 5 8.16 12.38 -1.88
N ARG A 6 8.46 11.16 -2.36
CA ARG A 6 8.58 10.81 -3.78
C ARG A 6 8.19 9.33 -3.98
N PRO A 7 7.10 9.00 -4.69
CA PRO A 7 6.69 7.61 -4.98
C PRO A 7 7.23 7.08 -6.34
N LYS A 8 6.90 5.83 -6.66
CA LYS A 8 7.12 5.19 -7.98
C LYS A 8 5.77 4.94 -8.68
N LEU A 9 5.71 5.01 -10.01
CA LEU A 9 4.46 5.02 -10.79
C LEU A 9 3.46 3.88 -10.48
N PRO A 10 3.85 2.59 -10.48
CA PRO A 10 2.90 1.50 -10.19
C PRO A 10 2.41 1.45 -8.73
N LEU A 11 3.02 2.24 -7.82
CA LEU A 11 2.54 2.44 -6.44
C LEU A 11 1.71 3.72 -6.34
N LEU A 12 2.13 4.82 -6.98
CA LEU A 12 1.33 6.05 -7.16
C LEU A 12 -0.06 5.72 -7.73
N LYS A 13 -0.16 4.85 -8.73
CA LYS A 13 -1.45 4.42 -9.31
C LYS A 13 -2.38 3.74 -8.28
N ILE A 14 -1.85 3.04 -7.27
CA ILE A 14 -2.65 2.55 -6.13
C ILE A 14 -3.20 3.74 -5.33
N LEU A 15 -2.37 4.75 -5.10
CA LEU A 15 -2.71 5.94 -4.30
C LEU A 15 -3.78 6.80 -4.97
N HIS A 16 -3.65 7.09 -6.27
CA HIS A 16 -4.71 7.73 -7.06
C HIS A 16 -6.00 6.88 -7.06
N ALA A 17 -5.90 5.57 -7.34
CA ALA A 17 -7.06 4.67 -7.45
C ALA A 17 -7.82 4.49 -6.11
N ALA A 18 -7.10 4.57 -4.98
CA ALA A 18 -7.68 4.62 -3.64
C ALA A 18 -8.47 5.91 -3.33
N GLY A 19 -8.39 6.93 -4.20
CA GLY A 19 -9.13 8.18 -4.12
C GLY A 19 -8.28 9.46 -4.24
N ALA A 20 -6.95 9.34 -4.32
CA ALA A 20 -6.04 10.49 -4.35
C ALA A 20 -5.82 11.09 -5.76
N GLN A 21 -4.88 12.03 -5.82
CA GLN A 21 -4.48 12.89 -6.95
C GLN A 21 -3.19 13.67 -6.55
N GLY A 22 -2.23 13.80 -7.48
CA GLY A 22 -0.90 14.39 -7.23
C GLY A 22 0.03 13.45 -6.44
N GLU A 23 1.20 13.11 -6.97
CA GLU A 23 2.12 12.08 -6.46
C GLU A 23 2.98 12.51 -5.27
N MET A 24 2.35 13.08 -4.25
CA MET A 24 3.01 13.53 -3.03
C MET A 24 2.10 13.32 -1.79
N PHE A 25 2.39 12.27 -1.01
CA PHE A 25 1.73 11.89 0.26
C PHE A 25 2.72 11.15 1.19
N THR A 26 2.84 11.54 2.46
CA THR A 26 3.82 10.95 3.41
C THR A 26 3.40 9.54 3.85
N VAL A 27 4.25 8.74 4.52
CA VAL A 27 3.94 7.32 4.81
C VAL A 27 2.62 7.12 5.56
N LYS A 28 2.28 8.06 6.44
CA LYS A 28 0.99 8.13 7.16
C LYS A 28 -0.22 8.18 6.21
N GLU A 29 -0.07 8.92 5.10
CA GLU A 29 -1.05 9.02 4.00
C GLU A 29 -1.00 7.79 3.09
N VAL A 30 0.20 7.33 2.69
CA VAL A 30 0.39 6.11 1.85
C VAL A 30 -0.29 4.91 2.48
N MET A 31 -0.07 4.66 3.77
CA MET A 31 -0.67 3.53 4.49
C MET A 31 -2.19 3.69 4.60
N HIS A 32 -2.70 4.90 4.91
CA HIS A 32 -4.14 5.18 4.92
C HIS A 32 -4.80 4.87 3.58
N TYR A 33 -4.19 5.30 2.46
CA TYR A 33 -4.67 4.96 1.11
C TYR A 33 -4.60 3.45 0.82
N LEU A 34 -3.56 2.73 1.26
CA LEU A 34 -3.46 1.27 1.08
C LEU A 34 -4.54 0.52 1.87
N GLY A 35 -4.80 0.90 3.12
CA GLY A 35 -5.83 0.27 3.96
C GLY A 35 -7.23 0.44 3.36
N GLN A 36 -7.55 1.67 2.91
CA GLN A 36 -8.80 1.95 2.20
C GLN A 36 -8.90 1.13 0.93
N TYR A 37 -7.84 1.13 0.13
CA TYR A 37 -7.78 0.38 -1.13
C TYR A 37 -8.02 -1.13 -0.93
N ILE A 38 -7.41 -1.73 0.09
CA ILE A 38 -7.61 -3.14 0.46
C ILE A 38 -9.07 -3.39 0.87
N MET A 39 -9.67 -2.51 1.69
CA MET A 39 -11.10 -2.60 2.04
C MET A 39 -12.04 -2.35 0.85
N VAL A 40 -11.69 -1.47 -0.09
CA VAL A 40 -12.53 -1.08 -1.24
C VAL A 40 -12.49 -2.12 -2.35
N LYS A 41 -11.31 -2.66 -2.65
CA LYS A 41 -11.11 -3.74 -3.63
C LYS A 41 -11.31 -5.14 -3.03
N GLN A 42 -11.42 -5.26 -1.70
CA GLN A 42 -11.79 -6.48 -0.96
C GLN A 42 -10.71 -7.56 -1.00
N LEU A 43 -9.50 -7.13 -0.61
CA LEU A 43 -8.25 -7.90 -0.58
C LEU A 43 -8.04 -8.54 0.80
N TYR A 44 -9.09 -9.00 1.50
CA TYR A 44 -9.00 -9.48 2.88
C TYR A 44 -9.99 -10.63 3.18
N ASP A 45 -9.80 -11.33 4.32
CA ASP A 45 -10.75 -12.33 4.83
C ASP A 45 -11.78 -11.70 5.78
N GLN A 46 -13.07 -12.07 5.66
CA GLN A 46 -14.14 -11.45 6.43
C GLN A 46 -14.12 -11.74 7.95
N GLN A 47 -13.42 -12.79 8.39
CA GLN A 47 -13.21 -13.13 9.80
C GLN A 47 -11.78 -12.80 10.26
N GLU A 48 -10.79 -12.93 9.37
CA GLU A 48 -9.39 -12.54 9.61
C GLU A 48 -9.09 -11.20 8.93
N GLN A 49 -9.79 -10.14 9.35
CA GLN A 49 -9.74 -8.81 8.70
C GLN A 49 -8.37 -8.13 8.83
N HIS A 50 -7.56 -8.56 9.80
CA HIS A 50 -6.15 -8.20 10.01
C HIS A 50 -5.18 -8.86 9.00
N MET A 51 -5.67 -9.84 8.23
CA MET A 51 -4.94 -10.61 7.24
C MET A 51 -5.38 -10.20 5.81
N VAL A 52 -4.39 -9.98 4.93
CA VAL A 52 -4.59 -9.51 3.56
C VAL A 52 -4.41 -10.69 2.61
N TYR A 53 -5.31 -10.80 1.64
CA TYR A 53 -5.43 -11.86 0.64
C TYR A 53 -5.64 -11.24 -0.75
N CYS A 54 -4.61 -10.53 -1.18
CA CYS A 54 -4.46 -9.93 -2.51
C CYS A 54 -4.01 -10.93 -3.60
N GLY A 55 -4.57 -12.16 -3.55
CA GLY A 55 -4.20 -13.37 -4.29
C GLY A 55 -3.90 -13.24 -5.80
N GLY A 56 -4.55 -12.29 -6.47
CA GLY A 56 -4.29 -11.95 -7.88
C GLY A 56 -4.37 -10.45 -8.17
N ASP A 57 -4.20 -9.58 -7.15
CA ASP A 57 -4.38 -8.13 -7.29
C ASP A 57 -3.09 -7.41 -7.71
N LEU A 58 -3.23 -6.31 -8.46
CA LEU A 58 -2.14 -5.46 -8.89
C LEU A 58 -1.30 -4.92 -7.71
N LEU A 59 -1.92 -4.62 -6.55
CA LEU A 59 -1.18 -4.29 -5.32
C LEU A 59 -0.35 -5.48 -4.80
N GLY A 60 -0.90 -6.70 -4.77
CA GLY A 60 -0.16 -7.91 -4.35
C GLY A 60 1.01 -8.25 -5.30
N GLU A 61 0.80 -8.11 -6.60
CA GLU A 61 1.82 -8.30 -7.64
C GLU A 61 2.95 -7.27 -7.52
N LEU A 62 2.58 -5.99 -7.38
CA LEU A 62 3.50 -4.87 -7.17
C LEU A 62 4.30 -5.02 -5.87
N LEU A 63 3.64 -5.34 -4.76
CA LEU A 63 4.30 -5.53 -3.47
C LEU A 63 5.18 -6.80 -3.45
N GLY A 64 4.82 -7.78 -4.28
CA GLY A 64 5.60 -9.01 -4.48
C GLY A 64 5.23 -10.13 -3.50
N ARG A 65 4.20 -9.91 -2.67
CA ARG A 65 3.57 -10.93 -1.81
C ARG A 65 2.05 -10.80 -1.94
N GLN A 66 1.36 -11.90 -2.23
CA GLN A 66 -0.10 -11.89 -2.44
C GLN A 66 -0.89 -12.16 -1.13
N SER A 67 -0.18 -12.24 0.01
CA SER A 67 -0.74 -12.27 1.36
C SER A 67 0.29 -11.79 2.40
N PHE A 68 -0.18 -11.03 3.39
CA PHE A 68 0.57 -10.49 4.53
C PHE A 68 -0.43 -10.05 5.62
N SER A 69 0.03 -9.64 6.81
CA SER A 69 -0.84 -9.17 7.89
C SER A 69 -0.38 -7.85 8.51
N VAL A 70 -1.25 -7.23 9.32
CA VAL A 70 -0.88 -6.06 10.16
C VAL A 70 0.19 -6.38 11.22
N LYS A 71 0.40 -7.67 11.53
CA LYS A 71 1.44 -8.20 12.42
C LYS A 71 2.71 -8.65 11.67
N ASP A 72 2.67 -8.69 10.34
CA ASP A 72 3.77 -9.09 9.45
C ASP A 72 3.90 -8.15 8.24
N PRO A 73 4.29 -6.87 8.45
CA PRO A 73 4.51 -5.88 7.39
C PRO A 73 5.85 -6.07 6.65
N SER A 74 6.53 -7.21 6.79
CA SER A 74 7.88 -7.44 6.23
C SER A 74 7.97 -7.22 4.70
N PRO A 75 7.10 -7.80 3.86
CA PRO A 75 7.09 -7.51 2.42
C PRO A 75 6.61 -6.08 2.10
N LEU A 76 5.87 -5.43 3.01
CA LEU A 76 5.38 -4.07 2.85
C LEU A 76 6.53 -3.06 2.96
N TYR A 77 7.39 -3.19 3.97
CA TYR A 77 8.61 -2.36 4.06
C TYR A 77 9.58 -2.62 2.90
N ASP A 78 9.74 -3.87 2.49
CA ASP A 78 10.58 -4.23 1.35
C ASP A 78 10.09 -3.63 0.04
N MET A 79 8.77 -3.62 -0.19
CA MET A 79 8.20 -2.98 -1.37
C MET A 79 8.29 -1.45 -1.31
N LEU A 80 8.08 -0.81 -0.14
CA LEU A 80 8.07 0.64 -0.05
C LEU A 80 9.49 1.17 -0.28
N ARG A 81 10.51 0.53 0.32
CA ARG A 81 11.94 0.84 0.10
C ARG A 81 12.40 0.64 -1.36
N LYS A 82 11.66 -0.15 -2.16
CA LYS A 82 11.90 -0.36 -3.61
C LYS A 82 10.98 0.44 -4.52
N ASN A 83 10.03 1.21 -3.97
CA ASN A 83 9.16 2.11 -4.74
C ASN A 83 9.48 3.56 -4.36
N LEU A 84 8.94 3.99 -3.22
CA LEU A 84 9.15 5.34 -2.69
C LEU A 84 10.53 5.51 -2.03
N VAL A 85 10.89 6.77 -1.81
CA VAL A 85 12.06 7.15 -0.99
C VAL A 85 11.81 6.75 0.48
N THR A 86 12.87 6.69 1.29
CA THR A 86 12.77 6.28 2.70
C THR A 86 11.86 7.24 3.48
N LEU A 87 10.74 6.70 4.00
CA LEU A 87 9.77 7.38 4.88
C LEU A 87 9.47 6.51 6.10
N ALA A 88 9.29 7.14 7.27
CA ALA A 88 9.07 6.45 8.55
C ALA A 88 8.19 7.29 9.50
N THR A 89 7.56 6.61 10.48
CA THR A 89 6.64 7.22 11.46
C THR A 89 6.62 6.47 12.80
N 48L B . -4.23 -0.87 10.62
CG1 48L B . -3.65 -0.47 7.35
CG2 48L B . -2.08 0.19 9.68
CG3 48L B . -5.98 -2.53 10.38
CD1 48L B . -3.40 -1.85 7.34
CD2 48L B . -3.20 0.30 6.28
CD3 48L B . -1.38 -1.02 9.79
CD4 48L B . -1.38 1.35 9.38
CD5 48L B . -5.85 -3.03 11.68
CD6 48L B . -6.74 -3.27 9.46
CE1 48L B . -2.69 -2.44 6.29
CE2 48L B . -2.50 -0.29 5.23
CE3 48L B . 0.00 1.33 9.20
CE4 48L B . 0.00 -1.05 9.58
CE5 48L B . -6.56 -4.15 12.10
CE6 48L B . -7.46 -4.39 9.88
CZ1 48L B . -2.24 -1.65 5.24
CZ2 48L B . 0.70 0.12 9.30
CZ3 48L B . -7.40 -4.82 11.20
CL 48L B . -1.33 -2.36 3.95
CM1 48L B . -8.53 -6.18 12.93
CM2 48L B . -5.68 -4.93 7.11
CM3 48L B . -6.62 -3.01 5.75
C1 48L B . -10.50 -0.81 8.86
N1 48L B . -10.42 -1.18 10.14
O1 48L B . -11.58 -0.87 8.30
C2 48L B . -9.20 -1.07 10.96
N2 48L B . -7.97 -0.31 8.91
C3 48L B . -8.19 -0.08 10.36
N3 48L B . -5.63 -0.47 8.88
O3 48L B . -8.16 -5.91 11.56
C4 48L B . -9.24 -0.33 8.14
C5 48L B . -6.78 -0.14 8.27
O5 48L B . -6.78 0.34 7.15
C6 48L B . -5.30 -1.24 10.03
O6 48L B . -6.72 -2.94 8.13
C7 48L B . -3.61 0.24 9.85
C8 48L B . -4.38 0.21 8.51
C9 48L B . -6.80 -3.87 7.02
BR 48L B . 0.94 -2.69 9.67
F 48L B . -2.03 2.52 9.25
HD1 48L B . -3.76 -2.46 8.16
HD2 48L B . -3.39 1.37 6.27
HD3 48L B . -1.91 -1.95 10.01
HD5 48L B . -5.23 -2.50 12.40
HE1 48L B . -2.49 -3.51 6.31
HE2 48L B . -2.13 0.32 4.40
HE3 48L B . 0.54 2.25 8.97
HE5 48L B . -6.47 -4.49 13.12
HE6 48L B . -8.09 -4.93 9.18
HZ2 48L B . 1.78 0.10 9.15
HM11 48L B . -9.06 -5.33 13.34
HM12 48L B . -9.19 -7.06 12.95
HM13 48L B . -7.64 -6.39 13.53
HM21 48L B . -5.73 -5.60 6.25
HM22 48L B . -4.70 -4.46 7.13
HM23 48L B . -5.79 -5.54 8.01
HM31 48L B . -7.42 -2.27 5.69
HM32 48L B . -5.67 -2.48 5.77
HM33 48L B . -6.64 -3.63 4.86
HN1 48L B . -11.27 -1.51 10.58
H21 48L B . -9.47 -0.74 11.96
H22 48L B . -8.74 -2.06 11.03
H31 48L B . -8.58 0.93 10.49
H32 48L B . -7.26 -0.12 10.94
H41 48L B . -9.12 -0.99 7.28
H42 48L B . -9.45 0.68 7.79
H7 48L B . -3.86 1.17 10.37
H8 48L B . -4.61 1.25 8.24
H9 48L B . -7.78 -4.35 7.01
N GLN A 1 0.15 16.25 8.62
CA GLN A 1 -0.18 16.62 7.24
C GLN A 1 1.04 16.46 6.29
N ILE A 2 0.86 16.85 5.01
CA ILE A 2 1.87 16.74 3.95
C ILE A 2 3.16 17.49 4.33
N ASN A 3 4.30 16.79 4.28
CA ASN A 3 5.64 17.37 4.50
C ASN A 3 6.50 17.23 3.24
N GLN A 4 7.27 16.14 3.13
CA GLN A 4 8.12 15.80 1.98
C GLN A 4 8.10 14.29 1.69
N VAL A 5 7.97 13.93 0.41
CA VAL A 5 7.86 12.53 -0.06
C VAL A 5 8.13 12.43 -1.56
N ARG A 6 8.42 11.21 -2.06
CA ARG A 6 8.46 10.90 -3.48
C ARG A 6 8.16 9.39 -3.70
N PRO A 7 7.06 9.02 -4.38
CA PRO A 7 6.73 7.62 -4.68
C PRO A 7 7.32 7.16 -6.03
N LYS A 8 6.99 5.92 -6.44
CA LYS A 8 7.28 5.37 -7.78
C LYS A 8 5.98 4.95 -8.47
N LEU A 9 5.93 4.99 -9.80
CA LEU A 9 4.70 4.83 -10.60
C LEU A 9 3.83 3.61 -10.23
N PRO A 10 4.33 2.36 -10.14
CA PRO A 10 3.50 1.20 -9.81
C PRO A 10 2.92 1.18 -8.37
N LEU A 11 3.32 2.12 -7.51
CA LEU A 11 2.73 2.35 -6.18
C LEU A 11 1.89 3.65 -6.16
N LEU A 12 2.33 4.72 -6.83
CA LEU A 12 1.52 5.93 -7.08
C LEU A 12 0.16 5.58 -7.68
N LYS A 13 0.10 4.70 -8.68
CA LYS A 13 -1.19 4.32 -9.30
C LYS A 13 -2.15 3.64 -8.33
N ILE A 14 -1.67 2.99 -7.27
CA ILE A 14 -2.51 2.48 -6.17
C ILE A 14 -3.09 3.66 -5.37
N LEU A 15 -2.25 4.67 -5.08
CA LEU A 15 -2.64 5.87 -4.33
C LEU A 15 -3.70 6.69 -5.08
N HIS A 16 -3.52 6.93 -6.38
CA HIS A 16 -4.55 7.55 -7.24
C HIS A 16 -5.83 6.67 -7.31
N ALA A 17 -5.70 5.36 -7.54
CA ALA A 17 -6.85 4.45 -7.68
C ALA A 17 -7.68 4.30 -6.39
N ALA A 18 -7.04 4.44 -5.21
CA ALA A 18 -7.71 4.54 -3.92
C ALA A 18 -8.57 5.81 -3.78
N GLY A 19 -8.32 6.84 -4.61
CA GLY A 19 -9.08 8.09 -4.66
C GLY A 19 -8.21 9.36 -4.77
N ALA A 20 -6.88 9.24 -4.71
CA ALA A 20 -5.98 10.40 -4.75
C ALA A 20 -5.71 10.96 -6.17
N GLN A 21 -4.79 11.92 -6.20
CA GLN A 21 -4.34 12.77 -7.31
C GLN A 21 -3.12 13.61 -6.84
N GLY A 22 -2.08 13.75 -7.68
CA GLY A 22 -0.81 14.42 -7.35
C GLY A 22 0.07 13.59 -6.40
N GLU A 23 1.23 13.11 -6.89
CA GLU A 23 2.13 12.13 -6.24
C GLU A 23 2.92 12.65 -5.02
N MET A 24 2.29 13.40 -4.13
CA MET A 24 2.93 14.00 -2.94
C MET A 24 2.02 13.82 -1.70
N PHE A 25 2.18 12.67 -1.03
CA PHE A 25 1.47 12.26 0.20
C PHE A 25 2.38 11.45 1.13
N THR A 26 2.48 11.81 2.40
CA THR A 26 3.47 11.28 3.37
C THR A 26 3.06 9.91 3.95
N VAL A 27 3.88 9.23 4.77
CA VAL A 27 3.59 7.83 5.22
C VAL A 27 2.21 7.68 5.86
N LYS A 28 1.79 8.69 6.63
CA LYS A 28 0.46 8.78 7.25
C LYS A 28 -0.70 8.76 6.23
N GLU A 29 -0.48 9.37 5.07
CA GLU A 29 -1.39 9.35 3.91
C GLU A 29 -1.26 8.05 3.09
N VAL A 30 -0.03 7.64 2.74
CA VAL A 30 0.25 6.42 1.94
C VAL A 30 -0.39 5.18 2.58
N MET A 31 -0.18 4.96 3.87
CA MET A 31 -0.72 3.78 4.54
C MET A 31 -2.24 3.86 4.68
N HIS A 32 -2.82 5.04 4.94
CA HIS A 32 -4.27 5.25 4.90
C HIS A 32 -4.87 4.87 3.54
N TYR A 33 -4.30 5.37 2.45
CA TYR A 33 -4.71 5.04 1.08
C TYR A 33 -4.56 3.54 0.74
N LEU A 34 -3.50 2.86 1.20
CA LEU A 34 -3.35 1.41 0.97
C LEU A 34 -4.37 0.61 1.79
N GLY A 35 -4.56 0.94 3.06
CA GLY A 35 -5.52 0.27 3.93
C GLY A 35 -6.95 0.43 3.43
N GLN A 36 -7.35 1.66 3.08
CA GLN A 36 -8.68 1.93 2.54
C GLN A 36 -8.86 1.28 1.15
N TYR A 37 -7.82 1.24 0.29
CA TYR A 37 -7.87 0.49 -0.97
C TYR A 37 -8.13 -1.01 -0.75
N ILE A 38 -7.44 -1.64 0.20
CA ILE A 38 -7.61 -3.06 0.55
C ILE A 38 -9.05 -3.31 1.03
N MET A 39 -9.58 -2.45 1.91
CA MET A 39 -10.99 -2.51 2.35
C MET A 39 -12.00 -2.23 1.22
N VAL A 40 -11.71 -1.33 0.27
CA VAL A 40 -12.61 -0.96 -0.83
C VAL A 40 -12.69 -2.05 -1.89
N LYS A 41 -11.53 -2.61 -2.27
CA LYS A 41 -11.42 -3.70 -3.23
C LYS A 41 -11.70 -5.08 -2.59
N GLN A 42 -11.70 -5.18 -1.24
CA GLN A 42 -11.99 -6.40 -0.46
C GLN A 42 -10.89 -7.47 -0.60
N LEU A 43 -9.65 -7.02 -0.40
CA LEU A 43 -8.40 -7.77 -0.51
C LEU A 43 -7.98 -8.40 0.82
N TYR A 44 -8.93 -8.90 1.61
CA TYR A 44 -8.64 -9.45 2.95
C TYR A 44 -9.62 -10.58 3.35
N ASP A 45 -9.30 -11.35 4.39
CA ASP A 45 -10.19 -12.39 4.95
C ASP A 45 -11.12 -11.84 6.03
N GLN A 46 -12.40 -12.25 6.02
CA GLN A 46 -13.41 -11.73 6.96
C GLN A 46 -13.23 -12.13 8.44
N GLN A 47 -12.48 -13.20 8.71
CA GLN A 47 -12.15 -13.68 10.06
C GLN A 47 -10.69 -13.39 10.42
N GLU A 48 -9.78 -13.43 9.43
CA GLU A 48 -8.37 -13.03 9.55
C GLU A 48 -8.18 -11.62 8.97
N GLN A 49 -8.82 -10.63 9.59
CA GLN A 49 -8.88 -9.26 9.04
C GLN A 49 -7.52 -8.56 9.02
N HIS A 50 -6.57 -9.02 9.84
CA HIS A 50 -5.14 -8.63 9.82
C HIS A 50 -4.36 -9.17 8.61
N MET A 51 -4.93 -10.12 7.87
CA MET A 51 -4.30 -10.84 6.77
C MET A 51 -4.84 -10.36 5.41
N VAL A 52 -3.93 -10.01 4.50
CA VAL A 52 -4.24 -9.44 3.18
C VAL A 52 -4.14 -10.55 2.14
N TYR A 53 -5.10 -10.56 1.22
CA TYR A 53 -5.30 -11.53 0.16
C TYR A 53 -5.58 -10.84 -1.19
N CYS A 54 -4.55 -10.16 -1.66
CA CYS A 54 -4.41 -9.56 -3.01
C CYS A 54 -4.17 -10.60 -4.13
N GLY A 55 -4.73 -11.82 -4.00
CA GLY A 55 -4.46 -13.02 -4.83
C GLY A 55 -4.40 -12.84 -6.35
N GLY A 56 -5.18 -11.90 -6.89
CA GLY A 56 -5.15 -11.48 -8.30
C GLY A 56 -5.23 -9.97 -8.50
N ASP A 57 -4.90 -9.16 -7.49
CA ASP A 57 -5.06 -7.70 -7.56
C ASP A 57 -3.82 -6.99 -8.09
N LEU A 58 -4.04 -5.86 -8.78
CA LEU A 58 -3.02 -4.91 -9.23
C LEU A 58 -2.02 -4.55 -8.12
N LEU A 59 -2.48 -4.31 -6.88
CA LEU A 59 -1.61 -4.05 -5.73
C LEU A 59 -0.69 -5.25 -5.44
N GLY A 60 -1.23 -6.47 -5.34
CA GLY A 60 -0.42 -7.67 -5.05
C GLY A 60 0.62 -7.97 -6.15
N GLU A 61 0.22 -7.81 -7.42
CA GLU A 61 1.09 -8.00 -8.59
C GLU A 61 2.25 -7.01 -8.60
N LEU A 62 1.93 -5.72 -8.47
CA LEU A 62 2.91 -4.63 -8.55
C LEU A 62 3.78 -4.49 -7.29
N LEU A 63 3.28 -4.91 -6.10
CA LEU A 63 4.10 -5.03 -4.89
C LEU A 63 4.98 -6.29 -4.93
N GLY A 64 4.52 -7.35 -5.59
CA GLY A 64 5.29 -8.59 -5.81
C GLY A 64 5.01 -9.68 -4.78
N ARG A 65 4.08 -9.45 -3.84
CA ARG A 65 3.54 -10.45 -2.92
C ARG A 65 2.02 -10.33 -2.88
N GLN A 66 1.30 -11.41 -3.18
CA GLN A 66 -0.17 -11.40 -3.26
C GLN A 66 -0.84 -11.65 -1.89
N SER A 67 -0.07 -11.88 -0.83
CA SER A 67 -0.54 -11.98 0.55
C SER A 67 0.53 -11.57 1.56
N PHE A 68 0.11 -10.89 2.64
CA PHE A 68 0.96 -10.42 3.74
C PHE A 68 0.10 -10.13 4.99
N SER A 69 0.73 -9.94 6.15
CA SER A 69 0.04 -9.71 7.44
C SER A 69 0.47 -8.41 8.09
N VAL A 70 -0.44 -7.82 8.88
CA VAL A 70 -0.15 -6.69 9.78
C VAL A 70 0.88 -7.07 10.86
N LYS A 71 0.96 -8.36 11.25
CA LYS A 71 1.99 -8.89 12.16
C LYS A 71 3.31 -9.22 11.46
N ASP A 72 3.27 -9.44 10.15
CA ASP A 72 4.43 -9.81 9.32
C ASP A 72 4.54 -8.93 8.03
N PRO A 73 4.76 -7.60 8.16
CA PRO A 73 4.79 -6.64 7.05
C PRO A 73 6.11 -6.64 6.26
N SER A 74 6.85 -7.76 6.23
CA SER A 74 8.17 -7.86 5.61
C SER A 74 8.17 -7.53 4.10
N PRO A 75 7.29 -8.12 3.24
CA PRO A 75 7.18 -7.71 1.84
C PRO A 75 6.63 -6.28 1.66
N LEU A 76 5.89 -5.76 2.64
CA LEU A 76 5.26 -4.44 2.60
C LEU A 76 6.31 -3.33 2.75
N TYR A 77 7.14 -3.38 3.81
CA TYR A 77 8.24 -2.42 3.95
C TYR A 77 9.27 -2.55 2.81
N ASP A 78 9.57 -3.78 2.39
CA ASP A 78 10.52 -4.04 1.29
C ASP A 78 10.07 -3.47 -0.05
N MET A 79 8.80 -3.66 -0.41
CA MET A 79 8.23 -3.07 -1.64
C MET A 79 8.16 -1.55 -1.53
N LEU A 80 7.76 -0.98 -0.37
CA LEU A 80 7.65 0.46 -0.19
C LEU A 80 9.01 1.12 -0.34
N ARG A 81 10.07 0.62 0.32
CA ARG A 81 11.44 1.16 0.19
C ARG A 81 12.09 0.96 -1.19
N LYS A 82 11.51 0.09 -2.05
CA LYS A 82 11.89 -0.05 -3.47
C LYS A 82 11.00 0.74 -4.43
N ASN A 83 9.96 1.40 -3.90
CA ASN A 83 9.15 2.37 -4.63
C ASN A 83 9.44 3.79 -4.11
N LEU A 84 8.86 4.10 -2.96
CA LEU A 84 9.00 5.39 -2.29
C LEU A 84 10.39 5.60 -1.62
N VAL A 85 10.78 6.86 -1.42
CA VAL A 85 12.11 7.27 -0.92
C VAL A 85 12.28 7.14 0.61
N THR A 86 11.95 5.97 1.18
CA THR A 86 12.10 5.67 2.61
C THR A 86 11.39 6.68 3.53
N LEU A 87 10.09 6.50 3.72
CA LEU A 87 9.29 7.26 4.69
C LEU A 87 9.23 6.51 6.03
N ALA A 88 9.13 7.26 7.13
CA ALA A 88 9.09 6.71 8.50
C ALA A 88 8.39 7.67 9.49
N THR A 89 7.92 7.12 10.62
CA THR A 89 7.17 7.85 11.65
C THR A 89 7.33 7.23 13.05
N 48L B . -3.19 -1.38 10.49
CG1 48L B . -2.77 -0.66 7.24
CG2 48L B . -1.08 -0.25 9.58
CG3 48L B . -5.02 -2.97 10.26
CD1 48L B . -2.27 -1.95 7.18
CD2 48L B . -2.67 0.16 6.12
CD3 48L B . -0.35 -1.44 9.72
CD4 48L B . -0.40 0.91 9.19
CD5 48L B . -4.78 -3.54 11.51
CD6 48L B . -5.93 -3.60 9.40
CE1 48L B . -1.70 -2.44 6.01
CE2 48L B . -2.09 -0.32 4.94
CE3 48L B . 0.98 0.88 8.95
CE4 48L B . 1.02 -1.46 9.45
CE5 48L B . -5.50 -4.66 11.94
CE6 48L B . -6.65 -4.71 9.85
CZ1 48L B . -1.62 -1.62 4.89
CZ2 48L B . 1.69 -0.31 9.07
CZ3 48L B . -6.46 -5.23 11.11
CL 48L B . -0.94 -2.23 3.42
CM1 48L B . -7.34 -6.77 12.86
CM2 48L B . -5.30 -3.05 5.78
CM3 48L B . -5.46 -5.33 6.87
C1 48L B . -9.51 -1.02 9.25
N1 48L B . -9.33 -1.44 10.51
O1 48L B . -10.64 -1.05 8.79
C2 48L B . -8.06 -1.38 11.24
N2 48L B . -6.98 -0.58 9.12
C3 48L B . -7.05 -0.41 10.59
N3 48L B . -4.65 -0.84 8.85
O3 48L B . -7.22 -6.32 11.48
C4 48L B . -8.30 -0.52 8.46
C5 48L B . -5.85 -0.40 8.39
O5 48L B . -5.91 0.17 7.31
C6 48L B . -4.30 -1.69 9.92
O6 48L B . -6.07 -3.28 8.08
C7 48L B . -2.58 -0.21 9.81
C8 48L B . -3.43 -0.10 8.51
C9 48L B . -5.16 -3.84 7.09
BR 48L B . 1.97 -3.11 9.61
F 48L B . -1.06 2.07 9.05
HD1 48L B . -2.33 -2.60 8.06
HD2 48L B . -3.07 1.17 6.15
HD3 48L B . -0.86 -2.35 10.02
HD5 48L B . -4.07 -3.08 12.19
HE1 48L B . -1.31 -3.47 5.97
HE2 48L B . -2.01 0.32 4.08
HE3 48L B . 1.49 1.80 8.66
HE5 48L B . -5.31 -5.06 12.93
HE6 48L B . -7.37 -5.18 9.18
HZ2 48L B . 2.76 -0.34 8.88
HM11 48L B . -6.36 -7.08 13.24
HM12 48L B . -7.74 -5.94 13.47
HM13 48L B . -8.03 -7.61 12.90
HM21 48L B . -6.32 -3.12 5.38
HM22 48L B . -5.07 -2.00 5.94
HM23 48L B . -4.61 -3.43 5.03
HM31 48L B . -5.24 -5.90 7.77
HM32 48L B . -6.50 -5.48 6.60
HM33 48L B . -4.84 -5.72 6.07
HN1 48L B . -10.15 -1.77 11.00
H21 48L B . -8.24 -1.07 12.27
H22 48L B . -7.63 -2.39 11.26
H31 48L B . -7.40 0.62 10.78
H32 48L B . -6.09 -0.51 11.08
H41 48L B . -8.27 -1.13 7.55
H42 48L B . -8.52 0.52 8.18
H7 48L B . -2.82 0.68 10.42
H8 48L B . -3.68 0.96 8.36
H9 48L B . -4.14 -3.73 7.47
N GLN A 1 0.97 18.67 8.19
CA GLN A 1 0.62 18.33 6.80
C GLN A 1 1.77 17.66 6.03
N ILE A 2 1.49 17.25 4.79
CA ILE A 2 2.46 16.66 3.85
C ILE A 2 3.61 17.64 3.60
N ASN A 3 4.84 17.25 3.95
CA ASN A 3 6.05 18.08 3.80
C ASN A 3 6.83 17.73 2.53
N GLN A 4 7.31 16.48 2.46
CA GLN A 4 8.14 15.95 1.38
C GLN A 4 7.96 14.43 1.19
N VAL A 5 7.84 13.99 -0.06
CA VAL A 5 7.85 12.56 -0.48
C VAL A 5 8.09 12.44 -1.98
N ARG A 6 8.45 11.25 -2.45
CA ARG A 6 8.49 10.90 -3.87
C ARG A 6 8.11 9.40 -4.02
N PRO A 7 6.95 9.05 -4.59
CA PRO A 7 6.56 7.66 -4.84
C PRO A 7 7.09 7.15 -6.20
N LYS A 8 6.84 5.87 -6.51
CA LYS A 8 7.12 5.22 -7.81
C LYS A 8 5.83 4.96 -8.56
N LEU A 9 5.86 5.02 -9.90
CA LEU A 9 4.66 5.03 -10.77
C LEU A 9 3.63 3.90 -10.52
N PRO A 10 3.98 2.61 -10.57
CA PRO A 10 3.02 1.52 -10.29
C PRO A 10 2.51 1.46 -8.84
N LEU A 11 3.07 2.24 -7.91
CA LEU A 11 2.56 2.42 -6.54
C LEU A 11 1.70 3.68 -6.45
N LEU A 12 2.13 4.80 -7.06
CA LEU A 12 1.33 6.01 -7.27
C LEU A 12 -0.04 5.67 -7.88
N LYS A 13 -0.09 4.79 -8.87
CA LYS A 13 -1.36 4.34 -9.48
C LYS A 13 -2.30 3.64 -8.47
N ILE A 14 -1.77 2.94 -7.47
CA ILE A 14 -2.58 2.42 -6.34
C ILE A 14 -3.13 3.59 -5.52
N LEU A 15 -2.33 4.62 -5.28
CA LEU A 15 -2.70 5.81 -4.49
C LEU A 15 -3.81 6.63 -5.17
N HIS A 16 -3.68 6.90 -6.47
CA HIS A 16 -4.77 7.51 -7.27
C HIS A 16 -6.03 6.62 -7.24
N ALA A 17 -5.90 5.31 -7.49
CA ALA A 17 -7.03 4.37 -7.50
C ALA A 17 -7.72 4.22 -6.14
N ALA A 18 -6.98 4.37 -5.04
CA ALA A 18 -7.49 4.47 -3.67
C ALA A 18 -8.27 5.78 -3.36
N GLY A 19 -8.34 6.71 -4.32
CA GLY A 19 -9.12 7.95 -4.27
C GLY A 19 -8.31 9.24 -4.40
N ALA A 20 -6.97 9.15 -4.53
CA ALA A 20 -6.09 10.31 -4.60
C ALA A 20 -5.89 10.88 -6.04
N GLN A 21 -4.95 11.82 -6.12
CA GLN A 21 -4.54 12.64 -7.27
C GLN A 21 -3.29 13.47 -6.87
N GLY A 22 -2.30 13.60 -7.76
CA GLY A 22 -1.01 14.27 -7.51
C GLY A 22 -0.07 13.45 -6.62
N GLU A 23 1.11 13.08 -7.14
CA GLU A 23 2.06 12.12 -6.55
C GLU A 23 2.90 12.65 -5.37
N MET A 24 2.24 13.29 -4.40
CA MET A 24 2.88 13.90 -3.23
C MET A 24 2.00 13.68 -1.97
N PHE A 25 2.27 12.58 -1.26
CA PHE A 25 1.66 12.17 0.02
C PHE A 25 2.66 11.35 0.88
N THR A 26 2.80 11.67 2.16
CA THR A 26 3.80 11.08 3.10
C THR A 26 3.41 9.67 3.56
N VAL A 27 4.26 8.93 4.27
CA VAL A 27 3.99 7.50 4.62
C VAL A 27 2.69 7.31 5.39
N LYS A 28 2.34 8.28 6.24
CA LYS A 28 1.06 8.36 6.97
C LYS A 28 -0.15 8.35 6.03
N GLU A 29 -0.05 9.09 4.92
CA GLU A 29 -1.06 9.15 3.86
C GLU A 29 -1.02 7.90 2.97
N VAL A 30 0.17 7.46 2.56
CA VAL A 30 0.37 6.25 1.73
C VAL A 30 -0.24 5.02 2.40
N MET A 31 0.01 4.80 3.69
CA MET A 31 -0.54 3.65 4.42
C MET A 31 -2.05 3.75 4.63
N HIS A 32 -2.59 4.95 4.90
CA HIS A 32 -4.04 5.20 4.91
C HIS A 32 -4.69 4.80 3.59
N TYR A 33 -4.20 5.34 2.47
CA TYR A 33 -4.62 4.96 1.12
C TYR A 33 -4.48 3.45 0.84
N LEU A 34 -3.41 2.79 1.30
CA LEU A 34 -3.20 1.34 1.13
C LEU A 34 -4.23 0.52 1.92
N GLY A 35 -4.45 0.85 3.20
CA GLY A 35 -5.44 0.18 4.04
C GLY A 35 -6.86 0.36 3.49
N GLN A 36 -7.23 1.60 3.15
CA GLN A 36 -8.56 1.85 2.59
C GLN A 36 -8.73 1.25 1.18
N TYR A 37 -7.68 1.16 0.36
CA TYR A 37 -7.69 0.41 -0.90
C TYR A 37 -7.96 -1.09 -0.69
N ILE A 38 -7.28 -1.72 0.28
CA ILE A 38 -7.52 -3.13 0.64
C ILE A 38 -8.98 -3.33 1.08
N MET A 39 -9.53 -2.43 1.90
CA MET A 39 -10.95 -2.46 2.29
C MET A 39 -11.93 -2.22 1.12
N VAL A 40 -11.60 -1.32 0.18
CA VAL A 40 -12.45 -0.95 -0.96
C VAL A 40 -12.46 -2.02 -2.05
N LYS A 41 -11.29 -2.57 -2.37
CA LYS A 41 -11.12 -3.65 -3.33
C LYS A 41 -11.43 -5.04 -2.73
N GLN A 42 -11.49 -5.15 -1.39
CA GLN A 42 -11.83 -6.39 -0.64
C GLN A 42 -10.75 -7.48 -0.76
N LEU A 43 -9.51 -7.06 -0.47
CA LEU A 43 -8.28 -7.86 -0.54
C LEU A 43 -7.98 -8.54 0.82
N TYR A 44 -8.98 -8.99 1.56
CA TYR A 44 -8.80 -9.53 2.92
C TYR A 44 -9.87 -10.58 3.29
N ASP A 45 -9.66 -11.31 4.40
CA ASP A 45 -10.65 -12.25 4.94
C ASP A 45 -11.57 -11.61 6.00
N GLN A 46 -12.87 -11.88 5.97
CA GLN A 46 -13.85 -11.25 6.85
C GLN A 46 -13.76 -11.65 8.35
N GLN A 47 -13.13 -12.78 8.66
CA GLN A 47 -12.86 -13.24 10.03
C GLN A 47 -11.38 -13.08 10.40
N GLU A 48 -10.46 -13.21 9.45
CA GLU A 48 -9.02 -12.99 9.61
C GLU A 48 -8.63 -11.62 9.03
N GLN A 49 -9.23 -10.55 9.57
CA GLN A 49 -9.11 -9.18 9.04
C GLN A 49 -7.69 -8.60 9.14
N HIS A 50 -6.85 -9.18 10.01
CA HIS A 50 -5.41 -8.92 10.12
C HIS A 50 -4.60 -9.44 8.92
N MET A 51 -5.16 -10.38 8.14
CA MET A 51 -4.54 -11.08 7.02
C MET A 51 -5.11 -10.57 5.68
N VAL A 52 -4.20 -10.29 4.74
CA VAL A 52 -4.49 -9.71 3.43
C VAL A 52 -4.32 -10.78 2.36
N TYR A 53 -5.26 -10.87 1.43
CA TYR A 53 -5.37 -11.85 0.34
C TYR A 53 -5.51 -11.11 -1.00
N CYS A 54 -4.43 -10.43 -1.35
CA CYS A 54 -4.29 -9.58 -2.55
C CYS A 54 -3.91 -10.33 -3.86
N GLY A 55 -4.09 -11.65 -3.94
CA GLY A 55 -3.75 -12.46 -5.12
C GLY A 55 -4.55 -12.18 -6.41
N GLY A 56 -5.66 -11.42 -6.32
CA GLY A 56 -6.41 -10.92 -7.46
C GLY A 56 -6.08 -9.48 -7.85
N ASP A 57 -5.11 -8.81 -7.19
CA ASP A 57 -4.87 -7.37 -7.34
C ASP A 57 -3.46 -6.96 -7.79
N LEU A 58 -3.41 -5.86 -8.55
CA LEU A 58 -2.19 -5.18 -8.97
C LEU A 58 -1.33 -4.76 -7.77
N LEU A 59 -1.92 -4.42 -6.61
CA LEU A 59 -1.17 -4.17 -5.38
C LEU A 59 -0.40 -5.42 -4.91
N GLY A 60 -1.02 -6.60 -4.88
CA GLY A 60 -0.34 -7.86 -4.51
C GLY A 60 0.76 -8.23 -5.50
N GLU A 61 0.48 -8.07 -6.80
CA GLU A 61 1.45 -8.32 -7.88
C GLU A 61 2.67 -7.39 -7.79
N LEU A 62 2.41 -6.08 -7.61
CA LEU A 62 3.42 -5.03 -7.46
C LEU A 62 4.25 -5.20 -6.18
N LEU A 63 3.61 -5.45 -5.02
CA LEU A 63 4.32 -5.68 -3.76
C LEU A 63 5.11 -7.00 -3.79
N GLY A 64 4.68 -7.96 -4.61
CA GLY A 64 5.41 -9.20 -4.88
C GLY A 64 5.06 -10.33 -3.93
N ARG A 65 4.15 -10.07 -2.98
CA ARG A 65 3.52 -11.10 -2.12
C ARG A 65 2.00 -10.97 -2.24
N GLN A 66 1.34 -12.06 -2.61
CA GLN A 66 -0.12 -12.09 -2.82
C GLN A 66 -0.91 -12.34 -1.52
N SER A 67 -0.20 -12.52 -0.40
CA SER A 67 -0.75 -12.53 0.96
C SER A 67 0.31 -12.08 1.98
N PHE A 68 -0.13 -11.36 3.01
CA PHE A 68 0.71 -10.89 4.14
C PHE A 68 -0.19 -10.58 5.34
N SER A 69 0.40 -10.53 6.55
CA SER A 69 -0.31 -10.12 7.78
C SER A 69 0.13 -8.73 8.23
N VAL A 70 -0.74 -7.99 8.90
CA VAL A 70 -0.39 -6.74 9.58
C VAL A 70 0.59 -6.96 10.76
N LYS A 71 0.69 -8.20 11.27
CA LYS A 71 1.69 -8.66 12.23
C LYS A 71 3.04 -9.04 11.58
N ASP A 72 3.04 -9.29 10.27
CA ASP A 72 4.23 -9.61 9.45
C ASP A 72 4.26 -8.79 8.13
N PRO A 73 4.33 -7.44 8.19
CA PRO A 73 4.32 -6.54 7.02
C PRO A 73 5.67 -6.50 6.27
N SER A 74 6.51 -7.53 6.40
CA SER A 74 7.88 -7.58 5.87
C SER A 74 7.97 -7.33 4.35
N PRO A 75 7.19 -7.99 3.47
CA PRO A 75 7.22 -7.69 2.03
C PRO A 75 6.59 -6.33 1.68
N LEU A 76 5.72 -5.81 2.56
CA LEU A 76 5.03 -4.53 2.39
C LEU A 76 6.01 -3.36 2.60
N TYR A 77 6.71 -3.34 3.74
CA TYR A 77 7.79 -2.37 3.97
C TYR A 77 8.93 -2.50 2.97
N ASP A 78 9.27 -3.72 2.53
CA ASP A 78 10.30 -3.91 1.51
C ASP A 78 9.89 -3.35 0.15
N MET A 79 8.63 -3.51 -0.24
CA MET A 79 8.11 -2.84 -1.46
C MET A 79 8.14 -1.31 -1.31
N LEU A 80 7.77 -0.77 -0.14
CA LEU A 80 7.78 0.68 0.09
C LEU A 80 9.20 1.23 -0.06
N ARG A 81 10.19 0.60 0.60
CA ARG A 81 11.62 0.90 0.51
C ARG A 81 12.20 0.85 -0.92
N LYS A 82 11.55 0.13 -1.84
CA LYS A 82 11.94 0.01 -3.26
C LYS A 82 11.09 0.86 -4.21
N ASN A 83 10.01 1.49 -3.73
CA ASN A 83 9.14 2.37 -4.51
C ASN A 83 9.32 3.84 -4.06
N LEU A 84 8.88 4.12 -2.83
CA LEU A 84 9.10 5.37 -2.12
C LEU A 84 10.61 5.61 -1.88
N VAL A 85 10.99 6.89 -1.70
CA VAL A 85 12.34 7.30 -1.24
C VAL A 85 12.55 7.11 0.28
N THR A 86 12.21 5.93 0.79
CA THR A 86 12.50 5.51 2.16
C THR A 86 11.90 6.44 3.22
N LEU A 87 10.57 6.49 3.27
CA LEU A 87 9.83 7.14 4.37
C LEU A 87 9.41 6.07 5.38
N ALA A 88 9.53 6.39 6.67
CA ALA A 88 9.33 5.46 7.77
C ALA A 88 8.68 6.16 8.99
N THR A 89 7.89 5.41 9.76
CA THR A 89 7.07 5.94 10.88
C THR A 89 6.86 4.93 12.01
N 48L B . -3.44 -0.89 10.65
CG1 48L B . -3.13 -0.74 7.31
CG2 48L B . -1.54 0.36 9.49
CG3 48L B . -4.92 -2.80 10.70
CD1 48L B . -2.83 -2.10 7.31
CD2 48L B . -2.75 0.03 6.21
CD3 48L B . -0.70 -0.76 9.52
CD4 48L B . -0.98 1.62 9.23
CD5 48L B . -4.59 -3.13 12.02
CD6 48L B . -5.63 -3.75 9.94
CE1 48L B . -2.15 -2.68 6.24
CE2 48L B . -2.08 -0.54 5.14
CE3 48L B . 0.39 1.76 9.04
CE4 48L B . 0.67 -0.61 9.30
CE5 48L B . -5.05 -4.31 12.60
CE6 48L B . -6.12 -4.91 10.53
CZ1 48L B . -1.78 -1.90 5.15
CZ2 48L B . 1.22 0.65 9.07
CZ3 48L B . -5.85 -5.18 11.86
CL 48L B . -0.93 -2.59 3.82
CM1 48L B . -7.71 -6.66 12.45
CM2 48L B . -4.77 -5.61 7.59
CM3 48L B . -6.05 -3.92 6.22
C1 48L B . -9.74 -1.89 9.47
N1 48L B . -9.47 -2.09 10.78
O1 48L B . -10.85 -2.15 9.07
C2 48L B . -8.23 -1.71 11.44
N2 48L B . -7.30 -1.03 9.22
C3 48L B . -7.44 -0.67 10.64
N3 48L B . -4.98 -0.89 8.98
O3 48L B . -6.30 -6.34 12.46
C4 48L B . -8.63 -1.33 8.59
C5 48L B . -6.22 -0.79 8.45
O5 48L B . -6.36 -0.45 7.28
C6 48L B . -4.48 -1.47 10.17
O6 48L B . -5.76 -3.57 8.57
C7 48L B . -3.04 0.22 9.73
C8 48L B . -3.90 -0.06 8.46
C9 48L B . -5.96 -4.62 7.59
BR 48L B . 1.78 -2.15 9.29
F 48L B . -1.76 2.71 9.17
HD1 48L B . -3.13 -2.73 8.15
HD2 48L B . -2.97 1.10 6.19
HD3 48L B . -1.11 -1.75 9.70
HD5 48L B . -4.00 -2.45 12.63
HE1 48L B . -1.92 -3.74 6.25
HE2 48L B . -1.77 0.07 4.30
HE3 48L B . 0.81 2.75 8.85
HE5 48L B . -4.81 -4.54 13.64
HE6 48L B . -6.69 -5.62 9.95
HZ2 48L B . 2.29 0.76 8.90
HM11 48L B . -8.27 -5.87 12.95
HM12 48L B . -8.06 -6.75 11.41
HM13 48L B . -7.87 -7.61 12.96
HM21 48L B . -4.91 -6.36 6.82
HM22 48L B . -3.83 -5.08 7.41
HM23 48L B . -4.70 -6.12 8.55
HM31 48L B . -5.10 -3.43 5.97
HM32 48L B . -6.28 -4.64 5.44
HM33 48L B . -6.83 -3.14 6.24
HN1 48L B . -10.22 -2.47 11.33
H21 48L B . -8.45 -1.31 12.44
H22 48L B . -7.61 -2.61 11.58
H31 48L B . -7.99 0.28 10.69
H32 48L B . -6.47 -0.49 11.13
H41 48L B . -8.49 -2.06 7.79
H42 48L B . -9.02 -0.40 8.15
H7 48L B . -3.43 1.15 10.18
H8 48L B . -4.29 0.89 8.11
H9 48L B . -6.89 -5.13 7.79
N GLN A 1 0.10 19.97 6.37
CA GLN A 1 0.47 20.35 5.01
C GLN A 1 1.51 19.40 4.36
N ILE A 2 1.76 19.58 3.06
CA ILE A 2 2.56 18.64 2.25
C ILE A 2 4.03 18.67 2.71
N ASN A 3 4.50 17.52 3.21
CA ASN A 3 5.91 17.25 3.56
C ASN A 3 6.58 16.40 2.47
N GLN A 4 7.87 16.06 2.61
CA GLN A 4 8.66 15.46 1.54
C GLN A 4 8.22 14.03 1.18
N VAL A 5 8.14 13.82 -0.13
CA VAL A 5 7.63 12.58 -0.76
C VAL A 5 8.00 12.44 -2.25
N ARG A 6 8.18 11.19 -2.69
CA ARG A 6 8.23 10.80 -4.11
C ARG A 6 7.98 9.27 -4.25
N PRO A 7 6.85 8.81 -4.82
CA PRO A 7 6.54 7.38 -5.01
C PRO A 7 7.03 6.85 -6.38
N LYS A 8 6.85 5.53 -6.59
CA LYS A 8 7.05 4.86 -7.89
C LYS A 8 5.70 4.72 -8.62
N LEU A 9 5.70 4.74 -9.95
CA LEU A 9 4.46 4.83 -10.76
C LEU A 9 3.42 3.72 -10.48
N PRO A 10 3.76 2.41 -10.48
CA PRO A 10 2.79 1.35 -10.18
C PRO A 10 2.32 1.32 -8.70
N LEU A 11 2.94 2.09 -7.80
CA LEU A 11 2.49 2.28 -6.42
C LEU A 11 1.63 3.56 -6.32
N LEU A 12 2.04 4.66 -6.97
CA LEU A 12 1.22 5.87 -7.18
C LEU A 12 -0.17 5.52 -7.72
N LYS A 13 -0.27 4.64 -8.70
CA LYS A 13 -1.56 4.20 -9.27
C LYS A 13 -2.47 3.54 -8.22
N ILE A 14 -1.94 2.87 -7.19
CA ILE A 14 -2.71 2.39 -6.04
C ILE A 14 -3.27 3.57 -5.24
N LEU A 15 -2.46 4.62 -5.06
CA LEU A 15 -2.82 5.82 -4.29
C LEU A 15 -3.90 6.66 -5.00
N HIS A 16 -3.79 6.86 -6.32
CA HIS A 16 -4.87 7.45 -7.11
C HIS A 16 -6.14 6.58 -7.06
N ALA A 17 -6.02 5.25 -7.26
CA ALA A 17 -7.16 4.33 -7.28
C ALA A 17 -7.87 4.20 -5.93
N ALA A 18 -7.15 4.39 -4.81
CA ALA A 18 -7.72 4.51 -3.47
C ALA A 18 -8.61 5.76 -3.27
N GLY A 19 -8.51 6.74 -4.18
CA GLY A 19 -9.29 7.99 -4.18
C GLY A 19 -8.46 9.27 -4.40
N ALA A 20 -7.13 9.19 -4.48
CA ALA A 20 -6.26 10.35 -4.57
C ALA A 20 -6.01 10.87 -6.01
N GLN A 21 -5.07 11.80 -6.11
CA GLN A 21 -4.63 12.58 -7.29
C GLN A 21 -3.36 13.40 -6.91
N GLY A 22 -2.40 13.52 -7.84
CA GLY A 22 -1.08 14.12 -7.60
C GLY A 22 -0.16 13.23 -6.74
N GLU A 23 1.05 12.93 -7.21
CA GLU A 23 1.95 11.92 -6.60
C GLU A 23 2.72 12.36 -5.35
N MET A 24 2.07 13.11 -4.46
CA MET A 24 2.70 13.67 -3.26
C MET A 24 1.84 13.50 -2.00
N PHE A 25 2.14 12.44 -1.23
CA PHE A 25 1.56 12.06 0.06
C PHE A 25 2.60 11.29 0.92
N THR A 26 2.80 11.65 2.18
CA THR A 26 3.84 11.04 3.06
C THR A 26 3.50 9.60 3.48
N VAL A 27 4.42 8.84 4.09
CA VAL A 27 4.17 7.42 4.46
C VAL A 27 2.89 7.20 5.27
N LYS A 28 2.58 8.15 6.16
CA LYS A 28 1.35 8.15 6.96
C LYS A 28 0.07 8.21 6.09
N GLU A 29 0.15 8.93 4.98
CA GLU A 29 -0.90 9.03 3.95
C GLU A 29 -0.89 7.81 3.02
N VAL A 30 0.28 7.37 2.55
CA VAL A 30 0.45 6.16 1.71
C VAL A 30 -0.20 4.94 2.38
N MET A 31 0.09 4.71 3.65
CA MET A 31 -0.46 3.58 4.41
C MET A 31 -1.98 3.71 4.58
N HIS A 32 -2.47 4.90 4.92
CA HIS A 32 -3.92 5.16 5.02
C HIS A 32 -4.65 4.86 3.70
N TYR A 33 -4.11 5.32 2.57
CA TYR A 33 -4.64 5.02 1.23
C TYR A 33 -4.52 3.53 0.84
N LEU A 34 -3.47 2.80 1.27
CA LEU A 34 -3.40 1.34 1.07
C LEU A 34 -4.49 0.61 1.87
N GLY A 35 -4.76 1.03 3.11
CA GLY A 35 -5.85 0.50 3.93
C GLY A 35 -7.22 0.71 3.27
N GLN A 36 -7.48 1.94 2.79
CA GLN A 36 -8.67 2.26 1.99
C GLN A 36 -8.78 1.34 0.78
N TYR A 37 -7.71 1.26 -0.02
CA TYR A 37 -7.68 0.46 -1.26
C TYR A 37 -7.97 -1.02 -1.01
N ILE A 38 -7.35 -1.62 0.01
CA ILE A 38 -7.58 -3.02 0.40
C ILE A 38 -9.03 -3.23 0.82
N MET A 39 -9.59 -2.33 1.64
CA MET A 39 -11.01 -2.40 2.03
C MET A 39 -11.99 -2.12 0.87
N VAL A 40 -11.64 -1.24 -0.09
CA VAL A 40 -12.48 -0.85 -1.21
C VAL A 40 -12.50 -1.91 -2.32
N LYS A 41 -11.32 -2.48 -2.63
CA LYS A 41 -11.15 -3.57 -3.60
C LYS A 41 -11.40 -4.96 -2.98
N GLN A 42 -11.48 -5.08 -1.65
CA GLN A 42 -11.83 -6.30 -0.91
C GLN A 42 -10.73 -7.38 -0.98
N LEU A 43 -9.51 -6.94 -0.67
CA LEU A 43 -8.26 -7.71 -0.70
C LEU A 43 -7.97 -8.37 0.66
N TYR A 44 -8.98 -8.89 1.34
CA TYR A 44 -8.84 -9.50 2.67
C TYR A 44 -9.83 -10.68 2.88
N ASP A 45 -9.65 -11.45 3.96
CA ASP A 45 -10.57 -12.52 4.38
C ASP A 45 -11.58 -12.05 5.44
N GLN A 46 -12.84 -12.46 5.35
CA GLN A 46 -13.91 -11.99 6.24
C GLN A 46 -13.82 -12.47 7.70
N GLN A 47 -13.07 -13.55 7.97
CA GLN A 47 -12.77 -14.04 9.32
C GLN A 47 -11.34 -13.66 9.74
N GLU A 48 -10.38 -13.66 8.83
CA GLU A 48 -8.98 -13.29 9.07
C GLU A 48 -8.74 -11.84 8.58
N GLN A 49 -9.47 -10.88 9.14
CA GLN A 49 -9.51 -9.49 8.63
C GLN A 49 -8.17 -8.74 8.77
N HIS A 50 -7.31 -9.20 9.69
CA HIS A 50 -5.92 -8.76 9.87
C HIS A 50 -4.96 -9.31 8.79
N MET A 51 -5.41 -10.26 7.97
CA MET A 51 -4.66 -10.91 6.90
C MET A 51 -5.15 -10.39 5.53
N VAL A 52 -4.21 -9.94 4.69
CA VAL A 52 -4.48 -9.44 3.35
C VAL A 52 -4.37 -10.58 2.36
N TYR A 53 -5.28 -10.60 1.39
CA TYR A 53 -5.45 -11.60 0.34
C TYR A 53 -5.68 -10.89 -1.00
N CYS A 54 -4.59 -10.35 -1.51
CA CYS A 54 -4.47 -9.67 -2.82
C CYS A 54 -4.05 -10.62 -3.95
N GLY A 55 -4.63 -11.84 -3.95
CA GLY A 55 -4.30 -13.03 -4.76
C GLY A 55 -3.96 -12.83 -6.25
N GLY A 56 -4.59 -11.84 -6.89
CA GLY A 56 -4.32 -11.46 -8.28
C GLY A 56 -4.33 -9.95 -8.53
N ASP A 57 -4.15 -9.13 -7.48
CA ASP A 57 -4.25 -7.66 -7.59
C ASP A 57 -2.93 -7.00 -7.99
N LEU A 58 -3.01 -5.85 -8.67
CA LEU A 58 -1.87 -5.01 -9.04
C LEU A 58 -1.00 -4.66 -7.80
N LEU A 59 -1.61 -4.38 -6.66
CA LEU A 59 -0.88 -4.15 -5.39
C LEU A 59 -0.10 -5.39 -4.95
N GLY A 60 -0.69 -6.58 -4.98
CA GLY A 60 -0.01 -7.83 -4.60
C GLY A 60 1.14 -8.21 -5.56
N GLU A 61 0.93 -8.03 -6.86
CA GLU A 61 1.94 -8.25 -7.90
C GLU A 61 3.13 -7.30 -7.74
N LEU A 62 2.83 -6.01 -7.57
CA LEU A 62 3.82 -4.95 -7.34
C LEU A 62 4.60 -5.14 -6.03
N LEU A 63 3.92 -5.45 -4.92
CA LEU A 63 4.58 -5.70 -3.64
C LEU A 63 5.38 -7.02 -3.64
N GLY A 64 4.97 -7.97 -4.49
CA GLY A 64 5.67 -9.23 -4.71
C GLY A 64 5.23 -10.37 -3.77
N ARG A 65 4.27 -10.08 -2.88
CA ARG A 65 3.56 -11.07 -2.04
C ARG A 65 2.07 -10.84 -2.19
N GLN A 66 1.31 -11.88 -2.55
CA GLN A 66 -0.14 -11.76 -2.74
C GLN A 66 -0.94 -12.00 -1.43
N SER A 67 -0.23 -12.22 -0.31
CA SER A 67 -0.77 -12.24 1.05
C SER A 67 0.29 -11.83 2.08
N PHE A 68 -0.13 -11.06 3.09
CA PHE A 68 0.69 -10.58 4.22
C PHE A 68 -0.22 -10.20 5.40
N SER A 69 0.34 -10.00 6.59
CA SER A 69 -0.41 -9.68 7.83
C SER A 69 -0.04 -8.31 8.39
N VAL A 70 -0.98 -7.67 9.10
CA VAL A 70 -0.71 -6.43 9.88
C VAL A 70 0.34 -6.65 10.98
N LYS A 71 0.51 -7.89 11.48
CA LYS A 71 1.59 -8.29 12.41
C LYS A 71 2.84 -8.91 11.74
N ASP A 72 2.83 -9.04 10.41
CA ASP A 72 3.98 -9.48 9.59
C ASP A 72 4.06 -8.72 8.24
N PRO A 73 4.23 -7.38 8.25
CA PRO A 73 4.21 -6.52 7.05
C PRO A 73 5.54 -6.48 6.29
N SER A 74 6.45 -7.43 6.49
CA SER A 74 7.82 -7.41 5.98
C SER A 74 7.95 -7.20 4.46
N PRO A 75 7.20 -7.89 3.57
CA PRO A 75 7.28 -7.64 2.13
C PRO A 75 6.70 -6.28 1.72
N LEU A 76 5.79 -5.71 2.52
CA LEU A 76 5.25 -4.37 2.29
C LEU A 76 6.29 -3.29 2.60
N TYR A 77 6.99 -3.36 3.73
CA TYR A 77 8.07 -2.40 4.00
C TYR A 77 9.22 -2.53 2.99
N ASP A 78 9.56 -3.76 2.59
CA ASP A 78 10.59 -4.02 1.58
C ASP A 78 10.23 -3.44 0.22
N MET A 79 8.97 -3.58 -0.21
CA MET A 79 8.51 -2.92 -1.44
C MET A 79 8.51 -1.39 -1.31
N LEU A 80 8.06 -0.81 -0.19
CA LEU A 80 7.98 0.64 -0.04
C LEU A 80 9.38 1.26 -0.09
N ARG A 81 10.36 0.68 0.61
CA ARG A 81 11.78 1.07 0.57
C ARG A 81 12.40 0.99 -0.85
N LYS A 82 11.82 0.20 -1.76
CA LYS A 82 12.21 0.07 -3.18
C LYS A 82 11.30 0.81 -4.17
N ASN A 83 10.22 1.44 -3.70
CA ASN A 83 9.29 2.24 -4.52
C ASN A 83 9.40 3.73 -4.17
N LEU A 84 9.05 4.06 -2.93
CA LEU A 84 9.21 5.38 -2.33
C LEU A 84 10.70 5.76 -2.17
N VAL A 85 10.97 7.06 -2.08
CA VAL A 85 12.30 7.61 -1.70
C VAL A 85 12.58 7.51 -0.20
N THR A 86 12.46 6.32 0.37
CA THR A 86 12.79 6.02 1.78
C THR A 86 12.02 6.92 2.76
N LEU A 87 10.69 6.79 2.78
CA LEU A 87 9.84 7.45 3.78
C LEU A 87 9.72 6.59 5.05
N ALA A 88 9.79 7.24 6.21
CA ALA A 88 9.80 6.58 7.53
C ALA A 88 9.18 7.47 8.62
N THR A 89 8.69 6.86 9.71
CA THR A 89 8.01 7.54 10.82
C THR A 89 8.12 6.79 12.16
N 48L B . -3.99 -1.10 10.56
CG1 48L B . -3.53 -0.60 7.29
CG2 48L B . -1.87 -0.01 9.60
CG3 48L B . -5.70 -2.80 10.29
CD1 48L B . -3.24 -1.97 7.26
CD2 48L B . -3.17 0.19 6.19
CD3 48L B . -1.17 -1.21 9.65
CD4 48L B . -1.18 1.18 9.33
CD5 48L B . -5.49 -3.35 11.56
CD6 48L B . -6.47 -3.52 9.36
CE1 48L B . -2.58 -2.53 6.17
CE2 48L B . -2.51 -0.38 5.10
CE3 48L B . 0.20 1.15 9.13
CE4 48L B . 0.20 -1.24 9.42
CE5 48L B . -6.13 -4.53 11.94
CE6 48L B . -7.12 -4.69 9.76
CZ1 48L B . -2.22 -1.73 5.10
CZ2 48L B . 0.90 -0.05 9.18
CZ3 48L B . -6.97 -5.18 11.05
CL 48L B . -1.41 -2.43 3.74
CM1 48L B . -8.01 -6.67 12.74
CM2 48L B . -5.55 -5.05 6.87
CM3 48L B . -6.51 -3.04 5.68
C1 48L B . -10.30 -1.09 8.97
N1 48L B . -10.17 -1.53 10.22
O1 48L B . -11.41 -1.14 8.45
C2 48L B . -8.94 -1.44 11.01
N2 48L B . -7.78 -0.54 8.97
C3 48L B . -7.95 -0.39 10.43
N3 48L B . -5.43 -0.66 8.87
O3 48L B . -7.66 -6.34 11.37
C4 48L B . -9.07 -0.55 8.23
C5 48L B . -6.62 -0.33 8.30
O5 48L B . -6.65 0.20 7.20
C6 48L B . -5.07 -1.47 9.98
O6 48L B . -6.51 -3.12 8.05
C7 48L B . -3.39 0.04 9.81
C8 48L B . -4.22 0.05 8.49
C9 48L B . -6.66 -3.98 6.89
BR 48L B . 1.14 -2.88 9.43
F 48L B . -1.82 2.35 9.25
HD1 48L B . -3.52 -2.60 8.10
HD2 48L B . -3.42 1.25 6.18
HD3 48L B . -1.69 -2.15 9.84
HD5 48L B . -4.86 -2.83 12.28
HE1 48L B . -2.35 -3.60 6.15
HE2 48L B . -2.23 0.24 4.25
HE3 48L B . 0.73 2.09 8.94
HE5 48L B . -5.98 -4.91 12.94
HE6 48L B . -7.74 -5.24 9.05
HZ2 48L B . 1.98 -0.07 9.02
HM11 48L B . -7.10 -6.85 13.32
HM12 48L B . -8.57 -5.84 13.18
HM13 48L B . -8.61 -7.58 12.74
HM21 48L B . -4.56 -4.61 6.90
HM22 48L B . -5.65 -5.74 7.71
HM23 48L B . -5.62 -5.65 5.96
HM31 48L B . -6.55 -3.62 4.74
HM32 48L B . -7.31 -2.31 5.67
HM33 48L B . -5.56 -2.51 5.70
HN1 48L B . -11.00 -1.89 10.67
H21 48L B . -9.18 -1.17 12.04
H22 48L B . -8.45 -2.42 11.01
H31 48L B . -8.38 0.60 10.61
H32 48L B . -7.02 -0.44 10.99
H41 48L B . -8.97 -1.18 7.35
H42 48L B . -9.32 0.47 7.94
H7 48L B . -3.64 0.94 10.36
H8 48L B . -4.46 1.10 8.25
H9 48L B . -7.64 -4.44 6.90
N GLN A 1 0.69 20.57 6.34
CA GLN A 1 0.82 20.32 4.89
C GLN A 1 1.82 19.17 4.60
N ILE A 2 1.94 18.80 3.32
CA ILE A 2 2.84 17.76 2.82
C ILE A 2 4.30 18.13 3.18
N ASN A 3 4.98 17.25 3.93
CA ASN A 3 6.35 17.47 4.42
C ASN A 3 7.41 16.98 3.41
N GLN A 4 7.61 15.67 3.33
CA GLN A 4 8.46 15.02 2.32
C GLN A 4 7.91 13.68 1.81
N VAL A 5 7.96 13.50 0.49
CA VAL A 5 7.48 12.30 -0.24
C VAL A 5 8.01 12.23 -1.67
N ARG A 6 8.18 11.01 -2.20
CA ARG A 6 8.38 10.75 -3.64
C ARG A 6 8.12 9.26 -3.98
N PRO A 7 7.15 8.90 -4.85
CA PRO A 7 6.77 7.52 -5.16
C PRO A 7 7.36 6.99 -6.47
N LYS A 8 7.02 5.73 -6.80
CA LYS A 8 7.26 5.07 -8.09
C LYS A 8 5.94 4.97 -8.86
N LEU A 9 5.96 5.01 -10.19
CA LEU A 9 4.76 5.15 -11.04
C LEU A 9 3.66 4.11 -10.79
N PRO A 10 3.92 2.78 -10.78
CA PRO A 10 2.92 1.78 -10.39
C PRO A 10 2.35 1.94 -8.97
N LEU A 11 3.08 2.60 -8.05
CA LEU A 11 2.67 2.79 -6.67
C LEU A 11 1.81 4.05 -6.54
N LEU A 12 2.18 5.13 -7.26
CA LEU A 12 1.33 6.31 -7.44
C LEU A 12 -0.04 5.86 -7.98
N LYS A 13 -0.07 4.91 -8.94
CA LYS A 13 -1.33 4.34 -9.45
C LYS A 13 -2.16 3.61 -8.39
N ILE A 14 -1.55 2.90 -7.44
CA ILE A 14 -2.28 2.37 -6.27
C ILE A 14 -2.87 3.55 -5.47
N LEU A 15 -2.09 4.61 -5.29
CA LEU A 15 -2.46 5.79 -4.50
C LEU A 15 -3.65 6.53 -5.10
N HIS A 16 -3.63 6.81 -6.40
CA HIS A 16 -4.79 7.36 -7.14
C HIS A 16 -6.00 6.42 -7.06
N ALA A 17 -5.82 5.12 -7.31
CA ALA A 17 -6.91 4.14 -7.33
C ALA A 17 -7.57 3.96 -5.94
N ALA A 18 -6.80 4.15 -4.87
CA ALA A 18 -7.28 4.24 -3.49
C ALA A 18 -8.10 5.51 -3.17
N GLY A 19 -8.18 6.47 -4.10
CA GLY A 19 -8.93 7.72 -3.97
C GLY A 19 -8.08 9.00 -4.03
N ALA A 20 -6.75 8.90 -4.22
CA ALA A 20 -5.86 10.06 -4.25
C ALA A 20 -5.84 10.82 -5.59
N GLN A 21 -4.87 11.72 -5.69
CA GLN A 21 -4.63 12.75 -6.70
C GLN A 21 -3.20 13.31 -6.49
N GLY A 22 -2.49 13.66 -7.56
CA GLY A 22 -1.06 14.00 -7.54
C GLY A 22 -0.20 12.78 -7.22
N GLU A 23 1.10 12.97 -7.04
CA GLU A 23 2.06 11.95 -6.61
C GLU A 23 2.73 12.28 -5.27
N MET A 24 2.15 13.18 -4.48
CA MET A 24 2.78 13.66 -3.24
C MET A 24 1.84 13.49 -2.03
N PHE A 25 2.12 12.47 -1.21
CA PHE A 25 1.38 12.07 -0.01
C PHE A 25 2.33 11.49 1.06
N THR A 26 2.30 11.98 2.30
CA THR A 26 3.20 11.56 3.41
C THR A 26 2.94 10.14 3.93
N VAL A 27 3.74 9.66 4.90
CA VAL A 27 3.60 8.31 5.53
C VAL A 27 2.14 8.03 5.94
N LYS A 28 1.56 9.05 6.58
CA LYS A 28 0.18 9.09 7.11
C LYS A 28 -0.85 8.84 6.01
N GLU A 29 -0.62 9.47 4.86
CA GLU A 29 -1.50 9.41 3.68
C GLU A 29 -1.30 8.09 2.92
N VAL A 30 -0.05 7.69 2.66
CA VAL A 30 0.31 6.45 1.94
C VAL A 30 -0.27 5.22 2.64
N MET A 31 -0.06 5.10 3.96
CA MET A 31 -0.58 3.93 4.69
C MET A 31 -2.11 3.95 4.79
N HIS A 32 -2.73 5.13 4.96
CA HIS A 32 -4.19 5.30 4.89
C HIS A 32 -4.75 4.81 3.56
N TYR A 33 -4.22 5.31 2.44
CA TYR A 33 -4.58 4.86 1.09
C TYR A 33 -4.35 3.36 0.88
N LEU A 34 -3.28 2.76 1.39
CA LEU A 34 -3.02 1.32 1.28
C LEU A 34 -4.08 0.49 2.03
N GLY A 35 -4.31 0.81 3.30
CA GLY A 35 -5.32 0.13 4.12
C GLY A 35 -6.73 0.28 3.56
N GLN A 36 -7.12 1.51 3.18
CA GLN A 36 -8.43 1.74 2.59
C GLN A 36 -8.57 1.14 1.19
N TYR A 37 -7.51 1.06 0.37
CA TYR A 37 -7.52 0.31 -0.89
C TYR A 37 -7.80 -1.18 -0.65
N ILE A 38 -7.13 -1.81 0.32
CA ILE A 38 -7.38 -3.21 0.68
C ILE A 38 -8.85 -3.41 1.09
N MET A 39 -9.39 -2.54 1.94
CA MET A 39 -10.81 -2.56 2.32
C MET A 39 -11.79 -2.27 1.16
N VAL A 40 -11.46 -1.35 0.24
CA VAL A 40 -12.34 -0.92 -0.86
C VAL A 40 -12.40 -1.95 -1.98
N LYS A 41 -11.24 -2.54 -2.32
CA LYS A 41 -11.12 -3.64 -3.28
C LYS A 41 -11.46 -5.02 -2.68
N GLN A 42 -11.48 -5.13 -1.34
CA GLN A 42 -11.85 -6.36 -0.59
C GLN A 42 -10.80 -7.47 -0.71
N LEU A 43 -9.55 -7.07 -0.45
CA LEU A 43 -8.32 -7.86 -0.52
C LEU A 43 -7.98 -8.49 0.84
N TYR A 44 -8.97 -8.99 1.58
CA TYR A 44 -8.79 -9.53 2.93
C TYR A 44 -9.81 -10.65 3.26
N ASP A 45 -9.60 -11.39 4.35
CA ASP A 45 -10.54 -12.42 4.84
C ASP A 45 -11.55 -11.85 5.85
N GLN A 46 -12.83 -12.24 5.76
CA GLN A 46 -13.90 -11.69 6.60
C GLN A 46 -13.84 -12.09 8.08
N GLN A 47 -13.14 -13.18 8.43
CA GLN A 47 -12.90 -13.63 9.81
C GLN A 47 -11.44 -13.33 10.25
N GLU A 48 -10.48 -13.37 9.33
CA GLU A 48 -9.07 -13.03 9.55
C GLU A 48 -8.78 -11.64 8.97
N GLN A 49 -9.45 -10.60 9.52
CA GLN A 49 -9.41 -9.23 8.97
C GLN A 49 -8.03 -8.55 9.13
N HIS A 50 -7.17 -9.10 10.00
CA HIS A 50 -5.75 -8.75 10.14
C HIS A 50 -4.84 -9.37 9.06
N MET A 51 -5.38 -10.29 8.24
CA MET A 51 -4.71 -11.00 7.16
C MET A 51 -5.18 -10.46 5.79
N VAL A 52 -4.24 -10.25 4.87
CA VAL A 52 -4.46 -9.67 3.55
C VAL A 52 -4.35 -10.77 2.50
N TYR A 53 -5.26 -10.73 1.52
CA TYR A 53 -5.46 -11.69 0.44
C TYR A 53 -5.66 -10.97 -0.89
N CYS A 54 -4.55 -10.42 -1.39
CA CYS A 54 -4.36 -9.85 -2.74
C CYS A 54 -4.17 -10.94 -3.82
N GLY A 55 -4.89 -12.07 -3.72
CA GLY A 55 -4.71 -13.33 -4.49
C GLY A 55 -4.53 -13.19 -6.00
N GLY A 56 -5.17 -12.20 -6.62
CA GLY A 56 -4.99 -11.82 -8.03
C GLY A 56 -4.91 -10.31 -8.26
N ASP A 57 -4.57 -9.51 -7.24
CA ASP A 57 -4.59 -8.04 -7.34
C ASP A 57 -3.25 -7.45 -7.81
N LEU A 58 -3.34 -6.33 -8.55
CA LEU A 58 -2.19 -5.54 -8.99
C LEU A 58 -1.30 -5.11 -7.81
N LEU A 59 -1.87 -4.79 -6.65
CA LEU A 59 -1.10 -4.51 -5.43
C LEU A 59 -0.28 -5.74 -4.98
N GLY A 60 -0.86 -6.94 -4.94
CA GLY A 60 -0.15 -8.16 -4.55
C GLY A 60 0.99 -8.51 -5.51
N GLU A 61 0.72 -8.43 -6.82
CA GLU A 61 1.71 -8.64 -7.89
C GLU A 61 2.87 -7.63 -7.80
N LEU A 62 2.52 -6.36 -7.63
CA LEU A 62 3.47 -5.24 -7.50
C LEU A 62 4.32 -5.33 -6.22
N LEU A 63 3.73 -5.76 -5.09
CA LEU A 63 4.45 -5.96 -3.82
C LEU A 63 5.28 -7.25 -3.80
N GLY A 64 4.89 -8.23 -4.63
CA GLY A 64 5.57 -9.52 -4.78
C GLY A 64 5.13 -10.59 -3.79
N ARG A 65 4.08 -10.31 -3.00
CA ARG A 65 3.40 -11.28 -2.12
C ARG A 65 1.89 -11.09 -2.24
N GLN A 66 1.16 -12.15 -2.60
CA GLN A 66 -0.30 -12.12 -2.75
C GLN A 66 -1.03 -12.24 -1.40
N SER A 67 -0.30 -12.54 -0.31
CA SER A 67 -0.80 -12.51 1.08
C SER A 67 0.30 -12.10 2.07
N PHE A 68 -0.10 -11.35 3.09
CA PHE A 68 0.70 -10.88 4.23
C PHE A 68 -0.26 -10.50 5.38
N SER A 69 0.23 -10.08 6.54
CA SER A 69 -0.61 -9.65 7.67
C SER A 69 -0.16 -8.32 8.27
N VAL A 70 -1.03 -7.70 9.08
CA VAL A 70 -0.68 -6.48 9.84
C VAL A 70 0.37 -6.74 10.94
N LYS A 71 0.53 -8.00 11.36
CA LYS A 71 1.56 -8.45 12.34
C LYS A 71 2.87 -8.92 11.68
N ASP A 72 2.87 -9.16 10.36
CA ASP A 72 4.07 -9.43 9.54
C ASP A 72 4.03 -8.64 8.21
N PRO A 73 4.16 -7.30 8.25
CA PRO A 73 4.17 -6.41 7.08
C PRO A 73 5.54 -6.39 6.34
N SER A 74 6.40 -7.40 6.54
CA SER A 74 7.75 -7.46 5.97
C SER A 74 7.81 -7.27 4.44
N PRO A 75 7.05 -8.01 3.59
CA PRO A 75 7.06 -7.79 2.14
C PRO A 75 6.43 -6.44 1.73
N LEU A 76 5.58 -5.86 2.59
CA LEU A 76 4.91 -4.58 2.37
C LEU A 76 5.91 -3.42 2.50
N TYR A 77 6.63 -3.33 3.63
CA TYR A 77 7.72 -2.36 3.79
C TYR A 77 8.86 -2.59 2.79
N ASP A 78 9.17 -3.84 2.46
CA ASP A 78 10.19 -4.17 1.45
C ASP A 78 9.83 -3.62 0.07
N MET A 79 8.56 -3.74 -0.35
CA MET A 79 8.10 -3.08 -1.58
C MET A 79 8.16 -1.55 -1.47
N LEU A 80 7.74 -0.96 -0.34
CA LEU A 80 7.68 0.50 -0.19
C LEU A 80 9.08 1.10 -0.29
N ARG A 81 10.05 0.57 0.46
CA ARG A 81 11.47 0.97 0.44
C ARG A 81 12.16 0.81 -0.93
N LYS A 82 11.59 0.01 -1.84
CA LYS A 82 12.08 -0.17 -3.23
C LYS A 82 11.23 0.55 -4.29
N ASN A 83 10.11 1.18 -3.90
CA ASN A 83 9.29 2.03 -4.76
C ASN A 83 9.50 3.50 -4.38
N LEU A 84 9.00 3.85 -3.21
CA LEU A 84 9.02 5.19 -2.61
C LEU A 84 10.38 5.51 -1.96
N VAL A 85 10.68 6.81 -1.86
CA VAL A 85 11.80 7.27 -1.00
C VAL A 85 11.37 7.10 0.46
N THR A 86 12.32 7.06 1.39
CA THR A 86 12.08 6.75 2.80
C THR A 86 11.00 7.64 3.44
N LEU A 87 9.94 7.03 3.98
CA LEU A 87 8.85 7.66 4.71
C LEU A 87 8.88 7.24 6.19
N ALA A 88 9.05 8.20 7.10
CA ALA A 88 9.08 7.99 8.55
C ALA A 88 8.56 9.22 9.33
N THR A 89 8.02 8.98 10.53
CA THR A 89 7.39 10.01 11.39
C THR A 89 7.47 9.68 12.88
N 48L B . -3.69 -0.73 10.85
CG1 48L B . -3.11 -0.51 7.57
CG2 48L B . -1.65 0.46 9.88
CG3 48L B . -5.23 -2.59 10.68
CD1 48L B . -2.80 -1.87 7.62
CD2 48L B . -2.68 0.23 6.47
CD3 48L B . -0.85 -0.67 10.06
CD4 48L B . -1.04 1.66 9.51
CD5 48L B . -5.05 -3.00 12.01
CD6 48L B . -5.90 -3.46 9.80
CE1 48L B . -2.08 -2.48 6.60
CE2 48L B . -1.96 -0.37 5.45
CE3 48L B . 0.35 1.74 9.36
CE4 48L B . 0.53 -0.60 9.88
CE5 48L B . -5.62 -4.18 12.49
CE6 48L B . -6.49 -4.63 10.29
CZ1 48L B . -1.67 -1.72 5.50
CZ2 48L B . 1.13 0.61 9.54
CZ3 48L B . -6.37 -4.97 11.63
CL 48L B . -0.81 -2.48 4.20
CM1 48L B . -8.38 -6.30 12.03
CM2 48L B . -4.84 -5.27 7.54
CM3 48L B . -5.80 -3.46 6.06
C1 48L B . -10.04 -0.76 9.04
N1 48L B . -10.07 -0.19 10.25
O1 48L B . -11.10 -1.12 8.55
C2 48L B . -8.88 0.25 10.98
N2 48L B . -7.44 -0.63 9.12
C3 48L B . -7.62 -0.55 10.58
N3 48L B . -5.09 -0.60 9.08
O3 48L B . -6.94 -6.12 12.12
C4 48L B . -8.69 -0.94 8.35
C5 48L B . -6.27 -0.41 8.44
O5 48L B . -6.31 -0.02 7.30
C6 48L B . -4.71 -1.25 10.27
O6 48L B . -5.87 -3.22 8.44
C7 48L B . -3.17 0.38 10.01
C8 48L B . -3.92 0.19 8.67
C9 48L B . -5.96 -4.22 7.39
BR 48L B . 1.59 -2.16 10.10
F 48L B . -1.78 2.77 9.29
HD1 48L B . -3.13 -2.48 8.47
HD2 48L B . -2.91 1.29 6.41
HD3 48L B . -1.30 -1.62 10.34
HD5 48L B . -4.50 -2.36 12.71
HE1 48L B . -1.85 -3.55 6.64
HE2 48L B . -1.63 0.22 4.59
HE3 48L B . 0.81 2.69 9.08
HE5 48L B . -5.51 -4.47 13.53
HE6 48L B . -7.03 -5.29 9.62
HZ2 48L B . 2.22 0.67 9.40
HM11 48L B . -8.69 -6.26 10.98
HM12 48L B . -8.65 -7.27 12.45
HM13 48L B . -8.87 -5.50 12.59
HM21 48L B . -4.98 -5.88 8.43
HM22 48L B . -4.85 -5.95 6.68
HM23 48L B . -3.86 -4.80 7.58
HM31 48L B . -4.80 -3.06 5.95
HM32 48L B . -6.01 -4.12 5.22
HM33 48L B . -6.50 -2.62 6.01
HN1 48L B . -10.97 -0.08 10.69
H21 48L B . -8.72 1.31 10.75
H22 48L B . -9.06 0.15 12.05
H31 48L B . -6.77 -0.05 11.05
H32 48L B . -7.72 -1.55 10.99
H41 48L B . -8.65 -1.98 8.03
H42 48L B . -8.74 -0.31 7.46
H7 48L B . -3.53 1.32 10.46
H8 48L B . -4.24 1.16 8.31
H9 48L B . -6.94 -4.69 7.43
N GLN A 1 1.01 20.61 6.86
CA GLN A 1 1.01 20.40 5.41
C GLN A 1 1.92 19.23 4.99
N ILE A 2 1.90 18.89 3.70
CA ILE A 2 2.70 17.81 3.09
C ILE A 2 4.20 18.07 3.33
N ASN A 3 4.85 17.14 4.03
CA ASN A 3 6.32 17.08 4.22
C ASN A 3 6.95 16.19 3.12
N GLN A 4 8.18 15.68 3.31
CA GLN A 4 8.95 15.02 2.26
C GLN A 4 8.34 13.68 1.82
N VAL A 5 8.30 13.53 0.50
CA VAL A 5 7.78 12.36 -0.23
C VAL A 5 8.25 12.31 -1.70
N ARG A 6 8.44 11.10 -2.23
CA ARG A 6 8.63 10.83 -3.67
C ARG A 6 8.40 9.33 -3.98
N PRO A 7 7.37 8.93 -4.76
CA PRO A 7 7.03 7.54 -5.06
C PRO A 7 7.49 7.08 -6.47
N LYS A 8 7.24 5.79 -6.73
CA LYS A 8 7.40 5.08 -8.01
C LYS A 8 6.04 4.92 -8.69
N LEU A 9 6.01 4.94 -10.02
CA LEU A 9 4.77 5.02 -10.83
C LEU A 9 3.72 3.94 -10.52
N PRO A 10 4.02 2.62 -10.54
CA PRO A 10 3.04 1.58 -10.22
C PRO A 10 2.57 1.56 -8.75
N LEU A 11 3.18 2.35 -7.84
CA LEU A 11 2.71 2.54 -6.46
C LEU A 11 1.86 3.81 -6.36
N LEU A 12 2.31 4.93 -6.96
CA LEU A 12 1.51 6.15 -7.16
C LEU A 12 0.13 5.79 -7.74
N LYS A 13 0.08 4.88 -8.73
CA LYS A 13 -1.18 4.42 -9.33
C LYS A 13 -2.12 3.72 -8.34
N ILE A 14 -1.60 3.00 -7.34
CA ILE A 14 -2.43 2.48 -6.22
C ILE A 14 -2.99 3.65 -5.42
N LEU A 15 -2.17 4.68 -5.21
CA LEU A 15 -2.55 5.89 -4.45
C LEU A 15 -3.67 6.68 -5.14
N HIS A 16 -3.56 6.93 -6.44
CA HIS A 16 -4.66 7.52 -7.23
C HIS A 16 -5.91 6.64 -7.21
N ALA A 17 -5.78 5.32 -7.43
CA ALA A 17 -6.91 4.39 -7.51
C ALA A 17 -7.65 4.23 -6.17
N ALA A 18 -6.93 4.38 -5.05
CA ALA A 18 -7.50 4.47 -3.71
C ALA A 18 -8.29 5.77 -3.42
N GLY A 19 -8.17 6.79 -4.31
CA GLY A 19 -8.88 8.07 -4.23
C GLY A 19 -7.99 9.31 -4.29
N ALA A 20 -6.66 9.17 -4.39
CA ALA A 20 -5.73 10.30 -4.44
C ALA A 20 -5.62 10.97 -5.84
N GLN A 21 -4.63 11.85 -5.92
CA GLN A 21 -4.28 12.77 -7.01
C GLN A 21 -2.89 13.36 -6.70
N GLY A 22 -2.06 13.61 -7.72
CA GLY A 22 -0.64 13.95 -7.56
C GLY A 22 0.18 12.74 -7.08
N GLU A 23 1.49 12.90 -6.97
CA GLU A 23 2.41 11.88 -6.45
C GLU A 23 3.06 12.28 -5.12
N MET A 24 2.44 13.19 -4.36
CA MET A 24 3.04 13.70 -3.11
C MET A 24 2.06 13.57 -1.93
N PHE A 25 2.35 12.60 -1.06
CA PHE A 25 1.59 12.21 0.16
C PHE A 25 2.56 11.56 1.17
N THR A 26 2.56 11.97 2.45
CA THR A 26 3.48 11.43 3.48
C THR A 26 3.04 10.04 3.96
N VAL A 27 3.83 9.34 4.79
CA VAL A 27 3.52 7.94 5.24
C VAL A 27 2.11 7.81 5.83
N LYS A 28 1.66 8.85 6.55
CA LYS A 28 0.32 8.99 7.14
C LYS A 28 -0.79 8.92 6.09
N GLU A 29 -0.55 9.51 4.92
CA GLU A 29 -1.44 9.48 3.74
C GLU A 29 -1.28 8.18 2.95
N VAL A 30 -0.04 7.77 2.63
CA VAL A 30 0.28 6.58 1.81
C VAL A 30 -0.31 5.31 2.41
N MET A 31 -0.08 5.06 3.71
CA MET A 31 -0.60 3.85 4.36
C MET A 31 -2.12 3.91 4.51
N HIS A 32 -2.70 5.09 4.78
CA HIS A 32 -4.16 5.27 4.80
C HIS A 32 -4.79 4.94 3.44
N TYR A 33 -4.23 5.44 2.34
CA TYR A 33 -4.67 5.05 1.00
C TYR A 33 -4.53 3.55 0.72
N LEU A 34 -3.44 2.91 1.17
CA LEU A 34 -3.23 1.46 1.01
C LEU A 34 -4.24 0.62 1.81
N GLY A 35 -4.49 0.98 3.07
CA GLY A 35 -5.47 0.29 3.93
C GLY A 35 -6.90 0.45 3.43
N GLN A 36 -7.28 1.67 3.03
CA GLN A 36 -8.57 1.95 2.37
C GLN A 36 -8.71 1.12 1.11
N TYR A 37 -7.70 1.14 0.25
CA TYR A 37 -7.68 0.37 -1.01
C TYR A 37 -7.92 -1.13 -0.77
N ILE A 38 -7.25 -1.72 0.21
CA ILE A 38 -7.44 -3.13 0.60
C ILE A 38 -8.90 -3.37 1.05
N MET A 39 -9.44 -2.51 1.92
CA MET A 39 -10.84 -2.58 2.36
C MET A 39 -11.87 -2.33 1.24
N VAL A 40 -11.56 -1.46 0.26
CA VAL A 40 -12.44 -1.04 -0.83
C VAL A 40 -12.51 -2.10 -1.93
N LYS A 41 -11.36 -2.67 -2.30
CA LYS A 41 -11.25 -3.76 -3.26
C LYS A 41 -11.51 -5.15 -2.63
N GLN A 42 -11.53 -5.25 -1.29
CA GLN A 42 -11.84 -6.47 -0.53
C GLN A 42 -10.76 -7.54 -0.64
N LEU A 43 -9.53 -7.08 -0.41
CA LEU A 43 -8.26 -7.83 -0.46
C LEU A 43 -7.93 -8.46 0.91
N TYR A 44 -8.91 -9.03 1.61
CA TYR A 44 -8.72 -9.58 2.96
C TYR A 44 -9.67 -10.76 3.26
N ASP A 45 -9.43 -11.50 4.36
CA ASP A 45 -10.32 -12.56 4.85
C ASP A 45 -11.37 -12.04 5.85
N GLN A 46 -12.62 -12.47 5.74
CA GLN A 46 -13.72 -11.95 6.56
C GLN A 46 -13.63 -12.29 8.07
N GLN A 47 -12.88 -13.32 8.46
CA GLN A 47 -12.61 -13.69 9.85
C GLN A 47 -11.18 -13.31 10.28
N GLU A 48 -10.22 -13.33 9.36
CA GLU A 48 -8.83 -12.90 9.57
C GLU A 48 -8.60 -11.53 8.91
N GLN A 49 -9.30 -10.51 9.40
CA GLN A 49 -9.33 -9.17 8.78
C GLN A 49 -7.98 -8.43 8.90
N HIS A 50 -7.09 -8.89 9.78
CA HIS A 50 -5.69 -8.49 9.92
C HIS A 50 -4.76 -9.12 8.85
N MET A 51 -5.24 -10.13 8.13
CA MET A 51 -4.55 -10.86 7.07
C MET A 51 -5.04 -10.39 5.69
N VAL A 52 -4.09 -10.06 4.81
CA VAL A 52 -4.35 -9.50 3.49
C VAL A 52 -4.25 -10.62 2.44
N TYR A 53 -5.17 -10.60 1.48
CA TYR A 53 -5.35 -11.56 0.41
C TYR A 53 -5.57 -10.85 -0.93
N CYS A 54 -4.48 -10.26 -1.41
CA CYS A 54 -4.28 -9.68 -2.75
C CYS A 54 -4.09 -10.75 -3.86
N GLY A 55 -4.77 -11.89 -3.77
CA GLY A 55 -4.59 -13.12 -4.58
C GLY A 55 -4.42 -12.96 -6.09
N GLY A 56 -5.05 -11.93 -6.68
CA GLY A 56 -4.88 -11.54 -8.08
C GLY A 56 -4.82 -10.02 -8.29
N ASP A 57 -4.45 -9.24 -7.27
CA ASP A 57 -4.48 -7.76 -7.34
C ASP A 57 -3.16 -7.15 -7.78
N LEU A 58 -3.24 -6.03 -8.50
CA LEU A 58 -2.11 -5.20 -8.90
C LEU A 58 -1.21 -4.82 -7.72
N LEU A 59 -1.76 -4.55 -6.52
CA LEU A 59 -0.98 -4.28 -5.32
C LEU A 59 -0.17 -5.51 -4.87
N GLY A 60 -0.76 -6.71 -4.88
CA GLY A 60 -0.05 -7.95 -4.53
C GLY A 60 1.05 -8.32 -5.53
N GLU A 61 0.79 -8.13 -6.82
CA GLU A 61 1.77 -8.32 -7.90
C GLU A 61 2.94 -7.35 -7.77
N LEU A 62 2.62 -6.06 -7.55
CA LEU A 62 3.59 -4.98 -7.34
C LEU A 62 4.46 -5.20 -6.09
N LEU A 63 3.85 -5.57 -4.96
CA LEU A 63 4.59 -5.87 -3.72
C LEU A 63 5.35 -7.19 -3.78
N GLY A 64 4.90 -8.11 -4.64
CA GLY A 64 5.55 -9.40 -4.90
C GLY A 64 5.10 -10.51 -3.95
N ARG A 65 4.20 -10.21 -3.01
CA ARG A 65 3.50 -11.19 -2.15
C ARG A 65 2.00 -10.95 -2.27
N GLN A 66 1.24 -11.98 -2.63
CA GLN A 66 -0.22 -11.86 -2.76
C GLN A 66 -0.95 -12.06 -1.42
N SER A 67 -0.22 -12.36 -0.34
CA SER A 67 -0.74 -12.37 1.04
C SER A 67 0.34 -12.01 2.07
N PHE A 68 -0.04 -11.23 3.08
CA PHE A 68 0.79 -10.79 4.21
C PHE A 68 -0.10 -10.40 5.40
N SER A 69 0.47 -10.23 6.60
CA SER A 69 -0.25 -9.81 7.80
C SER A 69 0.20 -8.44 8.29
N VAL A 70 -0.69 -7.70 8.95
CA VAL A 70 -0.33 -6.46 9.69
C VAL A 70 0.65 -6.73 10.85
N LYS A 71 0.74 -8.00 11.30
CA LYS A 71 1.72 -8.50 12.29
C LYS A 71 2.98 -9.13 11.66
N ASP A 72 3.03 -9.21 10.33
CA ASP A 72 4.18 -9.71 9.56
C ASP A 72 4.39 -8.91 8.23
N PRO A 73 4.60 -7.57 8.30
CA PRO A 73 4.66 -6.67 7.14
C PRO A 73 6.01 -6.70 6.38
N SER A 74 6.79 -7.78 6.47
CA SER A 74 8.13 -7.87 5.87
C SER A 74 8.16 -7.59 4.35
N PRO A 75 7.30 -8.18 3.50
CA PRO A 75 7.25 -7.84 2.07
C PRO A 75 6.64 -6.46 1.80
N LEU A 76 5.82 -5.94 2.72
CA LEU A 76 5.20 -4.61 2.61
C LEU A 76 6.26 -3.51 2.78
N TYR A 77 7.12 -3.60 3.79
CA TYR A 77 8.26 -2.68 3.93
C TYR A 77 9.28 -2.83 2.79
N ASP A 78 9.50 -4.06 2.30
CA ASP A 78 10.41 -4.30 1.18
C ASP A 78 9.94 -3.62 -0.10
N MET A 79 8.64 -3.71 -0.43
CA MET A 79 8.03 -2.94 -1.47
C MET A 79 8.15 -1.44 -1.23
N LEU A 80 7.82 -0.93 -0.05
CA LEU A 80 7.82 0.51 0.21
C LEU A 80 9.20 1.08 -0.06
N ARG A 81 10.24 0.52 0.57
CA ARG A 81 11.65 0.95 0.41
C ARG A 81 12.18 0.92 -1.04
N LYS A 82 11.57 0.14 -1.95
CA LYS A 82 11.91 0.14 -3.39
C LYS A 82 10.90 0.86 -4.32
N ASN A 83 9.75 1.29 -3.80
CA ASN A 83 8.67 1.96 -4.56
C ASN A 83 8.39 3.39 -4.10
N LEU A 84 9.09 3.81 -3.08
CA LEU A 84 9.16 5.20 -2.60
C LEU A 84 10.46 5.48 -1.83
N VAL A 85 10.84 6.77 -1.77
CA VAL A 85 11.93 7.23 -0.87
C VAL A 85 11.47 7.08 0.58
N THR A 86 12.40 6.81 1.49
CA THR A 86 12.12 6.53 2.91
C THR A 86 11.22 7.60 3.55
N LEU A 87 10.00 7.22 3.94
CA LEU A 87 9.03 8.09 4.62
C LEU A 87 9.07 7.85 6.15
N ALA A 88 8.73 8.88 6.94
CA ALA A 88 8.76 8.85 8.41
C ALA A 88 7.68 9.75 9.04
N THR A 89 7.43 9.54 10.34
CA THR A 89 6.41 10.26 11.13
C THR A 89 6.81 10.41 12.61
N 48L B . -3.34 -0.97 10.48
CG1 48L B . -3.06 -0.55 7.18
CG2 48L B . -1.25 -0.02 9.36
CG3 48L B . -5.09 -2.63 10.35
CD1 48L B . -2.84 -1.94 7.13
CD2 48L B . -2.68 0.23 6.08
CD3 48L B . -0.62 -1.26 9.40
CD4 48L B . -0.51 1.12 9.00
CD5 48L B . -4.80 -3.17 11.61
CD6 48L B . -5.96 -3.33 9.51
CE1 48L B . -2.23 -2.52 6.02
CE2 48L B . -2.06 -0.35 4.98
CE3 48L B . 0.84 1.01 8.70
CE4 48L B . 0.74 -1.36 9.07
CE5 48L B . -5.45 -4.32 12.06
CE6 48L B . -6.63 -4.46 9.97
CZ1 48L B . -1.83 -1.72 4.95
CZ2 48L B . 1.47 -0.24 8.72
CZ3 48L B . -6.39 -4.94 11.25
CL 48L B . -1.04 -2.43 3.58
CM1 48L B . -8.51 -6.10 11.69
CM2 48L B . -5.34 -4.92 6.94
CM3 48L B . -6.33 -2.88 5.82
C1 48L B . -9.80 -0.14 9.28
N1 48L B . -9.68 0.23 10.57
O1 48L B . -10.92 -0.36 8.85
C2 48L B . -8.40 0.49 11.22
N2 48L B . -7.20 -0.26 9.13
C3 48L B . -7.26 -0.34 10.60
N3 48L B . -4.88 -0.53 8.88
O3 48L B . -7.06 -6.04 11.74
C4 48L B . -8.54 -0.28 8.44
C5 48L B . -6.07 -0.15 8.38
O5 48L B . -6.15 0.34 7.26
C6 48L B . -4.46 -1.32 9.99
O6 48L B . -6.09 -2.94 8.18
C7 48L B . -2.74 0.12 9.67
C8 48L B . -3.65 0.13 8.40
C9 48L B . -6.38 -3.80 7.06
BR 48L B . 1.57 -3.06 9.09
F 48L B . -1.10 2.32 8.93
HD1 48L B . -3.14 -2.56 7.97
HD2 48L B . -2.87 1.29 6.09
HD3 48L B . -1.17 -2.16 9.67
HD5 48L B . -4.09 -2.67 12.28
HE1 48L B . -2.05 -3.59 6.00
HE2 48L B . -1.75 0.26 4.15
HE3 48L B . 1.41 1.90 8.42
HE5 48L B . -5.25 -4.71 13.05
HE6 48L B . -7.32 -5.00 9.32
HZ2 48L B . 2.54 -0.32 8.48
HM11 48L B . -8.85 -6.06 10.65
HM12 48L B . -8.83 -7.04 12.14
HM13 48L B . -8.91 -5.26 12.26
HM21 48L B . -5.37 -5.59 7.80
HM22 48L B . -5.55 -5.53 6.05
HM23 48L B . -4.33 -4.51 6.84
HM31 48L B . -7.11 -2.12 5.88
HM32 48L B . -5.36 -2.38 5.77
HM33 48L B . -6.47 -3.45 4.91
HN1 48L B . -10.52 0.32 11.10
H21 48L B . -8.16 1.55 11.10
H22 48L B . -8.48 0.27 12.29
H31 48L B . -6.32 0.01 11.04
H32 48L B . -7.40 -1.39 10.89
H41 48L B . -8.64 -1.22 7.90
H42 48L B . -8.58 0.55 7.73
H7 48L B . -2.91 1.06 10.21
H8 48L B . -3.88 1.18 8.17
H9 48L B . -7.38 -4.23 7.18
N GLN A 1 0.21 16.20 8.13
CA GLN A 1 -0.15 16.69 6.79
C GLN A 1 1.00 16.62 5.76
N ILE A 2 0.72 17.10 4.54
CA ILE A 2 1.65 17.09 3.40
C ILE A 2 2.93 17.90 3.71
N ASN A 3 4.09 17.28 3.45
CA ASN A 3 5.42 17.89 3.59
C ASN A 3 6.26 17.64 2.32
N GLN A 4 6.91 16.49 2.25
CA GLN A 4 7.79 16.06 1.16
C GLN A 4 7.80 14.52 1.01
N VAL A 5 7.70 14.03 -0.23
CA VAL A 5 7.75 12.60 -0.61
C VAL A 5 8.01 12.42 -2.11
N ARG A 6 8.35 11.20 -2.53
CA ARG A 6 8.42 10.80 -3.94
C ARG A 6 7.98 9.33 -4.08
N PRO A 7 6.88 9.02 -4.78
CA PRO A 7 6.39 7.65 -4.98
C PRO A 7 6.93 7.00 -6.27
N LYS A 8 6.64 5.70 -6.45
CA LYS A 8 6.87 4.95 -7.71
C LYS A 8 5.62 4.96 -8.58
N LEU A 9 5.74 4.98 -9.90
CA LEU A 9 4.59 5.16 -10.80
C LEU A 9 3.50 4.05 -10.72
N PRO A 10 3.84 2.76 -10.53
CA PRO A 10 2.82 1.72 -10.33
C PRO A 10 2.08 1.83 -9.00
N LEU A 11 2.70 2.43 -7.97
CA LEU A 11 2.13 2.59 -6.64
C LEU A 11 1.34 3.89 -6.55
N LEU A 12 1.84 4.97 -7.16
CA LEU A 12 1.10 6.21 -7.40
C LEU A 12 -0.28 5.91 -7.99
N LYS A 13 -0.37 5.00 -8.96
CA LYS A 13 -1.65 4.59 -9.56
C LYS A 13 -2.60 3.93 -8.56
N ILE A 14 -2.09 3.12 -7.63
CA ILE A 14 -2.88 2.61 -6.50
C ILE A 14 -3.36 3.79 -5.64
N LEU A 15 -2.47 4.76 -5.40
CA LEU A 15 -2.70 5.92 -4.53
C LEU A 15 -3.76 6.87 -5.08
N HIS A 16 -3.73 7.14 -6.38
CA HIS A 16 -4.77 7.89 -7.10
C HIS A 16 -6.09 7.09 -7.11
N ALA A 17 -6.07 5.80 -7.47
CA ALA A 17 -7.27 4.96 -7.55
C ALA A 17 -7.96 4.76 -6.19
N ALA A 18 -7.19 4.76 -5.10
CA ALA A 18 -7.70 4.75 -3.72
C ALA A 18 -8.38 6.06 -3.27
N GLY A 19 -8.20 7.16 -4.01
CA GLY A 19 -8.88 8.44 -3.78
C GLY A 19 -8.05 9.69 -4.05
N ALA A 20 -6.73 9.58 -4.25
CA ALA A 20 -5.85 10.72 -4.51
C ALA A 20 -5.85 11.16 -5.99
N GLN A 21 -4.98 12.13 -6.31
CA GLN A 21 -4.82 12.77 -7.62
C GLN A 21 -3.51 13.58 -7.81
N GLY A 22 -2.56 13.48 -6.88
CA GLY A 22 -1.31 14.24 -6.86
C GLY A 22 -0.21 13.52 -6.07
N GLU A 23 0.89 13.19 -6.74
CA GLU A 23 1.99 12.31 -6.29
C GLU A 23 2.94 12.88 -5.22
N MET A 24 2.37 13.57 -4.22
CA MET A 24 3.11 14.20 -3.11
C MET A 24 2.51 13.79 -1.74
N PHE A 25 1.92 12.59 -1.67
CA PHE A 25 1.33 12.00 -0.45
C PHE A 25 2.41 11.36 0.45
N THR A 26 2.51 11.80 1.71
CA THR A 26 3.52 11.35 2.71
C THR A 26 3.15 9.99 3.31
N VAL A 27 4.00 9.35 4.12
CA VAL A 27 3.76 7.95 4.63
C VAL A 27 2.42 7.81 5.36
N LYS A 28 2.02 8.84 6.11
CA LYS A 28 0.72 8.96 6.80
C LYS A 28 -0.47 8.86 5.82
N GLU A 29 -0.32 9.45 4.63
CA GLU A 29 -1.29 9.39 3.54
C GLU A 29 -1.19 8.07 2.76
N VAL A 30 0.02 7.65 2.38
CA VAL A 30 0.30 6.43 1.60
C VAL A 30 -0.28 5.19 2.26
N MET A 31 0.01 4.98 3.55
CA MET A 31 -0.49 3.80 4.26
C MET A 31 -2.01 3.86 4.47
N HIS A 32 -2.58 5.05 4.69
CA HIS A 32 -4.04 5.25 4.77
C HIS A 32 -4.73 4.89 3.44
N TYR A 33 -4.22 5.40 2.32
CA TYR A 33 -4.70 5.02 0.98
C TYR A 33 -4.54 3.52 0.70
N LEU A 34 -3.46 2.88 1.15
CA LEU A 34 -3.24 1.44 0.97
C LEU A 34 -4.25 0.61 1.76
N GLY A 35 -4.49 0.94 3.04
CA GLY A 35 -5.47 0.25 3.87
C GLY A 35 -6.90 0.38 3.32
N GLN A 36 -7.29 1.62 2.94
CA GLN A 36 -8.58 1.88 2.27
C GLN A 36 -8.72 1.04 1.00
N TYR A 37 -7.70 1.07 0.14
CA TYR A 37 -7.71 0.35 -1.13
C TYR A 37 -7.90 -1.16 -0.95
N ILE A 38 -7.18 -1.78 0.00
CA ILE A 38 -7.33 -3.20 0.35
C ILE A 38 -8.76 -3.49 0.84
N MET A 39 -9.33 -2.64 1.71
CA MET A 39 -10.72 -2.77 2.18
C MET A 39 -11.78 -2.51 1.10
N VAL A 40 -11.50 -1.60 0.14
CA VAL A 40 -12.43 -1.19 -0.93
C VAL A 40 -12.49 -2.25 -2.04
N LYS A 41 -11.33 -2.81 -2.40
CA LYS A 41 -11.19 -3.90 -3.37
C LYS A 41 -11.28 -5.30 -2.74
N GLN A 42 -11.36 -5.38 -1.40
CA GLN A 42 -11.66 -6.59 -0.60
C GLN A 42 -10.57 -7.66 -0.67
N LEU A 43 -9.31 -7.23 -0.52
CA LEU A 43 -8.12 -8.07 -0.52
C LEU A 43 -7.72 -8.52 0.90
N TYR A 44 -8.67 -9.01 1.69
CA TYR A 44 -8.42 -9.54 3.04
C TYR A 44 -9.39 -10.69 3.41
N ASP A 45 -9.10 -11.40 4.50
CA ASP A 45 -10.00 -12.46 5.04
C ASP A 45 -10.90 -11.92 6.17
N GLN A 46 -12.18 -12.29 6.17
CA GLN A 46 -13.16 -11.80 7.15
C GLN A 46 -12.99 -12.32 8.59
N GLN A 47 -12.25 -13.42 8.79
CA GLN A 47 -11.91 -13.97 10.11
C GLN A 47 -10.44 -13.72 10.47
N GLU A 48 -9.54 -13.73 9.47
CA GLU A 48 -8.12 -13.38 9.61
C GLU A 48 -7.89 -11.95 9.14
N GLN A 49 -8.53 -10.98 9.81
CA GLN A 49 -8.58 -9.58 9.38
C GLN A 49 -7.20 -8.88 9.44
N HIS A 50 -6.26 -9.41 10.24
CA HIS A 50 -4.85 -9.01 10.27
C HIS A 50 -4.06 -9.44 9.02
N MET A 51 -4.63 -10.34 8.20
CA MET A 51 -4.01 -10.95 7.03
C MET A 51 -4.58 -10.38 5.72
N VAL A 52 -3.70 -10.01 4.80
CA VAL A 52 -4.03 -9.45 3.48
C VAL A 52 -3.92 -10.55 2.44
N TYR A 53 -4.87 -10.56 1.50
CA TYR A 53 -5.07 -11.54 0.44
C TYR A 53 -5.35 -10.83 -0.89
N CYS A 54 -4.30 -10.20 -1.41
CA CYS A 54 -4.20 -9.61 -2.76
C CYS A 54 -4.02 -10.68 -3.87
N GLY A 55 -4.60 -11.88 -3.71
CA GLY A 55 -4.45 -13.08 -4.56
C GLY A 55 -5.08 -12.97 -5.96
N GLY A 56 -4.61 -11.99 -6.72
CA GLY A 56 -5.06 -11.62 -8.07
C GLY A 56 -5.11 -10.10 -8.31
N ASP A 57 -4.64 -9.28 -7.36
CA ASP A 57 -4.77 -7.82 -7.42
C ASP A 57 -3.51 -7.11 -7.92
N LEU A 58 -3.68 -5.97 -8.60
CA LEU A 58 -2.58 -5.11 -9.04
C LEU A 58 -1.66 -4.70 -7.88
N LEU A 59 -2.18 -4.40 -6.69
CA LEU A 59 -1.33 -4.08 -5.53
C LEU A 59 -0.44 -5.27 -5.14
N GLY A 60 -0.98 -6.49 -5.08
CA GLY A 60 -0.19 -7.70 -4.76
C GLY A 60 0.89 -8.00 -5.80
N GLU A 61 0.54 -7.87 -7.08
CA GLU A 61 1.48 -8.06 -8.22
C GLU A 61 2.63 -7.04 -8.19
N LEU A 62 2.28 -5.77 -8.07
CA LEU A 62 3.22 -4.64 -8.08
C LEU A 62 4.08 -4.56 -6.80
N LEU A 63 3.55 -4.95 -5.64
CA LEU A 63 4.35 -5.10 -4.41
C LEU A 63 5.23 -6.36 -4.45
N GLY A 64 4.78 -7.41 -5.16
CA GLY A 64 5.53 -8.64 -5.37
C GLY A 64 5.24 -9.74 -4.35
N ARG A 65 4.27 -9.52 -3.45
CA ARG A 65 3.71 -10.55 -2.55
C ARG A 65 2.18 -10.42 -2.54
N GLN A 66 1.48 -11.50 -2.89
CA GLN A 66 0.01 -11.49 -2.97
C GLN A 66 -0.67 -11.75 -1.61
N SER A 67 0.10 -12.03 -0.56
CA SER A 67 -0.39 -12.14 0.82
C SER A 67 0.71 -11.76 1.83
N PHE A 68 0.31 -11.06 2.89
CA PHE A 68 1.16 -10.59 3.99
C PHE A 68 0.32 -10.28 5.23
N SER A 69 0.97 -10.17 6.40
CA SER A 69 0.30 -9.87 7.68
C SER A 69 0.67 -8.50 8.23
N VAL A 70 -0.29 -7.87 8.91
CA VAL A 70 -0.07 -6.65 9.70
C VAL A 70 0.82 -6.95 10.92
N LYS A 71 0.84 -8.21 11.40
CA LYS A 71 1.70 -8.70 12.48
C LYS A 71 3.09 -9.15 11.98
N ASP A 72 3.28 -9.30 10.67
CA ASP A 72 4.56 -9.63 10.02
C ASP A 72 4.72 -8.87 8.67
N PRO A 73 4.91 -7.53 8.70
CA PRO A 73 4.97 -6.66 7.52
C PRO A 73 6.32 -6.75 6.75
N SER A 74 6.97 -7.91 6.74
CA SER A 74 8.30 -8.11 6.12
C SER A 74 8.32 -7.80 4.60
N PRO A 75 7.43 -8.38 3.76
CA PRO A 75 7.32 -7.98 2.35
C PRO A 75 6.74 -6.57 2.16
N LEU A 76 6.03 -6.01 3.16
CA LEU A 76 5.45 -4.68 3.09
C LEU A 76 6.54 -3.60 3.19
N TYR A 77 7.43 -3.66 4.19
CA TYR A 77 8.59 -2.76 4.25
C TYR A 77 9.51 -2.93 3.04
N ASP A 78 9.68 -4.16 2.55
CA ASP A 78 10.49 -4.44 1.36
C ASP A 78 9.92 -3.78 0.10
N MET A 79 8.60 -3.79 -0.08
CA MET A 79 7.94 -3.07 -1.18
C MET A 79 8.10 -1.55 -1.02
N LEU A 80 7.81 -1.00 0.16
CA LEU A 80 7.82 0.44 0.42
C LEU A 80 9.21 1.00 0.12
N ARG A 81 10.26 0.45 0.74
CA ARG A 81 11.67 0.89 0.59
C ARG A 81 12.22 0.78 -0.83
N LYS A 82 11.61 -0.03 -1.70
CA LYS A 82 11.97 -0.15 -3.14
C LYS A 82 11.03 0.61 -4.08
N ASN A 83 9.92 1.15 -3.58
CA ASN A 83 9.00 2.00 -4.34
C ASN A 83 9.21 3.47 -4.02
N LEU A 84 8.80 3.88 -2.82
CA LEU A 84 8.93 5.27 -2.36
C LEU A 84 10.27 5.54 -1.65
N VAL A 85 10.62 6.83 -1.60
CA VAL A 85 11.76 7.31 -0.81
C VAL A 85 11.47 7.17 0.69
N THR A 86 12.50 6.85 1.47
CA THR A 86 12.37 6.53 2.91
C THR A 86 11.60 7.61 3.68
N LEU A 87 10.48 7.21 4.28
CA LEU A 87 9.68 7.99 5.22
C LEU A 87 9.21 7.08 6.37
N ALA A 88 9.05 7.68 7.56
CA ALA A 88 8.71 6.99 8.79
C ALA A 88 7.90 7.89 9.73
N THR A 89 7.02 7.30 10.55
CA THR A 89 6.08 8.01 11.44
C THR A 89 5.77 7.24 12.73
N 48L B . -3.39 -0.84 10.49
CG1 48L B . -3.12 -0.75 7.06
CG2 48L B . -1.42 0.07 9.21
CG3 48L B . -4.77 -2.80 10.67
CD1 48L B . -2.81 -2.12 7.00
CD2 48L B . -2.72 0.08 6.01
CD3 48L B . -0.73 -1.16 9.26
CD4 48L B . -0.70 1.22 8.86
CD5 48L B . -4.40 -3.01 12.01
CD6 48L B . -5.44 -3.82 9.99
CE1 48L B . -2.10 -2.63 5.91
CE2 48L B . -2.00 -0.44 4.93
CE3 48L B . 0.67 1.16 8.59
CE4 48L B . 0.62 -1.22 8.97
CE5 48L B . -4.72 -4.20 12.66
CE6 48L B . -5.76 -5.01 10.66
CZ1 48L B . -1.69 -1.78 4.89
CZ2 48L B . 1.34 -0.07 8.64
CZ3 48L B . -5.40 -5.19 11.99
CL 48L B . -0.79 -2.40 3.55
CM1 48L B . -7.04 -6.86 12.70
CM2 48L B . -5.55 -4.48 6.34
CM3 48L B . -7.57 -4.98 7.79
C1 48L B . -9.85 -1.31 9.14
N1 48L B . -9.81 -0.94 10.44
O1 48L B . -10.88 -1.78 8.70
C2 48L B . -8.63 -0.35 11.05
N2 48L B . -7.27 -1.02 9.01
C3 48L B . -7.33 -0.96 10.50
N3 48L B . -4.90 -0.99 8.82
O3 48L B . -5.69 -6.37 12.64
C4 48L B . -8.59 -1.11 8.31
C5 48L B . -6.13 -0.90 8.25
O5 48L B . -6.24 -0.63 7.08
C6 48L B . -4.40 -1.48 10.05
O6 48L B . -5.66 -3.73 8.63
C7 48L B . -2.92 0.15 9.48
C8 48L B . -3.83 -0.15 8.27
C9 48L B . -6.03 -4.81 7.75
BR 48L B . 1.53 -2.89 9.01
F 48L B . -1.32 2.41 8.77
HD1 48L B . -3.13 -2.79 7.79
HD2 48L B . -2.97 1.13 6.03
HD3 48L B . -1.27 -2.06 9.52
HD5 48L B . -3.87 -2.24 12.56
HE1 48L B . -1.87 -3.70 5.87
HE2 48L B . -1.69 0.22 4.13
HE3 48L B . 1.21 2.06 8.33
HE5 48L B . -4.42 -4.35 13.69
HE6 48L B . -6.25 -5.83 10.14
HZ2 48L B . 2.40 -0.12 8.42
HM11 48L B . -7.68 -6.13 13.20
HM12 48L B . -7.42 -7.04 11.69
HM13 48L B . -7.07 -7.80 13.26
HM21 48L B . -4.45 -4.40 6.33
HM22 48L B . -5.82 -5.26 5.64
HM23 48L B . -5.96 -3.52 6.00
HM31 48L B . -7.88 -5.79 7.12
HM32 48L B . -7.93 -5.21 8.79
HM33 48L B . -8.06 -4.07 7.46
HN1 48L B . -10.64 -1.07 10.98
H21 48L B . -8.62 0.72 10.85
H22 48L B . -8.66 -0.50 12.13
H31 48L B . -6.49 -0.37 10.88
H32 48L B . -7.24 -1.99 10.88
H41 48L B . -8.57 -1.94 7.60
H42 48L B . -8.75 -0.18 7.76
H7 48L B . -3.17 1.15 9.87
H8 48L B . -4.27 0.81 7.96
H9 48L B . -5.54 -5.74 8.07
N GLN A 1 -0.77 17.25 7.38
CA GLN A 1 -0.88 17.42 5.93
C GLN A 1 0.44 17.12 5.19
N ILE A 2 0.38 17.11 3.86
CA ILE A 2 1.52 16.87 2.96
C ILE A 2 2.63 17.91 3.21
N ASN A 3 3.87 17.43 3.41
CA ASN A 3 5.06 18.27 3.59
C ASN A 3 6.03 18.11 2.42
N GLN A 4 6.76 16.99 2.39
CA GLN A 4 7.67 16.59 1.31
C GLN A 4 7.66 15.07 1.11
N VAL A 5 7.59 14.60 -0.14
CA VAL A 5 7.62 13.17 -0.52
C VAL A 5 7.90 12.97 -2.02
N ARG A 6 8.28 11.75 -2.42
CA ARG A 6 8.37 11.31 -3.82
C ARG A 6 8.01 9.81 -3.88
N PRO A 7 6.98 9.40 -4.65
CA PRO A 7 6.58 8.00 -4.81
C PRO A 7 7.21 7.38 -6.08
N LYS A 8 6.77 6.17 -6.45
CA LYS A 8 7.11 5.48 -7.71
C LYS A 8 5.83 4.97 -8.41
N LEU A 9 5.87 4.84 -9.74
CA LEU A 9 4.68 4.60 -10.59
C LEU A 9 3.74 3.44 -10.17
N PRO A 10 4.20 2.18 -10.01
CA PRO A 10 3.34 1.06 -9.60
C PRO A 10 2.77 1.14 -8.17
N LEU A 11 3.16 2.15 -7.37
CA LEU A 11 2.58 2.46 -6.05
C LEU A 11 1.71 3.73 -6.12
N LEU A 12 2.19 4.79 -6.76
CA LEU A 12 1.42 6.00 -7.11
C LEU A 12 0.06 5.66 -7.74
N LYS A 13 0.02 4.70 -8.67
CA LYS A 13 -1.23 4.25 -9.31
C LYS A 13 -2.22 3.61 -8.33
N ILE A 14 -1.73 2.92 -7.29
CA ILE A 14 -2.58 2.46 -6.17
C ILE A 14 -3.11 3.68 -5.41
N LEU A 15 -2.27 4.69 -5.21
CA LEU A 15 -2.60 5.90 -4.46
C LEU A 15 -3.69 6.73 -5.14
N HIS A 16 -3.57 6.98 -6.45
CA HIS A 16 -4.65 7.57 -7.25
C HIS A 16 -5.92 6.69 -7.24
N ALA A 17 -5.80 5.38 -7.51
CA ALA A 17 -6.94 4.46 -7.63
C ALA A 17 -7.72 4.27 -6.31
N ALA A 18 -7.04 4.40 -5.17
CA ALA A 18 -7.67 4.44 -3.84
C ALA A 18 -8.58 5.68 -3.63
N GLY A 19 -8.33 6.77 -4.37
CA GLY A 19 -9.11 8.01 -4.31
C GLY A 19 -8.28 9.30 -4.46
N ALA A 20 -6.95 9.22 -4.51
CA ALA A 20 -6.08 10.38 -4.66
C ALA A 20 -5.97 10.91 -6.11
N GLN A 21 -5.11 11.90 -6.27
CA GLN A 21 -4.79 12.67 -7.48
C GLN A 21 -3.56 13.55 -7.19
N GLY A 22 -2.57 13.56 -8.10
CA GLY A 22 -1.26 14.19 -7.88
C GLY A 22 -0.36 13.33 -6.98
N GLU A 23 0.85 13.03 -7.46
CA GLU A 23 1.81 12.07 -6.90
C GLU A 23 2.63 12.60 -5.70
N MET A 24 1.95 13.21 -4.74
CA MET A 24 2.58 13.75 -3.52
C MET A 24 1.66 13.52 -2.31
N PHE A 25 2.00 12.49 -1.52
CA PHE A 25 1.31 12.05 -0.30
C PHE A 25 2.35 11.45 0.68
N THR A 26 2.41 11.93 1.93
CA THR A 26 3.39 11.51 2.96
C THR A 26 3.06 10.13 3.54
N VAL A 27 3.92 9.50 4.38
CA VAL A 27 3.71 8.08 4.79
C VAL A 27 2.37 7.84 5.50
N LYS A 28 1.91 8.82 6.27
CA LYS A 28 0.58 8.81 6.92
C LYS A 28 -0.56 8.73 5.89
N GLU A 29 -0.41 9.41 4.76
CA GLU A 29 -1.34 9.37 3.63
C GLU A 29 -1.18 8.08 2.80
N VAL A 30 0.05 7.68 2.47
CA VAL A 30 0.36 6.45 1.70
C VAL A 30 -0.24 5.22 2.36
N MET A 31 -0.01 5.03 3.67
CA MET A 31 -0.51 3.86 4.39
C MET A 31 -2.04 3.91 4.56
N HIS A 32 -2.62 5.10 4.80
CA HIS A 32 -4.07 5.28 4.81
C HIS A 32 -4.70 4.82 3.48
N TYR A 33 -4.20 5.33 2.36
CA TYR A 33 -4.64 4.95 1.02
C TYR A 33 -4.42 3.46 0.73
N LEU A 34 -3.35 2.83 1.22
CA LEU A 34 -3.12 1.39 1.08
C LEU A 34 -4.17 0.57 1.86
N GLY A 35 -4.35 0.87 3.15
CA GLY A 35 -5.34 0.18 3.99
C GLY A 35 -6.76 0.35 3.48
N GLN A 36 -7.15 1.57 3.13
CA GLN A 36 -8.49 1.84 2.57
C GLN A 36 -8.65 1.24 1.17
N TYR A 37 -7.62 1.14 0.33
CA TYR A 37 -7.68 0.39 -0.94
C TYR A 37 -7.96 -1.10 -0.72
N ILE A 38 -7.25 -1.73 0.23
CA ILE A 38 -7.48 -3.14 0.59
C ILE A 38 -8.93 -3.34 1.06
N MET A 39 -9.45 -2.46 1.92
CA MET A 39 -10.85 -2.49 2.36
C MET A 39 -11.86 -2.21 1.24
N VAL A 40 -11.58 -1.30 0.30
CA VAL A 40 -12.50 -0.91 -0.77
C VAL A 40 -12.58 -1.99 -1.86
N LYS A 41 -11.42 -2.55 -2.23
CA LYS A 41 -11.31 -3.65 -3.21
C LYS A 41 -11.59 -5.03 -2.59
N GLN A 42 -11.58 -5.15 -1.26
CA GLN A 42 -11.88 -6.38 -0.49
C GLN A 42 -10.80 -7.46 -0.66
N LEU A 43 -9.56 -7.03 -0.43
CA LEU A 43 -8.32 -7.81 -0.53
C LEU A 43 -7.93 -8.44 0.80
N TYR A 44 -8.89 -8.91 1.60
CA TYR A 44 -8.66 -9.45 2.95
C TYR A 44 -9.68 -10.54 3.31
N ASP A 45 -9.43 -11.29 4.39
CA ASP A 45 -10.36 -12.30 4.93
C ASP A 45 -11.31 -11.72 5.99
N GLN A 46 -12.59 -12.08 5.96
CA GLN A 46 -13.61 -11.52 6.86
C GLN A 46 -13.48 -11.91 8.34
N GLN A 47 -12.77 -13.00 8.67
CA GLN A 47 -12.44 -13.41 10.03
C GLN A 47 -10.97 -13.11 10.37
N GLU A 48 -10.06 -13.23 9.41
CA GLU A 48 -8.63 -12.94 9.57
C GLU A 48 -8.34 -11.53 9.03
N GLN A 49 -8.99 -10.50 9.59
CA GLN A 49 -8.97 -9.12 9.06
C GLN A 49 -7.59 -8.45 9.15
N HIS A 50 -6.71 -8.97 10.01
CA HIS A 50 -5.28 -8.64 10.12
C HIS A 50 -4.43 -9.19 8.97
N MET A 51 -4.98 -10.11 8.17
CA MET A 51 -4.35 -10.80 7.05
C MET A 51 -4.88 -10.27 5.70
N VAL A 52 -3.99 -10.10 4.72
CA VAL A 52 -4.28 -9.52 3.40
C VAL A 52 -4.13 -10.61 2.34
N TYR A 53 -5.06 -10.62 1.40
CA TYR A 53 -5.27 -11.64 0.37
C TYR A 53 -5.56 -10.98 -0.99
N CYS A 54 -4.51 -10.34 -1.51
CA CYS A 54 -4.39 -9.79 -2.86
C CYS A 54 -4.13 -10.88 -3.95
N GLY A 55 -4.70 -12.09 -3.78
CA GLY A 55 -4.41 -13.32 -4.54
C GLY A 55 -4.25 -13.23 -6.07
N GLY A 56 -4.94 -12.29 -6.71
CA GLY A 56 -4.75 -11.93 -8.12
C GLY A 56 -5.00 -10.44 -8.38
N ASP A 57 -4.81 -9.59 -7.37
CA ASP A 57 -5.19 -8.19 -7.35
C ASP A 57 -4.01 -7.25 -7.59
N LEU A 58 -4.26 -6.09 -8.22
CA LEU A 58 -3.22 -5.19 -8.73
C LEU A 58 -2.20 -4.76 -7.67
N LEU A 59 -2.61 -4.48 -6.42
CA LEU A 59 -1.68 -4.16 -5.34
C LEU A 59 -0.72 -5.32 -5.05
N GLY A 60 -1.21 -6.57 -4.97
CA GLY A 60 -0.37 -7.75 -4.72
C GLY A 60 0.58 -8.05 -5.89
N GLU A 61 0.10 -7.90 -7.13
CA GLU A 61 0.90 -8.06 -8.35
C GLU A 61 2.04 -7.05 -8.42
N LEU A 62 1.70 -5.76 -8.24
CA LEU A 62 2.65 -4.64 -8.34
C LEU A 62 3.60 -4.53 -7.13
N LEU A 63 3.19 -4.97 -5.93
CA LEU A 63 4.10 -5.11 -4.78
C LEU A 63 4.99 -6.36 -4.89
N GLY A 64 4.48 -7.42 -5.53
CA GLY A 64 5.22 -8.65 -5.80
C GLY A 64 4.96 -9.76 -4.78
N ARG A 65 4.07 -9.54 -3.80
CA ARG A 65 3.56 -10.57 -2.88
C ARG A 65 2.05 -10.46 -2.77
N GLN A 66 1.32 -11.55 -3.01
CA GLN A 66 -0.15 -11.56 -3.06
C GLN A 66 -0.80 -11.82 -1.69
N SER A 67 -0.02 -12.03 -0.63
CA SER A 67 -0.50 -12.12 0.76
C SER A 67 0.58 -11.72 1.78
N PHE A 68 0.15 -11.06 2.85
CA PHE A 68 0.96 -10.58 3.98
C PHE A 68 0.01 -10.25 5.16
N SER A 69 0.53 -9.95 6.35
CA SER A 69 -0.27 -9.52 7.49
C SER A 69 0.21 -8.19 8.08
N VAL A 70 -0.61 -7.56 8.92
CA VAL A 70 -0.22 -6.37 9.69
C VAL A 70 0.84 -6.67 10.77
N LYS A 71 0.95 -7.95 11.19
CA LYS A 71 1.94 -8.46 12.15
C LYS A 71 3.26 -8.86 11.50
N ASP A 72 3.23 -9.23 10.21
CA ASP A 72 4.39 -9.53 9.38
C ASP A 72 4.30 -8.78 8.04
N PRO A 73 4.52 -7.45 8.04
CA PRO A 73 4.50 -6.59 6.86
C PRO A 73 5.80 -6.68 6.05
N SER A 74 6.65 -7.70 6.23
CA SER A 74 7.99 -7.79 5.61
C SER A 74 8.03 -7.53 4.08
N PRO A 75 7.21 -8.17 3.23
CA PRO A 75 7.17 -7.84 1.79
C PRO A 75 6.58 -6.45 1.51
N LEU A 76 5.71 -5.95 2.38
CA LEU A 76 5.09 -4.63 2.29
C LEU A 76 6.13 -3.54 2.56
N TYR A 77 6.90 -3.65 3.64
CA TYR A 77 8.02 -2.76 3.95
C TYR A 77 9.07 -2.78 2.82
N ASP A 78 9.37 -3.97 2.28
CA ASP A 78 10.28 -4.11 1.14
C ASP A 78 9.76 -3.39 -0.12
N MET A 79 8.47 -3.50 -0.42
CA MET A 79 7.85 -2.74 -1.53
C MET A 79 7.94 -1.23 -1.31
N LEU A 80 7.66 -0.73 -0.10
CA LEU A 80 7.71 0.71 0.21
C LEU A 80 9.14 1.23 -0.02
N ARG A 81 10.13 0.57 0.57
CA ARG A 81 11.57 0.91 0.47
C ARG A 81 12.14 0.86 -0.96
N LYS A 82 11.46 0.19 -1.90
CA LYS A 82 11.82 0.15 -3.33
C LYS A 82 11.02 1.14 -4.19
N ASN A 83 9.91 1.67 -3.66
CA ASN A 83 9.05 2.63 -4.37
C ASN A 83 9.32 4.06 -3.91
N LEU A 84 8.75 4.43 -2.77
CA LEU A 84 8.86 5.78 -2.19
C LEU A 84 10.19 6.02 -1.45
N VAL A 85 10.51 7.29 -1.21
CA VAL A 85 11.81 7.74 -0.66
C VAL A 85 11.96 7.61 0.86
N THR A 86 11.67 6.41 1.38
CA THR A 86 11.99 6.02 2.77
C THR A 86 11.42 7.00 3.82
N LEU A 87 10.11 7.26 3.76
CA LEU A 87 9.41 7.97 4.84
C LEU A 87 8.99 6.98 5.92
N ALA A 88 9.14 7.38 7.19
CA ALA A 88 8.95 6.55 8.37
C ALA A 88 8.25 7.32 9.49
N THR A 89 7.45 6.62 10.30
CA THR A 89 6.58 7.22 11.33
C THR A 89 6.37 6.31 12.55
N 48L B . -3.25 -0.66 10.72
CG1 48L B . -2.86 -0.47 7.40
CG2 48L B . -1.28 0.55 9.62
CG3 48L B . -4.77 -2.54 10.67
CD1 48L B . -2.50 -1.84 7.45
CD2 48L B . -2.54 0.26 6.26
CD3 48L B . -0.45 -0.57 9.76
CD4 48L B . -0.70 1.76 9.23
CD5 48L B . -4.51 -2.92 12.00
CD6 48L B . -5.48 -3.45 9.87
CE1 48L B . -1.83 -2.43 6.37
CE2 48L B . -1.88 -0.32 5.19
CE3 48L B . 0.67 1.87 9.02
CE4 48L B . 0.92 -0.47 9.53
CE5 48L B . -5.02 -4.10 12.54
CE6 48L B . -6.02 -4.62 10.41
CZ1 48L B . -1.53 -1.66 5.24
CZ2 48L B . 1.49 0.75 9.16
CZ3 48L B . -5.80 -4.92 11.75
CL 48L B . -0.72 -2.39 3.90
CM1 48L B . -7.74 -6.34 12.23
CM2 48L B . -4.51 -5.26 7.56
CM3 48L B . -5.65 -3.54 6.12
C1 48L B . -9.69 -0.78 9.25
N1 48L B . -9.66 -0.19 10.45
O1 48L B . -10.76 -1.15 8.82
C2 48L B . -8.43 0.27 11.11
N2 48L B . -7.09 -0.64 9.17
C3 48L B . -7.19 -0.53 10.65
N3 48L B . -4.75 -0.58 9.02
O3 48L B . -6.31 -6.08 12.29
C4 48L B . -8.38 -0.94 8.48
C5 48L B . -5.96 -0.43 8.44
O5 48L B . -6.05 -0.07 7.28
C6 48L B . -4.28 -1.21 10.21
O6 48L B . -5.54 -3.24 8.50
C7 48L B . -2.78 0.44 9.84
C8 48L B . -3.62 0.21 8.55
C9 48L B . -5.68 -4.26 7.48
BR 48L B . 2.02 -2.02 9.68
F 48L B . -1.47 2.85 9.06
HD1 48L B . -2.75 -2.43 8.31
HD2 48L B . -2.82 1.32 6.21
HD3 48L B . -0.87 -1.53 10.06
HD5 48L B . -3.93 -2.26 12.66
HE1 48L B . -1.57 -3.48 6.41
HE2 48L B . -1.64 0.26 4.32
HE3 48L B . 1.11 2.82 8.74
HE5 48L B . -4.83 -4.36 13.57
HE6 48L B . -6.58 -5.30 9.79
HZ2 48L B . 2.56 0.82 8.99
HM11 48L B . -8.28 -5.54 12.75
HM12 48L B . -8.06 -6.39 11.19
HM13 48L B . -7.95 -7.30 12.72
HM21 48L B . -4.53 -5.82 8.50
HM22 48L B . -4.57 -5.98 6.74
HM23 48L B . -3.54 -4.75 7.49
HM31 48L B . -4.69 -3.05 5.96
HM32 48L B . -5.83 -4.23 5.30
HM33 48L B . -6.42 -2.76 6.10
HN1 48L B . -10.53 -0.10 10.94
H21 48L B . -8.28 1.32 10.85
H22 48L B . -8.54 0.18 12.19
H31 48L B . -6.32 -0.03 11.07
H32 48L B . -7.25 -1.54 11.08
H41 48L B . -8.36 -1.98 8.14
H42 48L B . -8.49 -0.29 7.61
H7 48L B . -3.13 1.38 10.29
H8 48L B . -3.98 1.19 8.21
H9 48L B . -6.63 -4.78 7.60
N GLN A 1 0.82 15.82 8.73
CA GLN A 1 0.41 16.01 7.33
C GLN A 1 1.59 15.89 6.34
N ILE A 2 1.30 16.08 5.04
CA ILE A 2 2.26 15.96 3.93
C ILE A 2 3.36 17.03 4.05
N ASN A 3 4.62 16.61 3.90
CA ASN A 3 5.81 17.47 3.96
C ASN A 3 6.65 17.40 2.67
N GLN A 4 7.33 16.26 2.49
CA GLN A 4 8.13 15.94 1.30
C GLN A 4 8.08 14.42 0.99
N VAL A 5 7.88 14.05 -0.28
CA VAL A 5 7.86 12.65 -0.75
C VAL A 5 7.99 12.55 -2.28
N ARG A 6 8.35 11.37 -2.80
CA ARG A 6 8.30 11.01 -4.22
C ARG A 6 7.96 9.51 -4.33
N PRO A 7 6.84 9.13 -4.97
CA PRO A 7 6.40 7.74 -5.10
C PRO A 7 6.94 7.07 -6.39
N LYS A 8 6.70 5.75 -6.52
CA LYS A 8 6.96 4.98 -7.74
C LYS A 8 5.72 4.94 -8.62
N LEU A 9 5.87 4.98 -9.95
CA LEU A 9 4.74 5.16 -10.88
C LEU A 9 3.66 4.07 -10.80
N PRO A 10 3.97 2.76 -10.67
CA PRO A 10 2.93 1.74 -10.50
C PRO A 10 2.17 1.84 -9.17
N LEU A 11 2.78 2.43 -8.14
CA LEU A 11 2.17 2.57 -6.81
C LEU A 11 1.38 3.88 -6.71
N LEU A 12 1.87 4.97 -7.31
CA LEU A 12 1.11 6.21 -7.53
C LEU A 12 -0.28 5.90 -8.10
N LYS A 13 -0.37 5.01 -9.11
CA LYS A 13 -1.66 4.63 -9.71
C LYS A 13 -2.59 3.91 -8.73
N ILE A 14 -2.05 3.11 -7.79
CA ILE A 14 -2.84 2.56 -6.67
C ILE A 14 -3.31 3.70 -5.77
N LEU A 15 -2.43 4.66 -5.50
CA LEU A 15 -2.66 5.81 -4.63
C LEU A 15 -3.78 6.72 -5.15
N HIS A 16 -3.73 7.05 -6.44
CA HIS A 16 -4.80 7.77 -7.13
C HIS A 16 -6.10 6.94 -7.20
N ALA A 17 -6.03 5.65 -7.56
CA ALA A 17 -7.21 4.79 -7.70
C ALA A 17 -7.96 4.56 -6.36
N ALA A 18 -7.23 4.58 -5.24
CA ALA A 18 -7.80 4.58 -3.89
C ALA A 18 -8.62 5.87 -3.60
N GLY A 19 -8.30 6.98 -4.26
CA GLY A 19 -8.99 8.27 -4.11
C GLY A 19 -8.09 9.50 -4.21
N ALA A 20 -6.76 9.34 -4.29
CA ALA A 20 -5.84 10.47 -4.40
C ALA A 20 -5.80 11.11 -5.82
N GLN A 21 -4.91 12.09 -5.94
CA GLN A 21 -4.65 12.97 -7.09
C GLN A 21 -3.38 13.80 -6.79
N GLY A 22 -2.44 13.86 -7.74
CA GLY A 22 -1.11 14.45 -7.54
C GLY A 22 -0.18 13.53 -6.71
N GLU A 23 1.01 13.24 -7.22
CA GLU A 23 1.95 12.24 -6.71
C GLU A 23 2.79 12.72 -5.50
N MET A 24 2.12 13.24 -4.49
CA MET A 24 2.74 13.78 -3.27
C MET A 24 1.90 13.42 -2.03
N PHE A 25 2.20 12.25 -1.48
CA PHE A 25 1.59 11.67 -0.26
C PHE A 25 2.65 10.92 0.57
N THR A 26 2.85 11.29 1.84
CA THR A 26 3.88 10.73 2.76
C THR A 26 3.45 9.36 3.30
N VAL A 27 4.29 8.63 4.07
CA VAL A 27 3.95 7.30 4.60
C VAL A 27 2.64 7.28 5.39
N LYS A 28 2.33 8.36 6.12
CA LYS A 28 1.06 8.55 6.84
C LYS A 28 -0.16 8.50 5.91
N GLU A 29 -0.02 9.08 4.72
CA GLU A 29 -1.03 9.07 3.65
C GLU A 29 -1.02 7.76 2.85
N VAL A 30 0.16 7.26 2.45
CA VAL A 30 0.34 6.03 1.66
C VAL A 30 -0.27 4.83 2.38
N MET A 31 -0.01 4.67 3.68
CA MET A 31 -0.59 3.57 4.44
C MET A 31 -2.10 3.70 4.57
N HIS A 32 -2.63 4.90 4.82
CA HIS A 32 -4.08 5.16 4.80
C HIS A 32 -4.71 4.76 3.46
N TYR A 33 -4.16 5.23 2.34
CA TYR A 33 -4.61 4.89 0.99
C TYR A 33 -4.49 3.39 0.66
N LEU A 34 -3.43 2.69 1.10
CA LEU A 34 -3.31 1.24 0.88
C LEU A 34 -4.34 0.46 1.71
N GLY A 35 -4.49 0.80 3.00
CA GLY A 35 -5.43 0.14 3.89
C GLY A 35 -6.87 0.33 3.44
N GLN A 36 -7.25 1.57 3.09
CA GLN A 36 -8.59 1.85 2.58
C GLN A 36 -8.82 1.23 1.20
N TYR A 37 -7.82 1.17 0.31
CA TYR A 37 -7.90 0.44 -0.98
C TYR A 37 -8.15 -1.06 -0.77
N ILE A 38 -7.44 -1.69 0.17
CA ILE A 38 -7.63 -3.10 0.52
C ILE A 38 -9.06 -3.34 1.05
N MET A 39 -9.56 -2.47 1.93
CA MET A 39 -10.95 -2.53 2.42
C MET A 39 -12.00 -2.25 1.31
N VAL A 40 -11.73 -1.36 0.35
CA VAL A 40 -12.64 -0.97 -0.73
C VAL A 40 -12.74 -2.05 -1.79
N LYS A 41 -11.59 -2.61 -2.21
CA LYS A 41 -11.51 -3.70 -3.18
C LYS A 41 -11.75 -5.08 -2.54
N GLN A 42 -11.73 -5.19 -1.21
CA GLN A 42 -12.00 -6.42 -0.43
C GLN A 42 -10.91 -7.49 -0.61
N LEU A 43 -9.67 -7.03 -0.40
CA LEU A 43 -8.41 -7.77 -0.53
C LEU A 43 -8.01 -8.43 0.79
N TYR A 44 -8.96 -8.98 1.56
CA TYR A 44 -8.69 -9.57 2.87
C TYR A 44 -9.70 -10.68 3.23
N ASP A 45 -9.45 -11.42 4.32
CA ASP A 45 -10.36 -12.46 4.85
C ASP A 45 -11.29 -11.91 5.95
N GLN A 46 -12.58 -12.28 5.93
CA GLN A 46 -13.56 -11.76 6.88
C GLN A 46 -13.42 -12.22 8.34
N GLN A 47 -12.69 -13.32 8.60
CA GLN A 47 -12.38 -13.81 9.94
C GLN A 47 -10.89 -13.57 10.30
N GLU A 48 -9.99 -13.64 9.32
CA GLU A 48 -8.56 -13.30 9.47
C GLU A 48 -8.33 -11.86 8.98
N GLN A 49 -8.99 -10.88 9.62
CA GLN A 49 -9.04 -9.50 9.13
C GLN A 49 -7.68 -8.79 9.13
N HIS A 50 -6.73 -9.26 9.95
CA HIS A 50 -5.33 -8.85 9.97
C HIS A 50 -4.50 -9.41 8.79
N MET A 51 -5.07 -10.32 7.99
CA MET A 51 -4.41 -11.00 6.87
C MET A 51 -4.96 -10.48 5.52
N VAL A 52 -4.04 -10.14 4.60
CA VAL A 52 -4.33 -9.55 3.30
C VAL A 52 -4.23 -10.63 2.22
N TYR A 53 -5.15 -10.57 1.25
CA TYR A 53 -5.38 -11.52 0.17
C TYR A 53 -5.64 -10.76 -1.14
N CYS A 54 -4.55 -10.18 -1.65
CA CYS A 54 -4.41 -9.53 -2.97
C CYS A 54 -4.16 -10.51 -4.13
N GLY A 55 -4.71 -11.73 -4.07
CA GLY A 55 -4.43 -12.88 -4.95
C GLY A 55 -4.39 -12.63 -6.45
N GLY A 56 -5.14 -11.64 -6.95
CA GLY A 56 -5.12 -11.20 -8.35
C GLY A 56 -5.09 -9.67 -8.54
N ASP A 57 -4.70 -8.89 -7.52
CA ASP A 57 -4.71 -7.41 -7.60
C ASP A 57 -3.37 -6.82 -8.05
N LEU A 58 -3.43 -5.74 -8.84
CA LEU A 58 -2.25 -4.99 -9.27
C LEU A 58 -1.39 -4.52 -8.08
N LEU A 59 -1.99 -4.15 -6.94
CA LEU A 59 -1.26 -3.79 -5.72
C LEU A 59 -0.38 -4.96 -5.24
N GLY A 60 -0.95 -6.15 -5.09
CA GLY A 60 -0.21 -7.37 -4.71
C GLY A 60 0.87 -7.78 -5.73
N GLU A 61 0.56 -7.70 -7.02
CA GLU A 61 1.50 -7.99 -8.12
C GLU A 61 2.72 -7.04 -8.10
N LEU A 62 2.45 -5.75 -7.97
CA LEU A 62 3.45 -4.68 -7.98
C LEU A 62 4.29 -4.63 -6.69
N LEU A 63 3.69 -4.95 -5.53
CA LEU A 63 4.45 -5.13 -4.27
C LEU A 63 5.28 -6.42 -4.30
N GLY A 64 4.81 -7.45 -5.01
CA GLY A 64 5.53 -8.71 -5.25
C GLY A 64 5.13 -9.83 -4.30
N ARG A 65 4.22 -9.57 -3.35
CA ARG A 65 3.56 -10.57 -2.49
C ARG A 65 2.05 -10.36 -2.56
N GLN A 66 1.31 -11.38 -2.96
CA GLN A 66 -0.16 -11.32 -3.07
C GLN A 66 -0.86 -11.63 -1.73
N SER A 67 -0.10 -11.98 -0.69
CA SER A 67 -0.59 -12.10 0.70
C SER A 67 0.50 -11.75 1.72
N PHE A 68 0.10 -11.06 2.78
CA PHE A 68 0.92 -10.62 3.92
C PHE A 68 -0.02 -10.29 5.10
N SER A 69 0.51 -9.98 6.29
CA SER A 69 -0.32 -9.64 7.45
C SER A 69 0.15 -8.39 8.19
N VAL A 70 -0.74 -7.83 9.01
CA VAL A 70 -0.47 -6.68 9.89
C VAL A 70 0.59 -7.02 10.95
N LYS A 71 0.69 -8.29 11.38
CA LYS A 71 1.76 -8.81 12.25
C LYS A 71 2.94 -9.47 11.51
N ASP A 72 2.86 -9.56 10.18
CA ASP A 72 3.92 -10.03 9.28
C ASP A 72 4.13 -9.10 8.05
N PRO A 73 4.46 -7.79 8.26
CA PRO A 73 4.61 -6.79 7.19
C PRO A 73 6.00 -6.81 6.50
N SER A 74 6.74 -7.91 6.60
CA SER A 74 8.12 -8.02 6.08
C SER A 74 8.26 -7.71 4.58
N PRO A 75 7.41 -8.24 3.66
CA PRO A 75 7.45 -7.85 2.25
C PRO A 75 6.90 -6.43 2.00
N LEU A 76 6.06 -5.89 2.90
CA LEU A 76 5.43 -4.58 2.77
C LEU A 76 6.43 -3.45 3.00
N TYR A 77 7.21 -3.50 4.08
CA TYR A 77 8.31 -2.55 4.29
C TYR A 77 9.38 -2.65 3.20
N ASP A 78 9.67 -3.86 2.72
CA ASP A 78 10.63 -4.08 1.63
C ASP A 78 10.14 -3.45 0.31
N MET A 79 8.84 -3.58 0.00
CA MET A 79 8.23 -2.92 -1.16
C MET A 79 8.32 -1.39 -1.03
N LEU A 80 7.98 -0.83 0.14
CA LEU A 80 7.99 0.62 0.35
C LEU A 80 9.39 1.17 0.12
N ARG A 81 10.40 0.59 0.80
CA ARG A 81 11.82 0.98 0.71
C ARG A 81 12.45 0.86 -0.69
N LYS A 82 11.85 0.10 -1.62
CA LYS A 82 12.28 0.03 -3.04
C LYS A 82 11.40 0.82 -4.01
N ASN A 83 10.25 1.33 -3.56
CA ASN A 83 9.34 2.14 -4.39
C ASN A 83 9.48 3.63 -4.06
N LEU A 84 9.18 3.96 -2.80
CA LEU A 84 9.27 5.31 -2.23
C LEU A 84 10.75 5.71 -2.02
N VAL A 85 11.03 7.01 -1.95
CA VAL A 85 12.36 7.57 -1.60
C VAL A 85 12.66 7.52 -0.09
N THR A 86 12.51 6.33 0.51
CA THR A 86 12.91 6.06 1.90
C THR A 86 12.19 6.95 2.92
N LEU A 87 10.86 6.91 2.86
CA LEU A 87 9.99 7.49 3.88
C LEU A 87 9.73 6.43 4.96
N ALA A 88 9.73 6.85 6.23
CA ALA A 88 9.66 5.95 7.38
C ALA A 88 9.03 6.63 8.61
N THR A 89 8.44 5.84 9.51
CA THR A 89 7.69 6.30 10.68
C THR A 89 7.65 5.28 11.82
N 48L B . -3.46 -1.38 10.41
CG1 48L B . -2.97 -0.77 7.15
CG2 48L B . -1.33 -0.26 9.51
CG3 48L B . -5.27 -2.98 10.20
CD1 48L B . -2.54 -2.10 7.12
CD2 48L B . -2.74 0.04 6.04
CD3 48L B . -0.62 -1.46 9.61
CD4 48L B . -0.64 0.90 9.18
CD5 48L B . -5.03 -3.52 11.47
CD6 48L B . -6.16 -3.65 9.35
CE1 48L B . -1.94 -2.62 5.98
CE2 48L B . -2.13 -0.47 4.90
CE3 48L B . 0.74 0.89 8.98
CE4 48L B . 0.76 -1.49 9.38
CE5 48L B . -5.73 -4.64 11.92
CE6 48L B . -6.87 -4.77 9.82
CZ1 48L B . -1.73 -1.81 4.87
CZ2 48L B . 1.45 -0.31 9.08
CZ3 48L B . -6.66 -5.26 11.09
CL 48L B . -0.99 -2.44 3.44
CM1 48L B . -7.47 -6.81 12.86
CM2 48L B . -5.55 -3.11 5.74
CM3 48L B . -5.94 -5.40 6.77
C1 48L B . -9.78 -1.00 9.10
N1 48L B . -9.61 -1.39 10.37
O1 48L B . -10.90 -1.00 8.64
C2 48L B . -8.33 -1.36 11.09
N2 48L B . -7.22 -0.62 8.97
C3 48L B . -7.31 -0.41 10.43
N3 48L B . -4.90 -0.89 8.74
O3 48L B . -7.38 -6.37 11.48
C4 48L B . -8.55 -0.59 8.29
C5 48L B . -6.08 -0.47 8.23
O5 48L B . -6.14 0.06 7.14
C6 48L B . -4.55 -1.72 9.84
O6 48L B . -6.31 -3.33 8.02
C7 48L B . -2.84 -0.22 9.69
C8 48L B . -3.68 -0.17 8.38
C9 48L B . -5.47 -3.96 7.02
BR 48L B . 1.70 -3.13 9.49
F 48L B . -1.29 2.08 9.05
HD1 48L B . -2.71 -2.74 7.98
HD2 48L B . -3.06 1.08 6.06
HD3 48L B . -1.13 -2.39 9.85
HD5 48L B . -4.33 -3.03 12.15
HE1 48L B . -1.62 -3.66 5.96
HE2 48L B . -1.94 0.17 4.04
HE3 48L B . 1.26 1.81 8.74
HE5 48L B . -5.53 -5.01 12.92
HE6 48L B . -7.56 -5.27 9.16
HZ2 48L B . 2.52 -0.33 8.91
HM11 48L B . -8.14 -7.68 12.91
HM12 48L B . -6.49 -7.08 13.22
HM13 48L B . -7.89 -6.00 13.47
HM21 48L B . -5.14 -2.12 5.91
HM22 48L B . -4.99 -3.57 4.93
HM23 48L B . -6.59 -2.99 5.41
HM31 48L B . -7.01 -5.45 6.62
HM32 48L B . -5.44 -5.81 5.88
HM33 48L B . -5.66 -6.03 7.62
HN1 48L B . -10.44 -1.67 10.87
H21 48L B . -8.51 -1.04 12.12
H22 48L B . -7.91 -2.37 11.12
H31 48L B . -7.65 0.62 10.59
H32 48L B . -6.35 -0.50 10.94
H41 48L B . -8.52 -1.25 7.42
H42 48L B . -8.73 0.43 7.94
H7 48L B . -3.10 0.67 10.28
H8 48L B . -3.92 0.88 8.18
H9 48L B . -4.44 -3.96 7.38
#